data_4BA8
#
_entry.id   4BA8
#
_cell.length_a   1.000
_cell.length_b   1.000
_cell.length_c   1.000
_cell.angle_alpha   90.00
_cell.angle_beta   90.00
_cell.angle_gamma   90.00
#
_symmetry.space_group_name_H-M   'P 1'
#
_entity_poly.entity_id   1
_entity_poly.type   'polypeptide(L)'
_entity_poly.pdbx_seq_one_letter_code
;MGDILTFTIPPSFADIFLSKSANLTCLVSNLATYETLNISWASQSGEPLETKIKVMESHPNGTFSAKGVASVSVEDWNNR
KEFVCTVTHRDLPSPQKKFISK
;
_entity_poly.pdbx_strand_id   A
#
# COMPACT_ATOMS: atom_id res chain seq x y z
N MET A 1 7.50 -16.92 -7.27
CA MET A 1 6.74 -17.72 -6.29
C MET A 1 7.62 -18.03 -5.09
N GLY A 2 7.00 -18.20 -3.92
CA GLY A 2 7.74 -18.56 -2.73
C GLY A 2 8.54 -17.40 -2.16
N ASP A 3 8.19 -16.19 -2.58
CA ASP A 3 8.88 -14.99 -2.13
C ASP A 3 7.95 -13.81 -2.24
N ILE A 4 7.70 -13.16 -1.13
CA ILE A 4 6.71 -12.09 -1.06
C ILE A 4 7.22 -10.80 -1.68
N LEU A 5 6.48 -10.33 -2.68
CA LEU A 5 6.82 -9.11 -3.37
C LEU A 5 5.93 -7.97 -2.94
N THR A 6 6.57 -6.86 -2.63
CA THR A 6 5.86 -5.65 -2.27
C THR A 6 6.28 -4.49 -3.16
N PHE A 7 5.29 -3.83 -3.75
CA PHE A 7 5.53 -2.68 -4.60
C PHE A 7 4.50 -1.61 -4.31
N THR A 8 4.89 -0.35 -4.45
CA THR A 8 3.99 0.74 -4.18
C THR A 8 3.63 1.48 -5.46
N ILE A 9 2.37 1.90 -5.56
CA ILE A 9 1.91 2.59 -6.75
C ILE A 9 1.48 4.01 -6.39
N PRO A 10 2.09 4.99 -7.03
CA PRO A 10 1.73 6.39 -6.85
C PRO A 10 0.48 6.77 -7.64
N PRO A 11 -0.36 7.64 -7.08
CA PRO A 11 -1.53 8.15 -7.78
C PRO A 11 -1.11 9.11 -8.88
N SER A 12 -1.80 9.03 -10.00
CA SER A 12 -1.43 9.81 -11.17
C SER A 12 -1.93 11.24 -11.04
N PHE A 13 -1.30 12.17 -11.73
CA PHE A 13 -1.70 13.57 -11.67
C PHE A 13 -3.19 13.71 -12.00
N ALA A 14 -3.63 12.97 -13.03
CA ALA A 14 -5.03 12.96 -13.42
C ALA A 14 -5.91 12.44 -12.29
N ASP A 15 -5.49 11.33 -11.67
CA ASP A 15 -6.29 10.69 -10.63
C ASP A 15 -6.47 11.63 -9.44
N ILE A 16 -5.38 12.28 -9.04
CA ILE A 16 -5.42 13.21 -7.92
C ILE A 16 -6.29 14.42 -8.26
N PHE A 17 -6.34 14.75 -9.53
CA PHE A 17 -7.13 15.89 -9.98
C PHE A 17 -8.62 15.59 -9.86
N LEU A 18 -8.99 14.36 -10.22
CA LEU A 18 -10.39 13.95 -10.23
C LEU A 18 -10.98 13.92 -8.82
N SER A 19 -10.26 13.30 -7.91
CA SER A 19 -10.74 13.11 -6.56
C SER A 19 -10.37 14.28 -5.65
N LYS A 20 -9.31 14.99 -6.06
CA LYS A 20 -8.74 16.10 -5.28
C LYS A 20 -8.18 15.60 -3.95
N SER A 21 -7.94 14.29 -3.91
CA SER A 21 -7.30 13.67 -2.77
C SER A 21 -6.29 12.66 -3.28
N ALA A 22 -5.10 12.67 -2.70
CA ALA A 22 -4.07 11.73 -3.09
C ALA A 22 -4.24 10.43 -2.32
N ASN A 23 -4.02 9.33 -2.98
CA ASN A 23 -4.23 8.03 -2.37
C ASN A 23 -2.99 7.18 -2.52
N LEU A 24 -2.64 6.49 -1.45
CA LEU A 24 -1.50 5.61 -1.47
C LEU A 24 -1.94 4.20 -1.77
N THR A 25 -1.32 3.59 -2.76
CA THR A 25 -1.66 2.25 -3.18
C THR A 25 -0.46 1.32 -3.06
N CYS A 26 -0.68 0.17 -2.45
CA CYS A 26 0.36 -0.82 -2.30
C CYS A 26 -0.08 -2.13 -2.93
N LEU A 27 0.83 -2.77 -3.63
CA LEU A 27 0.55 -4.04 -4.28
C LEU A 27 1.46 -5.12 -3.69
N VAL A 28 0.86 -6.17 -3.15
CA VAL A 28 1.61 -7.27 -2.57
C VAL A 28 1.26 -8.58 -3.27
N SER A 29 2.25 -9.21 -3.87
CA SER A 29 2.02 -10.39 -4.68
C SER A 29 3.08 -11.45 -4.41
N ASN A 30 2.94 -12.60 -5.09
CA ASN A 30 3.89 -13.70 -4.98
C ASN A 30 3.97 -14.24 -3.55
N LEU A 31 2.87 -14.15 -2.84
CA LEU A 31 2.81 -14.65 -1.47
C LEU A 31 3.05 -16.16 -1.46
N ALA A 32 4.01 -16.60 -0.66
CA ALA A 32 4.34 -18.02 -0.56
C ALA A 32 3.18 -18.78 0.04
N THR A 33 2.39 -18.08 0.83
CA THR A 33 1.22 -18.66 1.47
C THR A 33 0.00 -17.79 1.19
N TYR A 34 -0.76 -18.15 0.16
CA TYR A 34 -1.96 -17.38 -0.20
C TYR A 34 -3.12 -17.69 0.74
N GLU A 35 -2.95 -17.35 2.01
CA GLU A 35 -3.99 -17.53 3.00
C GLU A 35 -4.71 -16.21 3.25
N THR A 36 -4.11 -15.37 4.07
CA THR A 36 -4.65 -14.05 4.38
C THR A 36 -3.55 -13.00 4.27
N LEU A 37 -3.93 -11.73 4.14
CA LEU A 37 -2.95 -10.67 4.01
C LEU A 37 -3.52 -9.34 4.45
N ASN A 38 -2.65 -8.51 5.00
CA ASN A 38 -3.04 -7.19 5.48
C ASN A 38 -2.13 -6.15 4.87
N ILE A 39 -2.63 -4.93 4.73
CA ILE A 39 -1.85 -3.83 4.21
C ILE A 39 -1.80 -2.72 5.25
N SER A 40 -0.64 -2.12 5.45
CA SER A 40 -0.50 -1.05 6.43
C SER A 40 0.19 0.16 5.83
N TRP A 41 -0.42 1.33 6.02
CA TRP A 41 0.18 2.58 5.58
C TRP A 41 0.45 3.48 6.78
N ALA A 42 1.57 4.20 6.73
CA ALA A 42 1.96 5.09 7.79
C ALA A 42 2.80 6.22 7.21
N SER A 43 2.83 7.33 7.91
CA SER A 43 3.67 8.44 7.54
C SER A 43 5.12 8.11 7.89
N GLN A 44 6.07 8.78 7.26
CA GLN A 44 7.50 8.50 7.50
C GLN A 44 7.84 8.59 8.99
N SER A 45 7.11 9.44 9.70
CA SER A 45 7.35 9.65 11.12
C SER A 45 6.84 8.47 11.97
N GLY A 46 6.25 7.47 11.31
CA GLY A 46 5.76 6.30 12.02
C GLY A 46 4.34 6.49 12.50
N GLU A 47 3.63 7.41 11.87
CA GLU A 47 2.26 7.73 12.25
C GLU A 47 1.29 7.03 11.30
N PRO A 48 0.40 6.18 11.83
CA PRO A 48 -0.55 5.40 11.01
C PRO A 48 -1.44 6.29 10.15
N LEU A 49 -1.64 5.87 8.90
CA LEU A 49 -2.44 6.64 7.97
C LEU A 49 -3.81 6.01 7.78
N GLU A 50 -4.80 6.86 7.56
CA GLU A 50 -6.16 6.39 7.29
C GLU A 50 -6.17 5.55 6.04
N THR A 51 -6.30 4.25 6.23
CA THR A 51 -6.26 3.29 5.15
C THR A 51 -7.57 2.50 5.11
N LYS A 52 -8.11 2.30 3.93
CA LYS A 52 -9.33 1.53 3.79
C LYS A 52 -9.09 0.31 2.91
N ILE A 53 -9.37 -0.84 3.48
CA ILE A 53 -9.11 -2.11 2.81
C ILE A 53 -10.33 -3.01 2.95
N LYS A 54 -10.80 -3.55 1.83
CA LYS A 54 -11.91 -4.47 1.87
C LYS A 54 -11.41 -5.91 1.84
N VAL A 55 -11.79 -6.66 2.87
CA VAL A 55 -11.41 -8.06 3.04
C VAL A 55 -10.00 -8.18 3.62
N MET A 56 -9.90 -8.88 4.74
CA MET A 56 -8.61 -9.10 5.42
C MET A 56 -7.83 -10.22 4.77
N GLU A 57 -8.31 -10.65 3.61
CA GLU A 57 -7.72 -11.74 2.87
C GLU A 57 -7.34 -11.22 1.48
N SER A 58 -6.36 -11.86 0.86
CA SER A 58 -5.86 -11.41 -0.42
C SER A 58 -6.84 -11.80 -1.51
N HIS A 59 -6.96 -10.97 -2.53
CA HIS A 59 -8.01 -11.14 -3.53
C HIS A 59 -7.48 -11.99 -4.68
N PRO A 60 -8.20 -13.06 -5.02
CA PRO A 60 -7.84 -13.95 -6.11
C PRO A 60 -8.70 -13.73 -7.37
N ASN A 61 -9.28 -12.55 -7.48
CA ASN A 61 -10.14 -12.22 -8.62
C ASN A 61 -9.48 -11.15 -9.48
N GLY A 62 -9.15 -11.51 -10.72
CA GLY A 62 -8.44 -10.60 -11.60
C GLY A 62 -6.95 -10.55 -11.28
N THR A 63 -6.66 -10.28 -10.03
CA THR A 63 -5.30 -10.28 -9.53
C THR A 63 -5.23 -11.27 -8.36
N PHE A 64 -4.03 -11.60 -7.91
CA PHE A 64 -3.86 -12.51 -6.78
C PHE A 64 -3.22 -11.78 -5.61
N SER A 65 -3.39 -10.48 -5.58
CA SER A 65 -2.71 -9.62 -4.64
C SER A 65 -3.70 -8.86 -3.75
N ALA A 66 -3.16 -8.20 -2.73
CA ALA A 66 -3.95 -7.30 -1.90
C ALA A 66 -3.49 -5.87 -2.15
N LYS A 67 -4.41 -4.93 -1.96
CA LYS A 67 -4.06 -3.52 -2.07
C LYS A 67 -4.60 -2.76 -0.88
N GLY A 68 -3.81 -1.84 -0.40
CA GLY A 68 -4.25 -0.96 0.66
C GLY A 68 -4.28 0.47 0.18
N VAL A 69 -5.42 1.12 0.34
CA VAL A 69 -5.56 2.50 -0.13
C VAL A 69 -5.64 3.45 1.05
N ALA A 70 -4.70 4.38 1.11
CA ALA A 70 -4.67 5.37 2.17
C ALA A 70 -4.93 6.75 1.60
N SER A 71 -5.70 7.55 2.32
CA SER A 71 -6.09 8.86 1.83
C SER A 71 -5.21 9.94 2.45
N VAL A 72 -4.43 10.60 1.61
CA VAL A 72 -3.50 11.62 2.06
C VAL A 72 -3.83 12.96 1.42
N SER A 73 -3.24 14.01 1.95
CA SER A 73 -3.50 15.34 1.44
C SER A 73 -2.66 15.59 0.20
N VAL A 74 -3.28 16.19 -0.81
CA VAL A 74 -2.59 16.55 -2.05
C VAL A 74 -1.39 17.44 -1.74
N GLU A 75 -1.52 18.19 -0.64
CA GLU A 75 -0.46 19.05 -0.15
C GLU A 75 0.80 18.25 0.11
N ASP A 76 0.65 17.07 0.70
CA ASP A 76 1.77 16.21 1.04
C ASP A 76 2.50 15.79 -0.22
N TRP A 77 1.73 15.35 -1.20
CA TRP A 77 2.27 14.95 -2.49
C TRP A 77 2.90 16.16 -3.19
N ASN A 78 2.26 17.31 -3.05
CA ASN A 78 2.73 18.54 -3.65
C ASN A 78 4.00 19.05 -2.98
N ASN A 79 4.17 18.73 -1.70
CA ASN A 79 5.32 19.19 -0.94
C ASN A 79 6.44 18.15 -0.95
N ARG A 80 6.30 17.15 -1.82
CA ARG A 80 7.33 16.13 -2.02
C ARG A 80 7.51 15.29 -0.76
N LYS A 81 6.42 15.01 -0.06
CA LYS A 81 6.47 14.19 1.13
C LYS A 81 6.63 12.72 0.75
N GLU A 82 7.01 11.92 1.72
CA GLU A 82 7.22 10.50 1.50
C GLU A 82 6.49 9.70 2.57
N PHE A 83 5.87 8.62 2.16
CA PHE A 83 5.11 7.79 3.09
C PHE A 83 5.65 6.37 3.10
N VAL A 84 5.32 5.62 4.12
CA VAL A 84 5.85 4.28 4.30
C VAL A 84 4.73 3.26 4.39
N CYS A 85 4.80 2.24 3.56
CA CYS A 85 3.87 1.13 3.65
C CYS A 85 4.59 -0.07 4.22
N THR A 86 3.95 -0.77 5.12
CA THR A 86 4.53 -1.97 5.69
C THR A 86 3.59 -3.14 5.50
N VAL A 87 4.10 -4.23 4.97
CA VAL A 87 3.27 -5.39 4.72
C VAL A 87 3.48 -6.45 5.79
N THR A 88 2.38 -6.88 6.40
CA THR A 88 2.43 -7.86 7.46
C THR A 88 1.69 -9.13 7.05
N HIS A 89 2.44 -10.08 6.52
CA HIS A 89 1.88 -11.33 6.04
C HIS A 89 2.06 -12.45 7.07
N ARG A 90 2.82 -12.15 8.14
CA ARG A 90 3.24 -13.11 9.20
C ARG A 90 4.15 -14.21 8.68
N ASP A 91 4.25 -14.32 7.37
CA ASP A 91 5.00 -15.41 6.76
C ASP A 91 6.50 -15.13 6.88
N LEU A 92 6.85 -13.86 6.80
CA LEU A 92 8.24 -13.44 6.92
C LEU A 92 8.53 -12.96 8.34
N PRO A 93 9.80 -13.06 8.74
CA PRO A 93 10.23 -12.66 10.09
C PRO A 93 10.34 -11.15 10.26
N SER A 94 10.52 -10.46 9.14
CA SER A 94 10.64 -9.02 9.15
C SER A 94 9.74 -8.41 8.10
N PRO A 95 8.72 -7.63 8.52
CA PRO A 95 7.79 -6.95 7.61
C PRO A 95 8.52 -6.05 6.62
N GLN A 96 8.04 -6.04 5.39
CA GLN A 96 8.67 -5.23 4.36
C GLN A 96 8.06 -3.83 4.33
N LYS A 97 8.92 -2.82 4.41
CA LYS A 97 8.48 -1.44 4.34
C LYS A 97 8.89 -0.81 3.01
N LYS A 98 8.01 0.00 2.47
CA LYS A 98 8.23 0.65 1.19
C LYS A 98 8.01 2.15 1.30
N PHE A 99 8.88 2.91 0.64
CA PHE A 99 8.79 4.35 0.63
C PHE A 99 8.18 4.82 -0.69
N ILE A 100 7.27 5.78 -0.62
CA ILE A 100 6.61 6.26 -1.81
C ILE A 100 6.62 7.79 -1.87
N SER A 101 6.88 8.33 -3.06
CA SER A 101 6.96 9.76 -3.27
C SER A 101 6.63 10.09 -4.71
N LYS A 102 6.08 11.27 -4.93
CA LYS A 102 5.70 11.71 -6.26
C LYS A 102 6.92 12.21 -7.02
N MET A 1 10.19 -20.46 -5.94
CA MET A 1 10.47 -19.33 -5.03
C MET A 1 9.23 -19.02 -4.19
N GLY A 2 9.45 -18.35 -3.07
CA GLY A 2 8.36 -17.99 -2.19
C GLY A 2 8.67 -16.72 -1.42
N ASP A 3 8.89 -15.64 -2.15
CA ASP A 3 9.23 -14.36 -1.54
C ASP A 3 8.11 -13.37 -1.78
N ILE A 4 7.52 -12.85 -0.70
CA ILE A 4 6.47 -11.86 -0.82
C ILE A 4 6.99 -10.63 -1.53
N LEU A 5 6.29 -10.21 -2.58
CA LEU A 5 6.72 -9.05 -3.34
C LEU A 5 5.85 -7.85 -3.03
N THR A 6 6.51 -6.73 -2.75
CA THR A 6 5.82 -5.50 -2.39
C THR A 6 6.01 -4.45 -3.48
N PHE A 7 4.89 -3.99 -4.04
CA PHE A 7 4.93 -2.98 -5.08
C PHE A 7 4.14 -1.76 -4.63
N THR A 8 4.70 -0.58 -4.84
CA THR A 8 4.01 0.64 -4.50
C THR A 8 3.66 1.43 -5.75
N ILE A 9 2.42 1.89 -5.84
CA ILE A 9 1.95 2.60 -7.00
C ILE A 9 1.55 4.02 -6.63
N PRO A 10 2.13 5.02 -7.31
CA PRO A 10 1.78 6.43 -7.11
C PRO A 10 0.36 6.71 -7.58
N PRO A 11 -0.36 7.55 -6.82
CA PRO A 11 -1.75 7.92 -7.13
C PRO A 11 -1.91 8.58 -8.49
N SER A 12 -3.13 8.59 -8.96
CA SER A 12 -3.48 9.16 -10.24
C SER A 12 -3.54 10.68 -10.10
N PHE A 13 -2.62 11.36 -10.78
CA PHE A 13 -2.42 12.79 -10.62
C PHE A 13 -3.70 13.57 -10.91
N ALA A 14 -4.49 13.09 -11.87
CA ALA A 14 -5.74 13.72 -12.22
C ALA A 14 -6.78 13.56 -11.11
N ASP A 15 -6.87 12.35 -10.58
CA ASP A 15 -7.85 12.03 -9.55
C ASP A 15 -7.56 12.77 -8.26
N ILE A 16 -6.28 12.99 -7.99
CA ILE A 16 -5.85 13.74 -6.80
C ILE A 16 -6.44 15.14 -6.80
N PHE A 17 -6.49 15.76 -7.98
CA PHE A 17 -6.96 17.13 -8.10
C PHE A 17 -8.47 17.18 -7.93
N LEU A 18 -9.15 16.19 -8.48
CA LEU A 18 -10.61 16.11 -8.40
C LEU A 18 -11.08 15.82 -6.99
N SER A 19 -10.48 14.81 -6.37
CA SER A 19 -10.85 14.39 -5.02
C SER A 19 -10.25 15.33 -3.98
N LYS A 20 -9.32 16.18 -4.42
CA LYS A 20 -8.60 17.11 -3.54
C LYS A 20 -7.71 16.36 -2.56
N SER A 21 -7.61 15.06 -2.76
CA SER A 21 -6.83 14.21 -1.90
C SER A 21 -6.06 13.19 -2.71
N ALA A 22 -4.80 13.02 -2.38
CA ALA A 22 -4.01 11.95 -2.96
C ALA A 22 -4.30 10.64 -2.25
N ASN A 23 -3.89 9.53 -2.83
CA ASN A 23 -4.14 8.23 -2.26
C ASN A 23 -2.92 7.36 -2.43
N LEU A 24 -2.72 6.41 -1.54
CA LEU A 24 -1.53 5.58 -1.61
C LEU A 24 -1.92 4.15 -1.92
N THR A 25 -1.42 3.63 -3.03
CA THR A 25 -1.81 2.32 -3.49
C THR A 25 -0.72 1.30 -3.25
N CYS A 26 -1.09 0.25 -2.53
CA CYS A 26 -0.18 -0.83 -2.21
C CYS A 26 -0.56 -2.08 -2.97
N LEU A 27 0.43 -2.77 -3.51
CA LEU A 27 0.21 -4.02 -4.21
C LEU A 27 1.13 -5.09 -3.63
N VAL A 28 0.57 -6.18 -3.14
CA VAL A 28 1.35 -7.25 -2.53
C VAL A 28 1.01 -8.60 -3.14
N SER A 29 2.01 -9.25 -3.73
CA SER A 29 1.79 -10.50 -4.44
C SER A 29 2.90 -11.50 -4.10
N ASN A 30 2.80 -12.70 -4.67
CA ASN A 30 3.80 -13.76 -4.47
C ASN A 30 3.95 -14.14 -3.00
N LEU A 31 2.84 -14.24 -2.30
CA LEU A 31 2.86 -14.68 -0.91
C LEU A 31 3.16 -16.18 -0.88
N ALA A 32 4.20 -16.56 -0.15
CA ALA A 32 4.62 -17.95 -0.05
C ALA A 32 3.51 -18.79 0.58
N THR A 33 2.92 -18.26 1.63
CA THR A 33 1.71 -18.83 2.17
C THR A 33 0.53 -17.90 1.90
N TYR A 34 -0.37 -18.31 1.02
CA TYR A 34 -1.48 -17.46 0.61
C TYR A 34 -2.65 -17.60 1.58
N GLU A 35 -2.90 -16.53 2.33
CA GLU A 35 -3.95 -16.50 3.33
C GLU A 35 -4.62 -15.13 3.30
N THR A 36 -5.15 -14.69 4.43
CA THR A 36 -5.61 -13.33 4.58
C THR A 36 -4.40 -12.41 4.69
N LEU A 37 -4.49 -11.21 4.14
CA LEU A 37 -3.37 -10.29 4.16
C LEU A 37 -3.81 -8.91 4.67
N ASN A 38 -2.87 -8.23 5.29
CA ASN A 38 -3.12 -6.90 5.81
C ASN A 38 -2.33 -5.87 5.01
N ILE A 39 -2.89 -4.69 4.86
CA ILE A 39 -2.22 -3.60 4.17
C ILE A 39 -2.06 -2.44 5.16
N SER A 40 -0.91 -1.80 5.19
CA SER A 40 -0.70 -0.73 6.16
C SER A 40 0.13 0.41 5.56
N TRP A 41 -0.27 1.64 5.86
CA TRP A 41 0.46 2.82 5.42
C TRP A 41 0.79 3.72 6.61
N ALA A 42 1.96 4.32 6.55
CA ALA A 42 2.43 5.23 7.57
C ALA A 42 3.32 6.26 6.92
N SER A 43 3.51 7.38 7.56
CA SER A 43 4.41 8.39 7.05
C SER A 43 5.83 8.11 7.53
N GLN A 44 6.83 8.65 6.84
CA GLN A 44 8.22 8.32 7.13
C GLN A 44 8.57 8.54 8.60
N SER A 45 8.01 9.58 9.21
CA SER A 45 8.32 9.93 10.59
C SER A 45 7.44 9.15 11.56
N GLY A 46 6.67 8.21 11.03
CA GLY A 46 5.90 7.31 11.88
C GLY A 46 4.49 7.81 12.16
N GLU A 47 3.96 8.64 11.27
CA GLU A 47 2.59 9.11 11.42
C GLU A 47 1.64 8.11 10.81
N PRO A 48 0.69 7.58 11.60
CA PRO A 48 -0.31 6.64 11.12
C PRO A 48 -1.18 7.24 10.03
N LEU A 49 -1.43 6.47 8.98
CA LEU A 49 -2.19 6.95 7.85
C LEU A 49 -3.51 6.23 7.71
N GLU A 50 -4.54 6.99 7.38
CA GLU A 50 -5.86 6.44 7.15
C GLU A 50 -5.84 5.57 5.91
N THR A 51 -5.90 4.27 6.10
CA THR A 51 -5.83 3.31 5.01
C THR A 51 -7.15 2.54 4.91
N LYS A 52 -7.88 2.74 3.82
CA LYS A 52 -9.17 2.05 3.69
C LYS A 52 -9.02 0.84 2.79
N ILE A 53 -9.31 -0.32 3.36
CA ILE A 53 -9.02 -1.59 2.72
C ILE A 53 -10.20 -2.53 2.85
N LYS A 54 -10.52 -3.25 1.78
CA LYS A 54 -11.38 -4.40 1.92
C LYS A 54 -10.77 -5.60 1.20
N VAL A 55 -10.26 -6.52 2.00
CA VAL A 55 -9.63 -7.74 1.50
C VAL A 55 -9.89 -8.89 2.45
N MET A 56 -10.92 -9.66 2.15
CA MET A 56 -11.27 -10.81 2.97
C MET A 56 -10.27 -11.94 2.75
N GLU A 57 -9.60 -11.89 1.61
CA GLU A 57 -8.60 -12.90 1.25
C GLU A 57 -7.62 -12.31 0.25
N SER A 58 -6.42 -12.87 0.21
CA SER A 58 -5.47 -12.54 -0.83
C SER A 58 -5.89 -13.30 -2.08
N HIS A 59 -5.88 -12.62 -3.22
CA HIS A 59 -6.50 -13.21 -4.40
C HIS A 59 -5.49 -13.92 -5.27
N PRO A 60 -5.75 -15.20 -5.60
CA PRO A 60 -5.11 -15.89 -6.69
C PRO A 60 -6.05 -16.03 -7.90
N ASN A 61 -7.25 -15.49 -7.75
CA ASN A 61 -8.29 -15.57 -8.76
C ASN A 61 -8.84 -14.18 -9.05
N GLY A 62 -8.92 -13.83 -10.33
CA GLY A 62 -9.36 -12.50 -10.71
C GLY A 62 -8.29 -11.45 -10.49
N THR A 63 -7.76 -11.43 -9.28
CA THR A 63 -6.63 -10.61 -8.93
C THR A 63 -5.53 -11.51 -8.38
N PHE A 64 -4.30 -11.03 -8.31
CA PHE A 64 -3.19 -11.86 -7.83
C PHE A 64 -2.54 -11.24 -6.61
N SER A 65 -3.30 -10.43 -5.88
CA SER A 65 -2.71 -9.62 -4.81
C SER A 65 -3.77 -9.11 -3.83
N ALA A 66 -3.26 -8.47 -2.77
CA ALA A 66 -4.10 -7.69 -1.86
C ALA A 66 -3.82 -6.22 -2.11
N LYS A 67 -4.84 -5.39 -1.98
CA LYS A 67 -4.70 -3.99 -2.28
C LYS A 67 -5.27 -3.15 -1.15
N GLY A 68 -4.56 -2.09 -0.81
CA GLY A 68 -5.02 -1.18 0.21
C GLY A 68 -4.59 0.24 -0.10
N VAL A 69 -5.48 1.20 0.08
CA VAL A 69 -5.16 2.57 -0.21
C VAL A 69 -5.22 3.42 1.04
N ALA A 70 -4.40 4.45 1.07
CA ALA A 70 -4.41 5.40 2.15
C ALA A 70 -4.85 6.76 1.63
N SER A 71 -5.47 7.54 2.49
CA SER A 71 -5.94 8.85 2.11
C SER A 71 -4.96 9.90 2.55
N VAL A 72 -4.37 10.53 1.56
CA VAL A 72 -3.32 11.47 1.73
C VAL A 72 -3.75 12.83 1.20
N SER A 73 -3.17 13.88 1.73
CA SER A 73 -3.49 15.22 1.26
C SER A 73 -2.65 15.53 0.04
N VAL A 74 -3.24 16.21 -0.94
CA VAL A 74 -2.52 16.63 -2.14
C VAL A 74 -1.27 17.41 -1.73
N GLU A 75 -1.39 18.12 -0.62
CA GLU A 75 -0.29 18.90 -0.05
C GLU A 75 0.94 18.02 0.20
N ASP A 76 0.72 16.77 0.62
CA ASP A 76 1.81 15.86 0.90
C ASP A 76 2.53 15.50 -0.39
N TRP A 77 1.75 15.06 -1.37
CA TRP A 77 2.30 14.62 -2.65
C TRP A 77 2.90 15.81 -3.39
N ASN A 78 2.27 16.95 -3.22
CA ASN A 78 2.66 18.18 -3.90
C ASN A 78 3.96 18.73 -3.33
N ASN A 79 4.28 18.33 -2.10
CA ASN A 79 5.54 18.73 -1.46
C ASN A 79 6.56 17.59 -1.52
N ARG A 80 6.23 16.54 -2.27
CA ARG A 80 7.11 15.39 -2.49
C ARG A 80 7.35 14.63 -1.19
N LYS A 81 6.31 14.52 -0.37
CA LYS A 81 6.37 13.74 0.87
C LYS A 81 6.77 12.31 0.60
N GLU A 82 7.42 11.69 1.57
CA GLU A 82 7.72 10.28 1.51
C GLU A 82 6.85 9.54 2.51
N PHE A 83 6.34 8.39 2.08
CA PHE A 83 5.50 7.57 2.94
C PHE A 83 6.02 6.15 2.97
N VAL A 84 5.69 5.44 4.03
CA VAL A 84 6.17 4.09 4.25
C VAL A 84 5.00 3.12 4.30
N CYS A 85 5.09 2.09 3.50
CA CYS A 85 4.10 1.03 3.54
C CYS A 85 4.71 -0.19 4.20
N THR A 86 4.01 -0.76 5.16
CA THR A 86 4.50 -1.92 5.86
C THR A 86 3.50 -3.06 5.79
N VAL A 87 3.91 -4.19 5.26
CA VAL A 87 3.00 -5.31 5.10
C VAL A 87 3.33 -6.43 6.08
N THR A 88 2.32 -6.86 6.82
CA THR A 88 2.49 -7.94 7.79
C THR A 88 1.53 -9.08 7.48
N HIS A 89 2.08 -10.19 7.00
CA HIS A 89 1.23 -11.31 6.60
C HIS A 89 1.14 -12.37 7.69
N ARG A 90 2.31 -12.80 8.18
CA ARG A 90 2.51 -14.04 8.96
C ARG A 90 3.65 -14.81 8.32
N ASP A 91 3.89 -14.49 7.05
CA ASP A 91 4.78 -15.25 6.19
C ASP A 91 6.25 -15.04 6.56
N LEU A 92 6.57 -13.81 6.94
CA LEU A 92 7.95 -13.45 7.26
C LEU A 92 8.05 -12.80 8.63
N PRO A 93 9.22 -12.95 9.27
CA PRO A 93 9.47 -12.45 10.64
C PRO A 93 9.65 -10.95 10.70
N SER A 94 10.04 -10.36 9.58
CA SER A 94 10.31 -8.94 9.51
C SER A 94 9.49 -8.30 8.39
N PRO A 95 8.48 -7.50 8.74
CA PRO A 95 7.59 -6.84 7.77
C PRO A 95 8.36 -5.99 6.77
N GLN A 96 7.91 -6.00 5.52
CA GLN A 96 8.56 -5.23 4.47
C GLN A 96 8.14 -3.78 4.51
N LYS A 97 9.12 -2.90 4.46
CA LYS A 97 8.89 -1.47 4.47
C LYS A 97 9.20 -0.87 3.11
N LYS A 98 8.24 -0.13 2.57
CA LYS A 98 8.39 0.48 1.25
C LYS A 98 8.23 1.99 1.34
N PHE A 99 9.12 2.71 0.69
CA PHE A 99 9.04 4.16 0.62
C PHE A 99 8.47 4.58 -0.73
N ILE A 100 7.51 5.47 -0.72
CA ILE A 100 6.88 5.91 -1.96
C ILE A 100 6.90 7.43 -2.10
N SER A 101 7.18 7.88 -3.32
CA SER A 101 7.13 9.28 -3.67
C SER A 101 6.96 9.41 -5.18
N LYS A 102 6.30 10.46 -5.63
CA LYS A 102 6.12 10.66 -7.07
C LYS A 102 7.04 11.76 -7.56
N MET A 1 5.62 -21.84 -1.52
CA MET A 1 6.59 -20.76 -1.19
C MET A 1 6.87 -19.89 -2.41
N GLY A 2 7.75 -18.93 -2.22
CA GLY A 2 8.08 -17.98 -3.26
C GLY A 2 8.52 -16.66 -2.67
N ASP A 3 9.03 -15.76 -3.50
CA ASP A 3 9.49 -14.46 -3.01
C ASP A 3 8.38 -13.43 -3.15
N ILE A 4 7.85 -13.02 -2.02
CA ILE A 4 6.79 -12.02 -1.97
C ILE A 4 7.30 -10.70 -2.52
N LEU A 5 6.60 -10.18 -3.52
CA LEU A 5 7.03 -8.97 -4.18
C LEU A 5 6.20 -7.79 -3.70
N THR A 6 6.89 -6.73 -3.33
CA THR A 6 6.24 -5.56 -2.76
C THR A 6 6.41 -4.37 -3.69
N PHE A 7 5.29 -3.84 -4.18
CA PHE A 7 5.33 -2.74 -5.13
C PHE A 7 4.51 -1.57 -4.62
N THR A 8 5.01 -0.38 -4.88
CA THR A 8 4.29 0.84 -4.53
C THR A 8 4.00 1.64 -5.79
N ILE A 9 2.76 2.07 -5.91
CA ILE A 9 2.31 2.78 -7.09
C ILE A 9 1.86 4.19 -6.72
N PRO A 10 2.45 5.21 -7.38
CA PRO A 10 2.05 6.60 -7.19
C PRO A 10 0.62 6.85 -7.64
N PRO A 11 -0.10 7.72 -6.94
CA PRO A 11 -1.47 8.08 -7.29
C PRO A 11 -1.53 8.84 -8.62
N SER A 12 -2.65 8.72 -9.29
CA SER A 12 -2.84 9.36 -10.56
C SER A 12 -3.16 10.84 -10.35
N PHE A 13 -2.36 11.69 -10.97
CA PHE A 13 -2.54 13.13 -10.85
C PHE A 13 -3.90 13.54 -11.41
N ALA A 14 -4.39 12.76 -12.39
CA ALA A 14 -5.71 12.95 -12.93
C ALA A 14 -6.77 12.57 -11.90
N ASP A 15 -6.52 11.49 -11.18
CA ASP A 15 -7.44 11.03 -10.14
C ASP A 15 -7.48 12.03 -8.99
N ILE A 16 -6.31 12.48 -8.56
CA ILE A 16 -6.19 13.47 -7.49
C ILE A 16 -6.97 14.74 -7.85
N PHE A 17 -7.01 15.05 -9.14
CA PHE A 17 -7.72 16.21 -9.64
C PHE A 17 -9.23 16.04 -9.43
N LEU A 18 -9.72 14.86 -9.74
CA LEU A 18 -11.15 14.55 -9.60
C LEU A 18 -11.52 14.30 -8.15
N SER A 19 -10.76 13.45 -7.49
CA SER A 19 -11.06 13.03 -6.13
C SER A 19 -10.77 14.13 -5.10
N LYS A 20 -9.93 15.10 -5.51
CA LYS A 20 -9.53 16.23 -4.66
C LYS A 20 -8.66 15.76 -3.50
N SER A 21 -8.30 14.49 -3.54
CA SER A 21 -7.44 13.89 -2.55
C SER A 21 -6.45 12.96 -3.23
N ALA A 22 -5.30 12.75 -2.63
CA ALA A 22 -4.32 11.83 -3.18
C ALA A 22 -4.51 10.45 -2.56
N ASN A 23 -4.33 9.41 -3.36
CA ASN A 23 -4.60 8.05 -2.93
C ASN A 23 -3.44 7.14 -3.25
N LEU A 24 -2.78 6.68 -2.22
CA LEU A 24 -1.61 5.82 -2.37
C LEU A 24 -2.03 4.41 -2.70
N THR A 25 -1.28 3.74 -3.55
CA THR A 25 -1.59 2.37 -3.93
C THR A 25 -0.41 1.46 -3.68
N CYS A 26 -0.63 0.43 -2.90
CA CYS A 26 0.39 -0.56 -2.62
C CYS A 26 -0.05 -1.90 -3.20
N LEU A 27 0.87 -2.54 -3.92
CA LEU A 27 0.57 -3.80 -4.58
C LEU A 27 1.50 -4.89 -4.03
N VAL A 28 0.91 -5.98 -3.53
CA VAL A 28 1.70 -7.09 -3.02
C VAL A 28 1.38 -8.35 -3.79
N SER A 29 2.39 -8.92 -4.43
CA SER A 29 2.19 -10.05 -5.32
C SER A 29 3.23 -11.14 -5.05
N ASN A 30 3.13 -12.26 -5.77
CA ASN A 30 4.06 -13.38 -5.65
C ASN A 30 4.10 -13.93 -4.23
N LEU A 31 2.94 -14.11 -3.65
CA LEU A 31 2.86 -14.54 -2.28
C LEU A 31 3.30 -16.00 -2.16
N ALA A 32 3.94 -16.32 -1.04
CA ALA A 32 4.58 -17.62 -0.86
C ALA A 32 3.60 -18.68 -0.35
N THR A 33 2.86 -18.36 0.70
CA THR A 33 1.93 -19.30 1.29
C THR A 33 0.53 -19.19 0.71
N TYR A 34 -0.38 -18.55 1.45
CA TYR A 34 -1.78 -18.47 1.05
C TYR A 34 -2.13 -17.03 0.65
N GLU A 35 -3.41 -16.77 0.45
CA GLU A 35 -3.87 -15.44 0.03
C GLU A 35 -4.10 -14.54 1.24
N THR A 36 -3.76 -15.04 2.43
CA THR A 36 -3.88 -14.25 3.66
C THR A 36 -2.95 -13.04 3.63
N LEU A 37 -3.50 -11.85 3.39
CA LEU A 37 -2.69 -10.65 3.27
C LEU A 37 -3.43 -9.46 3.86
N ASN A 38 -2.67 -8.52 4.35
CA ASN A 38 -3.18 -7.27 4.91
C ASN A 38 -2.29 -6.12 4.47
N ILE A 39 -2.86 -4.94 4.32
CA ILE A 39 -2.10 -3.79 3.86
C ILE A 39 -2.12 -2.69 4.92
N SER A 40 -0.98 -2.07 5.17
CA SER A 40 -0.89 -0.99 6.13
C SER A 40 -0.04 0.15 5.60
N TRP A 41 -0.56 1.36 5.70
CA TRP A 41 0.17 2.54 5.28
C TRP A 41 0.51 3.42 6.47
N ALA A 42 1.63 4.12 6.35
CA ALA A 42 2.08 5.05 7.37
C ALA A 42 2.94 6.12 6.73
N SER A 43 3.17 7.21 7.43
CA SER A 43 4.06 8.24 6.92
C SER A 43 5.50 7.94 7.34
N GLN A 44 6.45 8.69 6.82
CA GLN A 44 7.86 8.50 7.14
C GLN A 44 8.10 8.56 8.66
N SER A 45 7.28 9.34 9.36
CA SER A 45 7.41 9.49 10.80
C SER A 45 6.93 8.24 11.53
N GLY A 46 6.33 7.31 10.79
CA GLY A 46 5.83 6.10 11.39
C GLY A 46 4.39 6.25 11.82
N GLU A 47 3.75 7.29 11.31
CA GLU A 47 2.40 7.64 11.73
C GLU A 47 1.38 7.01 10.77
N PRO A 48 0.40 6.26 11.31
CA PRO A 48 -0.54 5.47 10.52
C PRO A 48 -1.38 6.31 9.55
N LEU A 49 -1.49 5.81 8.34
CA LEU A 49 -2.25 6.47 7.29
C LEU A 49 -3.65 5.90 7.19
N GLU A 50 -4.59 6.75 6.83
CA GLU A 50 -5.96 6.31 6.64
C GLU A 50 -6.07 5.45 5.40
N THR A 51 -6.24 4.18 5.64
CA THR A 51 -6.27 3.16 4.61
C THR A 51 -7.27 2.09 4.99
N LYS A 52 -8.35 1.96 4.24
CA LYS A 52 -9.33 0.96 4.60
C LYS A 52 -9.33 -0.21 3.63
N ILE A 53 -8.98 -1.36 4.14
CA ILE A 53 -9.18 -2.62 3.46
C ILE A 53 -9.70 -3.61 4.47
N LYS A 54 -10.87 -4.15 4.26
CA LYS A 54 -11.37 -5.15 5.18
C LYS A 54 -11.39 -6.50 4.51
N VAL A 55 -10.42 -7.33 4.86
CA VAL A 55 -10.24 -8.66 4.29
C VAL A 55 -9.17 -9.44 5.04
N MET A 56 -9.31 -10.74 5.03
CA MET A 56 -8.25 -11.64 5.46
C MET A 56 -7.70 -12.32 4.22
N GLU A 57 -8.13 -11.81 3.09
CA GLU A 57 -7.94 -12.47 1.80
C GLU A 57 -7.53 -11.45 0.74
N SER A 58 -6.69 -11.88 -0.20
CA SER A 58 -6.25 -11.00 -1.27
C SER A 58 -7.34 -10.91 -2.34
N HIS A 59 -7.37 -9.82 -3.10
CA HIS A 59 -8.47 -9.58 -4.03
C HIS A 59 -8.13 -10.08 -5.42
N PRO A 60 -9.01 -10.90 -6.00
CA PRO A 60 -8.81 -11.49 -7.32
C PRO A 60 -9.48 -10.68 -8.43
N ASN A 61 -9.35 -9.36 -8.35
CA ASN A 61 -9.90 -8.48 -9.38
C ASN A 61 -8.79 -8.02 -10.31
N GLY A 62 -8.64 -8.69 -11.42
CA GLY A 62 -7.57 -8.36 -12.36
C GLY A 62 -6.24 -8.95 -11.92
N THR A 63 -5.96 -8.87 -10.63
CA THR A 63 -4.75 -9.42 -10.07
C THR A 63 -5.11 -10.42 -8.97
N PHE A 64 -4.14 -11.23 -8.56
CA PHE A 64 -4.32 -12.18 -7.47
C PHE A 64 -3.70 -11.61 -6.20
N SER A 65 -3.59 -10.29 -6.18
CA SER A 65 -2.82 -9.59 -5.18
C SER A 65 -3.71 -8.76 -4.25
N ALA A 66 -3.10 -8.19 -3.23
CA ALA A 66 -3.82 -7.31 -2.32
C ALA A 66 -3.39 -5.88 -2.59
N LYS A 67 -4.34 -4.96 -2.48
CA LYS A 67 -4.06 -3.55 -2.71
C LYS A 67 -4.59 -2.73 -1.55
N GLY A 68 -3.83 -1.74 -1.15
CA GLY A 68 -4.26 -0.86 -0.10
C GLY A 68 -4.23 0.58 -0.55
N VAL A 69 -5.36 1.25 -0.45
CA VAL A 69 -5.47 2.62 -0.90
C VAL A 69 -5.54 3.55 0.30
N ALA A 70 -4.62 4.50 0.34
CA ALA A 70 -4.53 5.43 1.45
C ALA A 70 -4.88 6.83 0.98
N SER A 71 -5.67 7.51 1.77
CA SER A 71 -6.11 8.85 1.42
C SER A 71 -5.24 9.87 2.13
N VAL A 72 -4.47 10.61 1.36
CA VAL A 72 -3.51 11.55 1.91
C VAL A 72 -3.84 12.96 1.44
N SER A 73 -3.28 13.93 2.10
CA SER A 73 -3.50 15.32 1.75
C SER A 73 -2.73 15.66 0.49
N VAL A 74 -3.36 16.45 -0.36
CA VAL A 74 -2.74 16.87 -1.62
C VAL A 74 -1.48 17.65 -1.33
N GLU A 75 -1.50 18.38 -0.22
CA GLU A 75 -0.36 19.16 0.23
C GLU A 75 0.86 18.27 0.48
N ASP A 76 0.62 17.05 0.94
CA ASP A 76 1.71 16.10 1.15
C ASP A 76 2.39 15.81 -0.18
N TRP A 77 1.58 15.58 -1.21
CA TRP A 77 2.10 15.28 -2.53
C TRP A 77 2.66 16.55 -3.19
N ASN A 78 2.02 17.68 -2.89
CA ASN A 78 2.47 18.97 -3.38
C ASN A 78 3.83 19.33 -2.79
N ASN A 79 4.06 18.87 -1.56
CA ASN A 79 5.33 19.13 -0.88
C ASN A 79 6.32 17.99 -1.12
N ARG A 80 5.94 17.07 -1.99
CA ARG A 80 6.78 15.93 -2.36
C ARG A 80 7.15 15.08 -1.14
N LYS A 81 6.20 14.93 -0.23
CA LYS A 81 6.41 14.12 0.97
C LYS A 81 6.59 12.64 0.61
N GLU A 82 7.05 11.87 1.58
CA GLU A 82 7.29 10.46 1.38
C GLU A 82 6.51 9.64 2.40
N PHE A 83 5.94 8.54 1.94
CA PHE A 83 5.15 7.69 2.80
C PHE A 83 5.73 6.28 2.80
N VAL A 84 5.32 5.49 3.79
CA VAL A 84 5.84 4.15 3.95
C VAL A 84 4.70 3.15 4.07
N CYS A 85 4.74 2.11 3.26
CA CYS A 85 3.78 1.04 3.38
C CYS A 85 4.45 -0.16 4.02
N THR A 86 3.72 -0.87 4.86
CA THR A 86 4.25 -2.06 5.48
C THR A 86 3.34 -3.24 5.17
N VAL A 87 3.92 -4.31 4.66
CA VAL A 87 3.14 -5.47 4.27
C VAL A 87 3.35 -6.61 5.25
N THR A 88 2.24 -7.15 5.76
CA THR A 88 2.30 -8.22 6.72
C THR A 88 1.43 -9.38 6.24
N HIS A 89 2.09 -10.38 5.71
CA HIS A 89 1.41 -11.52 5.10
C HIS A 89 1.32 -12.69 6.08
N ARG A 90 2.03 -12.58 7.21
CA ARG A 90 2.15 -13.68 8.17
C ARG A 90 3.02 -14.78 7.59
N ASP A 91 3.66 -14.45 6.48
CA ASP A 91 4.48 -15.39 5.71
C ASP A 91 5.92 -15.29 6.18
N LEU A 92 6.32 -14.08 6.48
CA LEU A 92 7.67 -13.81 6.95
C LEU A 92 7.61 -13.11 8.31
N PRO A 93 8.68 -13.24 9.09
CA PRO A 93 8.74 -12.67 10.45
C PRO A 93 8.86 -11.15 10.44
N SER A 94 9.52 -10.62 9.42
CA SER A 94 9.76 -9.20 9.32
C SER A 94 8.99 -8.60 8.14
N PRO A 95 7.95 -7.79 8.43
CA PRO A 95 7.15 -7.14 7.38
C PRO A 95 7.99 -6.18 6.54
N GLN A 96 7.70 -6.14 5.24
CA GLN A 96 8.49 -5.32 4.32
C GLN A 96 8.00 -3.87 4.31
N LYS A 97 8.95 -2.94 4.34
CA LYS A 97 8.65 -1.53 4.28
C LYS A 97 9.02 -0.96 2.92
N LYS A 98 8.12 -0.21 2.33
CA LYS A 98 8.38 0.44 1.04
C LYS A 98 8.16 1.94 1.14
N PHE A 99 9.02 2.68 0.48
CA PHE A 99 8.96 4.13 0.49
C PHE A 99 8.40 4.66 -0.82
N ILE A 100 7.57 5.71 -0.75
CA ILE A 100 6.99 6.28 -1.94
C ILE A 100 6.95 7.81 -1.83
N SER A 101 7.30 8.48 -2.92
CA SER A 101 7.33 9.93 -2.95
C SER A 101 7.23 10.41 -4.41
N LYS A 102 6.65 11.58 -4.60
CA LYS A 102 6.47 12.12 -5.94
C LYS A 102 7.67 12.97 -6.35
N MET A 1 5.01 -20.78 -5.03
CA MET A 1 5.80 -19.56 -5.36
C MET A 1 5.97 -18.70 -4.12
N GLY A 2 7.21 -18.52 -3.70
CA GLY A 2 7.46 -17.78 -2.49
C GLY A 2 8.15 -16.46 -2.72
N ASP A 3 8.80 -15.95 -1.68
CA ASP A 3 9.47 -14.64 -1.70
C ASP A 3 8.46 -13.53 -1.93
N ILE A 4 7.88 -13.07 -0.82
CA ILE A 4 6.86 -12.04 -0.85
C ILE A 4 7.40 -10.75 -1.45
N LEU A 5 6.76 -10.29 -2.50
CA LEU A 5 7.21 -9.07 -3.18
C LEU A 5 6.25 -7.92 -2.89
N THR A 6 6.82 -6.78 -2.53
CA THR A 6 6.04 -5.61 -2.17
C THR A 6 6.13 -4.53 -3.26
N PHE A 7 4.97 -4.07 -3.71
CA PHE A 7 4.90 -3.05 -4.75
C PHE A 7 4.07 -1.86 -4.28
N THR A 8 4.36 -0.69 -4.83
CA THR A 8 3.64 0.53 -4.51
C THR A 8 3.28 1.30 -5.77
N ILE A 9 2.07 1.83 -5.82
CA ILE A 9 1.60 2.57 -6.97
C ILE A 9 1.29 4.01 -6.60
N PRO A 10 1.94 4.96 -7.28
CA PRO A 10 1.67 6.39 -7.10
C PRO A 10 0.36 6.81 -7.77
N PRO A 11 -0.41 7.69 -7.12
CA PRO A 11 -1.66 8.19 -7.68
C PRO A 11 -1.43 9.12 -8.86
N SER A 12 -2.38 9.14 -9.77
CA SER A 12 -2.29 9.96 -10.96
C SER A 12 -2.64 11.41 -10.62
N PHE A 13 -1.96 12.32 -11.30
CA PHE A 13 -2.15 13.75 -11.08
C PHE A 13 -3.58 14.15 -11.44
N ALA A 14 -4.16 13.44 -12.41
CA ALA A 14 -5.55 13.63 -12.79
C ALA A 14 -6.47 13.29 -11.63
N ASP A 15 -6.20 12.16 -10.98
CA ASP A 15 -7.00 11.71 -9.85
C ASP A 15 -6.92 12.69 -8.71
N ILE A 16 -5.70 13.12 -8.39
CA ILE A 16 -5.47 14.07 -7.31
C ILE A 16 -6.13 15.41 -7.63
N PHE A 17 -6.16 15.75 -8.91
CA PHE A 17 -6.69 17.04 -9.33
C PHE A 17 -8.21 17.07 -9.23
N LEU A 18 -8.82 16.00 -9.71
CA LEU A 18 -10.29 15.92 -9.74
C LEU A 18 -10.88 15.73 -8.35
N SER A 19 -10.32 14.78 -7.62
CA SER A 19 -10.84 14.45 -6.30
C SER A 19 -10.32 15.43 -5.25
N LYS A 20 -9.28 16.17 -5.61
CA LYS A 20 -8.65 17.18 -4.74
C LYS A 20 -8.07 16.53 -3.48
N SER A 21 -7.85 15.23 -3.57
CA SER A 21 -7.17 14.48 -2.54
C SER A 21 -6.26 13.44 -3.18
N ALA A 22 -5.21 13.05 -2.47
CA ALA A 22 -4.31 12.04 -2.96
C ALA A 22 -4.56 10.72 -2.25
N ASN A 23 -4.09 9.64 -2.82
CA ASN A 23 -4.31 8.32 -2.23
C ASN A 23 -3.12 7.44 -2.51
N LEU A 24 -2.82 6.57 -1.56
CA LEU A 24 -1.67 5.71 -1.67
C LEU A 24 -2.10 4.28 -1.96
N THR A 25 -1.53 3.69 -2.99
CA THR A 25 -1.89 2.34 -3.38
C THR A 25 -0.71 1.39 -3.22
N CYS A 26 -0.94 0.31 -2.50
CA CYS A 26 0.09 -0.70 -2.30
C CYS A 26 -0.44 -2.07 -2.69
N LEU A 27 0.39 -2.85 -3.37
CA LEU A 27 0.02 -4.19 -3.78
C LEU A 27 1.13 -5.17 -3.41
N VAL A 28 0.76 -6.32 -2.87
CA VAL A 28 1.71 -7.33 -2.47
C VAL A 28 1.48 -8.61 -3.26
N SER A 29 2.51 -9.10 -3.92
CA SER A 29 2.39 -10.28 -4.78
C SER A 29 3.44 -11.32 -4.42
N ASN A 30 3.37 -12.47 -5.10
CA ASN A 30 4.30 -13.58 -4.92
C ASN A 30 4.28 -14.07 -3.48
N LEU A 31 3.09 -14.16 -2.93
CA LEU A 31 2.91 -14.68 -1.58
C LEU A 31 2.93 -16.21 -1.62
N ALA A 32 3.79 -16.80 -0.79
CA ALA A 32 3.93 -18.25 -0.75
C ALA A 32 2.68 -18.94 -0.23
N THR A 33 1.94 -18.24 0.61
CA THR A 33 0.73 -18.78 1.19
C THR A 33 -0.38 -17.73 1.21
N TYR A 34 -1.60 -18.15 1.53
CA TYR A 34 -2.74 -17.25 1.51
C TYR A 34 -3.64 -17.46 2.72
N GLU A 35 -3.06 -17.32 3.92
CA GLU A 35 -3.83 -17.29 5.15
C GLU A 35 -4.52 -15.95 5.27
N THR A 36 -3.71 -14.91 5.29
CA THR A 36 -4.18 -13.54 5.36
C THR A 36 -3.03 -12.59 5.11
N LEU A 37 -3.30 -11.46 4.49
CA LEU A 37 -2.30 -10.45 4.29
C LEU A 37 -2.91 -9.09 4.59
N ASN A 38 -2.07 -8.17 4.97
CA ASN A 38 -2.51 -6.86 5.40
C ASN A 38 -1.72 -5.78 4.69
N ILE A 39 -2.36 -4.66 4.46
CA ILE A 39 -1.68 -3.51 3.92
C ILE A 39 -1.81 -2.40 4.94
N SER A 40 -0.73 -1.69 5.22
CA SER A 40 -0.76 -0.63 6.20
C SER A 40 0.12 0.51 5.77
N TRP A 41 -0.44 1.71 5.74
CA TRP A 41 0.30 2.88 5.35
C TRP A 41 0.64 3.73 6.56
N ALA A 42 1.76 4.39 6.50
CA ALA A 42 2.20 5.31 7.54
C ALA A 42 3.11 6.36 6.95
N SER A 43 3.24 7.49 7.62
CA SER A 43 4.16 8.52 7.18
C SER A 43 5.58 8.11 7.52
N GLN A 44 6.55 8.75 6.89
CA GLN A 44 7.96 8.48 7.14
C GLN A 44 8.29 8.72 8.61
N SER A 45 7.49 9.56 9.26
CA SER A 45 7.68 9.88 10.66
C SER A 45 7.25 8.70 11.55
N GLY A 46 6.64 7.69 10.95
CA GLY A 46 6.19 6.54 11.70
C GLY A 46 4.75 6.69 12.18
N GLU A 47 4.02 7.60 11.56
CA GLU A 47 2.65 7.87 11.97
C GLU A 47 1.67 7.17 11.03
N PRO A 48 0.78 6.33 11.62
CA PRO A 48 -0.18 5.51 10.85
C PRO A 48 -1.12 6.34 10.00
N LEU A 49 -1.42 5.83 8.81
CA LEU A 49 -2.32 6.48 7.88
C LEU A 49 -3.57 5.64 7.71
N GLU A 50 -4.70 6.32 7.49
CA GLU A 50 -5.95 5.65 7.23
C GLU A 50 -5.83 4.72 6.03
N THR A 51 -5.81 3.43 6.31
CA THR A 51 -5.72 2.42 5.27
C THR A 51 -6.97 1.54 5.32
N LYS A 52 -7.78 1.61 4.28
CA LYS A 52 -9.03 0.86 4.25
C LYS A 52 -9.02 -0.18 3.14
N ILE A 53 -9.29 -1.43 3.53
CA ILE A 53 -9.21 -2.55 2.63
C ILE A 53 -10.44 -3.44 2.75
N LYS A 54 -10.95 -3.91 1.63
CA LYS A 54 -12.00 -4.92 1.65
C LYS A 54 -11.38 -6.30 1.46
N VAL A 55 -11.81 -7.24 2.29
CA VAL A 55 -11.27 -8.60 2.32
C VAL A 55 -9.83 -8.60 2.85
N MET A 56 -9.65 -9.19 4.03
CA MET A 56 -8.34 -9.29 4.69
C MET A 56 -7.53 -10.43 4.07
N GLU A 57 -8.03 -10.94 2.96
CA GLU A 57 -7.44 -12.06 2.27
C GLU A 57 -7.12 -11.61 0.85
N SER A 58 -6.16 -12.26 0.20
CA SER A 58 -5.67 -11.79 -1.07
C SER A 58 -6.67 -12.07 -2.17
N HIS A 59 -6.79 -11.14 -3.11
CA HIS A 59 -7.92 -11.15 -4.04
C HIS A 59 -7.58 -11.92 -5.30
N PRO A 60 -8.45 -12.86 -5.70
CA PRO A 60 -8.29 -13.63 -6.92
C PRO A 60 -9.05 -13.01 -8.11
N ASN A 61 -9.03 -13.74 -9.24
CA ASN A 61 -9.72 -13.33 -10.47
C ASN A 61 -9.26 -11.95 -10.94
N GLY A 62 -8.12 -11.93 -11.62
CA GLY A 62 -7.58 -10.69 -12.11
C GLY A 62 -6.47 -10.19 -11.21
N THR A 63 -6.37 -10.80 -10.06
CA THR A 63 -5.35 -10.47 -9.09
C THR A 63 -4.92 -11.75 -8.36
N PHE A 64 -3.73 -11.73 -7.80
CA PHE A 64 -3.26 -12.81 -6.92
C PHE A 64 -2.67 -12.16 -5.68
N SER A 65 -3.13 -10.95 -5.43
CA SER A 65 -2.43 -10.03 -4.54
C SER A 65 -3.40 -9.30 -3.61
N ALA A 66 -2.83 -8.55 -2.69
CA ALA A 66 -3.59 -7.70 -1.79
C ALA A 66 -3.36 -6.24 -2.17
N LYS A 67 -4.37 -5.41 -1.94
CA LYS A 67 -4.28 -4.01 -2.28
C LYS A 67 -4.74 -3.17 -1.09
N GLY A 68 -4.03 -2.09 -0.84
CA GLY A 68 -4.38 -1.21 0.26
C GLY A 68 -4.30 0.24 -0.11
N VAL A 69 -5.36 0.98 0.16
CA VAL A 69 -5.45 2.38 -0.21
C VAL A 69 -5.49 3.26 1.04
N ALA A 70 -4.67 4.30 1.04
CA ALA A 70 -4.64 5.27 2.12
C ALA A 70 -5.04 6.64 1.61
N SER A 71 -5.62 7.46 2.49
CA SER A 71 -6.07 8.79 2.11
C SER A 71 -5.05 9.82 2.55
N VAL A 72 -4.56 10.54 1.55
CA VAL A 72 -3.51 11.50 1.74
C VAL A 72 -3.96 12.87 1.23
N SER A 73 -3.40 13.93 1.81
CA SER A 73 -3.75 15.28 1.40
C SER A 73 -2.84 15.73 0.26
N VAL A 74 -3.33 16.65 -0.56
CA VAL A 74 -2.57 17.11 -1.71
C VAL A 74 -1.26 17.74 -1.26
N GLU A 75 -1.35 18.45 -0.13
CA GLU A 75 -0.20 19.13 0.45
C GLU A 75 0.95 18.17 0.74
N ASP A 76 0.63 16.94 1.11
CA ASP A 76 1.66 15.93 1.35
C ASP A 76 2.45 15.67 0.08
N TRP A 77 1.72 15.47 -1.02
CA TRP A 77 2.33 15.25 -2.32
C TRP A 77 3.00 16.53 -2.83
N ASN A 78 2.38 17.67 -2.53
CA ASN A 78 2.93 18.98 -2.91
C ASN A 78 4.25 19.24 -2.20
N ASN A 79 4.38 18.76 -0.98
CA ASN A 79 5.61 18.92 -0.21
C ASN A 79 6.58 17.78 -0.52
N ARG A 80 6.20 16.95 -1.50
CA ARG A 80 7.02 15.83 -1.93
C ARG A 80 7.34 14.89 -0.78
N LYS A 81 6.35 14.73 0.10
CA LYS A 81 6.49 13.87 1.27
C LYS A 81 6.72 12.42 0.89
N GLU A 82 7.28 11.68 1.83
CA GLU A 82 7.46 10.26 1.64
C GLU A 82 6.55 9.50 2.57
N PHE A 83 5.95 8.44 2.06
CA PHE A 83 5.10 7.59 2.87
C PHE A 83 5.60 6.16 2.84
N VAL A 84 5.29 5.43 3.89
CA VAL A 84 5.79 4.09 4.08
C VAL A 84 4.66 3.10 4.24
N CYS A 85 4.70 2.04 3.46
CA CYS A 85 3.74 0.97 3.62
C CYS A 85 4.44 -0.23 4.26
N THR A 86 3.74 -0.88 5.16
CA THR A 86 4.29 -2.03 5.85
C THR A 86 3.46 -3.28 5.58
N VAL A 87 4.12 -4.34 5.12
CA VAL A 87 3.44 -5.58 4.77
C VAL A 87 3.80 -6.68 5.76
N THR A 88 2.78 -7.40 6.22
CA THR A 88 2.97 -8.42 7.25
C THR A 88 2.15 -9.66 6.94
N HIS A 89 2.82 -10.67 6.40
CA HIS A 89 2.15 -11.92 6.05
C HIS A 89 2.36 -12.98 7.13
N ARG A 90 3.22 -12.65 8.11
CA ARG A 90 3.59 -13.59 9.19
C ARG A 90 4.63 -14.59 8.71
N ASP A 91 4.63 -14.87 7.41
CA ASP A 91 5.55 -15.82 6.82
C ASP A 91 6.97 -15.25 6.80
N LEU A 92 7.07 -13.94 6.62
CA LEU A 92 8.36 -13.29 6.64
C LEU A 92 8.75 -12.90 8.05
N PRO A 93 10.06 -12.95 8.34
CA PRO A 93 10.60 -12.70 9.68
C PRO A 93 10.68 -11.22 10.02
N SER A 94 10.65 -10.40 8.99
CA SER A 94 10.70 -8.96 9.16
C SER A 94 9.78 -8.30 8.16
N PRO A 95 8.95 -7.36 8.62
CA PRO A 95 8.01 -6.65 7.75
C PRO A 95 8.73 -5.87 6.67
N GLN A 96 8.17 -5.87 5.47
CA GLN A 96 8.75 -5.13 4.37
C GLN A 96 8.16 -3.74 4.28
N LYS A 97 9.04 -2.75 4.22
CA LYS A 97 8.64 -1.37 4.11
C LYS A 97 8.90 -0.87 2.71
N LYS A 98 8.01 -0.06 2.18
CA LYS A 98 8.20 0.58 0.88
C LYS A 98 7.96 2.07 0.99
N PHE A 99 8.80 2.84 0.31
CA PHE A 99 8.66 4.30 0.31
C PHE A 99 8.02 4.74 -0.99
N ILE A 100 7.10 5.68 -0.89
CA ILE A 100 6.44 6.22 -2.07
C ILE A 100 6.46 7.75 -2.04
N SER A 101 6.71 8.34 -3.20
CA SER A 101 6.69 9.78 -3.37
C SER A 101 6.45 10.11 -4.83
N LYS A 102 5.79 11.23 -5.10
CA LYS A 102 5.53 11.63 -6.46
C LYS A 102 6.60 12.61 -6.93
N MET A 1 6.87 -20.97 0.41
CA MET A 1 8.18 -21.19 -0.24
C MET A 1 8.42 -20.17 -1.34
N GLY A 2 9.04 -19.05 -1.00
CA GLY A 2 9.32 -18.03 -1.98
C GLY A 2 9.32 -16.64 -1.36
N ASP A 3 9.58 -15.64 -2.18
CA ASP A 3 9.66 -14.26 -1.70
C ASP A 3 8.46 -13.45 -2.16
N ILE A 4 7.80 -12.84 -1.18
CA ILE A 4 6.70 -11.91 -1.43
C ILE A 4 7.20 -10.69 -2.20
N LEU A 5 6.45 -10.27 -3.22
CA LEU A 5 6.81 -9.10 -3.99
C LEU A 5 5.91 -7.93 -3.59
N THR A 6 6.54 -6.80 -3.32
CA THR A 6 5.80 -5.61 -2.93
C THR A 6 5.99 -4.48 -3.95
N PHE A 7 4.89 -4.00 -4.48
CA PHE A 7 4.92 -2.94 -5.47
C PHE A 7 4.13 -1.73 -4.99
N THR A 8 4.71 -0.56 -5.14
CA THR A 8 4.04 0.67 -4.78
C THR A 8 3.74 1.49 -6.02
N ILE A 9 2.53 1.99 -6.10
CA ILE A 9 2.08 2.71 -7.29
C ILE A 9 1.75 4.15 -6.95
N PRO A 10 2.46 5.08 -7.59
CA PRO A 10 2.18 6.51 -7.48
C PRO A 10 0.75 6.84 -7.91
N PRO A 11 0.10 7.76 -7.17
CA PRO A 11 -1.29 8.15 -7.43
C PRO A 11 -1.44 8.89 -8.76
N SER A 12 -2.64 8.79 -9.30
CA SER A 12 -3.00 9.45 -10.55
C SER A 12 -3.34 10.91 -10.27
N PHE A 13 -2.61 11.82 -10.90
CA PHE A 13 -2.73 13.24 -10.62
C PHE A 13 -4.12 13.75 -10.96
N ALA A 14 -4.72 13.18 -12.00
CA ALA A 14 -6.07 13.55 -12.41
C ALA A 14 -7.05 13.24 -11.29
N ASP A 15 -6.93 12.05 -10.72
CA ASP A 15 -7.81 11.62 -9.64
C ASP A 15 -7.58 12.46 -8.40
N ILE A 16 -6.32 12.78 -8.14
CA ILE A 16 -5.95 13.64 -7.03
C ILE A 16 -6.63 14.99 -7.16
N PHE A 17 -6.68 15.51 -8.37
CA PHE A 17 -7.23 16.85 -8.62
C PHE A 17 -8.75 16.83 -8.50
N LEU A 18 -9.37 15.81 -9.08
CA LEU A 18 -10.81 15.69 -9.09
C LEU A 18 -11.40 15.55 -7.68
N SER A 19 -10.82 14.66 -6.90
CA SER A 19 -11.30 14.43 -5.55
C SER A 19 -10.64 15.39 -4.55
N LYS A 20 -9.58 16.04 -5.02
CA LYS A 20 -8.77 16.95 -4.21
C LYS A 20 -8.17 16.22 -3.03
N SER A 21 -7.97 14.92 -3.20
CA SER A 21 -7.30 14.09 -2.22
C SER A 21 -6.39 13.11 -2.95
N ALA A 22 -5.17 12.97 -2.47
CA ALA A 22 -4.24 12.04 -3.08
C ALA A 22 -4.41 10.67 -2.45
N ASN A 23 -4.29 9.63 -3.26
CA ASN A 23 -4.57 8.28 -2.81
C ASN A 23 -3.38 7.38 -3.10
N LEU A 24 -2.81 6.84 -2.05
CA LEU A 24 -1.65 5.97 -2.17
C LEU A 24 -2.11 4.56 -2.52
N THR A 25 -1.38 3.90 -3.42
CA THR A 25 -1.74 2.57 -3.87
C THR A 25 -0.58 1.60 -3.67
N CYS A 26 -0.83 0.58 -2.89
CA CYS A 26 0.15 -0.46 -2.63
C CYS A 26 -0.41 -1.80 -3.06
N LEU A 27 0.41 -2.61 -3.73
CA LEU A 27 -0.01 -3.92 -4.19
C LEU A 27 1.02 -4.98 -3.81
N VAL A 28 0.57 -6.07 -3.22
CA VAL A 28 1.46 -7.11 -2.74
C VAL A 28 1.15 -8.44 -3.42
N SER A 29 2.11 -8.99 -4.13
CA SER A 29 1.90 -10.19 -4.93
C SER A 29 2.98 -11.23 -4.65
N ASN A 30 2.85 -12.39 -5.29
CA ASN A 30 3.80 -13.50 -5.12
C ASN A 30 3.91 -13.92 -3.66
N LEU A 31 2.75 -14.04 -3.02
CA LEU A 31 2.69 -14.48 -1.65
C LEU A 31 2.89 -15.99 -1.58
N ALA A 32 4.03 -16.39 -1.05
CA ALA A 32 4.44 -17.79 -1.07
C ALA A 32 3.53 -18.66 -0.20
N THR A 33 3.30 -18.27 1.04
CA THR A 33 2.39 -19.01 1.89
C THR A 33 0.98 -18.46 1.73
N TYR A 34 -0.01 -19.32 1.88
CA TYR A 34 -1.40 -18.91 1.78
C TYR A 34 -1.95 -18.59 3.16
N GLU A 35 -2.09 -17.29 3.40
CA GLU A 35 -2.40 -16.77 4.72
C GLU A 35 -3.17 -15.45 4.58
N THR A 36 -3.62 -14.89 5.70
CA THR A 36 -4.22 -13.57 5.69
C THR A 36 -3.20 -12.55 5.20
N LEU A 37 -3.67 -11.52 4.50
CA LEU A 37 -2.78 -10.48 4.05
C LEU A 37 -3.28 -9.14 4.52
N ASN A 38 -2.35 -8.28 4.89
CA ASN A 38 -2.68 -6.96 5.37
C ASN A 38 -1.92 -5.93 4.58
N ILE A 39 -2.53 -4.79 4.35
CA ILE A 39 -1.86 -3.70 3.69
C ILE A 39 -1.85 -2.52 4.65
N SER A 40 -0.74 -1.84 4.80
CA SER A 40 -0.69 -0.73 5.75
C SER A 40 0.13 0.43 5.20
N TRP A 41 -0.44 1.62 5.24
CA TRP A 41 0.27 2.83 4.90
C TRP A 41 0.61 3.60 6.17
N ALA A 42 1.74 4.28 6.15
CA ALA A 42 2.17 5.08 7.29
C ALA A 42 3.08 6.19 6.80
N SER A 43 3.30 7.19 7.64
CA SER A 43 4.21 8.26 7.32
C SER A 43 5.65 7.77 7.46
N GLN A 44 6.61 8.57 7.02
CA GLN A 44 8.02 8.23 7.18
C GLN A 44 8.37 8.04 8.66
N SER A 45 7.64 8.73 9.53
CA SER A 45 7.86 8.66 10.97
C SER A 45 7.31 7.36 11.54
N GLY A 46 6.59 6.61 10.71
CA GLY A 46 6.02 5.35 11.16
C GLY A 46 4.65 5.52 11.77
N GLU A 47 3.99 6.62 11.44
CA GLU A 47 2.67 6.89 11.94
C GLU A 47 1.63 6.44 10.92
N PRO A 48 0.71 5.55 11.34
CA PRO A 48 -0.25 4.91 10.43
C PRO A 48 -1.16 5.90 9.70
N LEU A 49 -1.39 5.60 8.43
CA LEU A 49 -2.31 6.37 7.60
C LEU A 49 -3.58 5.56 7.39
N GLU A 50 -4.72 6.25 7.33
CA GLU A 50 -5.99 5.58 7.13
C GLU A 50 -6.02 4.88 5.79
N THR A 51 -5.90 3.57 5.83
CA THR A 51 -5.83 2.76 4.63
C THR A 51 -7.09 1.90 4.51
N LYS A 52 -7.65 1.85 3.31
CA LYS A 52 -8.82 1.04 3.06
C LYS A 52 -8.45 -0.15 2.19
N ILE A 53 -8.72 -1.35 2.70
CA ILE A 53 -8.47 -2.57 1.97
C ILE A 53 -9.73 -3.41 1.98
N LYS A 54 -10.10 -3.94 0.83
CA LYS A 54 -11.26 -4.81 0.76
C LYS A 54 -10.82 -6.27 0.81
N VAL A 55 -11.24 -6.95 1.87
CA VAL A 55 -10.87 -8.33 2.15
C VAL A 55 -9.47 -8.41 2.73
N MET A 56 -9.38 -8.90 3.96
CA MET A 56 -8.11 -9.08 4.67
C MET A 56 -7.40 -10.34 4.19
N GLU A 57 -7.88 -10.87 3.08
CA GLU A 57 -7.35 -12.08 2.49
C GLU A 57 -6.89 -11.78 1.08
N SER A 58 -5.95 -12.56 0.59
CA SER A 58 -5.39 -12.32 -0.72
C SER A 58 -6.35 -12.81 -1.79
N HIS A 59 -6.38 -12.10 -2.91
CA HIS A 59 -7.35 -12.41 -3.95
C HIS A 59 -6.75 -13.37 -4.96
N PRO A 60 -7.46 -14.48 -5.24
CA PRO A 60 -7.04 -15.46 -6.23
C PRO A 60 -7.75 -15.31 -7.59
N ASN A 61 -8.99 -14.84 -7.57
CA ASN A 61 -9.77 -14.69 -8.79
C ASN A 61 -10.05 -13.22 -9.06
N GLY A 62 -10.01 -12.84 -10.33
CA GLY A 62 -10.21 -11.45 -10.70
C GLY A 62 -8.94 -10.65 -10.51
N THR A 63 -8.42 -10.68 -9.30
CA THR A 63 -7.14 -10.11 -8.99
C THR A 63 -6.29 -11.17 -8.30
N PHE A 64 -4.98 -11.07 -8.41
CA PHE A 64 -4.08 -12.06 -7.81
C PHE A 64 -3.30 -11.41 -6.66
N SER A 65 -3.86 -10.35 -6.11
CA SER A 65 -3.13 -9.52 -5.17
C SER A 65 -4.10 -8.67 -4.33
N ALA A 66 -3.54 -7.97 -3.35
CA ALA A 66 -4.30 -7.06 -2.52
C ALA A 66 -3.91 -5.63 -2.84
N LYS A 67 -4.80 -4.69 -2.58
CA LYS A 67 -4.50 -3.29 -2.77
C LYS A 67 -4.85 -2.52 -1.51
N GLY A 68 -4.00 -1.58 -1.16
CA GLY A 68 -4.27 -0.72 -0.03
C GLY A 68 -4.27 0.73 -0.45
N VAL A 69 -5.41 1.39 -0.27
CA VAL A 69 -5.54 2.78 -0.65
C VAL A 69 -5.58 3.67 0.59
N ALA A 70 -4.67 4.62 0.65
CA ALA A 70 -4.62 5.56 1.75
C ALA A 70 -4.89 6.97 1.24
N SER A 71 -5.62 7.73 2.02
CA SER A 71 -6.01 9.07 1.62
C SER A 71 -5.10 10.10 2.26
N VAL A 72 -4.34 10.79 1.43
CA VAL A 72 -3.37 11.76 1.89
C VAL A 72 -3.71 13.13 1.33
N SER A 73 -3.09 14.16 1.88
CA SER A 73 -3.34 15.51 1.46
C SER A 73 -2.60 15.81 0.17
N VAL A 74 -3.20 16.60 -0.71
CA VAL A 74 -2.52 17.06 -1.91
C VAL A 74 -1.23 17.76 -1.52
N GLU A 75 -1.28 18.39 -0.35
CA GLU A 75 -0.14 19.10 0.23
C GLU A 75 1.03 18.14 0.48
N ASP A 76 0.74 16.92 0.94
CA ASP A 76 1.80 15.97 1.24
C ASP A 76 2.56 15.66 -0.04
N TRP A 77 1.82 15.49 -1.12
CA TRP A 77 2.42 15.20 -2.41
C TRP A 77 3.09 16.45 -2.98
N ASN A 78 2.46 17.59 -2.78
CA ASN A 78 2.99 18.87 -3.25
C ASN A 78 4.25 19.28 -2.47
N ASN A 79 4.38 18.77 -1.25
CA ASN A 79 5.57 19.03 -0.47
C ASN A 79 6.55 17.87 -0.57
N ARG A 80 6.35 17.04 -1.59
CA ARG A 80 7.27 15.95 -1.93
C ARG A 80 7.51 15.02 -0.75
N LYS A 81 6.48 14.79 0.05
CA LYS A 81 6.61 13.99 1.27
C LYS A 81 6.80 12.52 0.95
N GLU A 82 7.37 11.81 1.91
CA GLU A 82 7.61 10.38 1.77
C GLU A 82 6.69 9.60 2.67
N PHE A 83 6.18 8.50 2.14
CA PHE A 83 5.31 7.63 2.91
C PHE A 83 5.83 6.21 2.90
N VAL A 84 5.53 5.48 3.94
CA VAL A 84 6.03 4.13 4.11
C VAL A 84 4.88 3.15 4.24
N CYS A 85 4.85 2.17 3.37
CA CYS A 85 3.83 1.14 3.43
C CYS A 85 4.45 -0.14 3.96
N THR A 86 3.77 -0.77 4.91
CA THR A 86 4.27 -1.98 5.52
C THR A 86 3.22 -3.08 5.43
N VAL A 87 3.61 -4.23 4.94
CA VAL A 87 2.67 -5.31 4.70
C VAL A 87 3.03 -6.56 5.49
N THR A 88 2.06 -7.06 6.24
CA THR A 88 2.24 -8.24 7.06
C THR A 88 1.43 -9.39 6.51
N HIS A 89 2.10 -10.37 5.93
CA HIS A 89 1.46 -11.56 5.42
C HIS A 89 1.61 -12.73 6.38
N ARG A 90 2.44 -12.54 7.41
CA ARG A 90 2.77 -13.61 8.38
C ARG A 90 3.72 -14.62 7.74
N ASP A 91 4.00 -14.42 6.47
CA ASP A 91 4.85 -15.33 5.70
C ASP A 91 6.31 -15.15 6.09
N LEU A 92 6.67 -13.91 6.39
CA LEU A 92 8.04 -13.56 6.72
C LEU A 92 8.11 -12.90 8.09
N PRO A 93 9.27 -13.00 8.75
CA PRO A 93 9.48 -12.49 10.11
C PRO A 93 9.45 -10.97 10.16
N SER A 94 9.67 -10.36 9.00
CA SER A 94 9.70 -8.91 8.90
C SER A 94 8.78 -8.44 7.77
N PRO A 95 7.67 -7.78 8.10
CA PRO A 95 6.78 -7.18 7.11
C PRO A 95 7.54 -6.24 6.19
N GLN A 96 7.11 -6.13 4.92
CA GLN A 96 7.91 -5.37 3.97
C GLN A 96 7.49 -3.93 3.93
N LYS A 97 8.47 -3.04 4.09
CA LYS A 97 8.21 -1.61 4.11
C LYS A 97 8.78 -0.97 2.85
N LYS A 98 7.95 -0.18 2.20
CA LYS A 98 8.33 0.47 0.96
C LYS A 98 8.18 1.97 1.07
N PHE A 99 9.13 2.69 0.48
CA PHE A 99 9.15 4.14 0.51
C PHE A 99 8.60 4.71 -0.79
N ILE A 100 7.58 5.53 -0.69
CA ILE A 100 6.99 6.14 -1.87
C ILE A 100 7.01 7.65 -1.73
N SER A 101 7.32 8.33 -2.81
CA SER A 101 7.41 9.78 -2.81
C SER A 101 7.22 10.31 -4.23
N LYS A 102 6.65 11.49 -4.34
CA LYS A 102 6.47 12.13 -5.62
C LYS A 102 7.80 12.68 -6.12
N MET A 1 11.66 -17.25 -5.64
CA MET A 1 10.69 -18.35 -5.82
C MET A 1 9.40 -18.06 -5.07
N GLY A 2 9.45 -18.19 -3.75
CA GLY A 2 8.29 -17.91 -2.93
C GLY A 2 8.60 -16.85 -1.89
N ASP A 3 8.63 -15.61 -2.33
CA ASP A 3 8.99 -14.49 -1.46
C ASP A 3 7.99 -13.36 -1.64
N ILE A 4 7.47 -12.86 -0.53
CA ILE A 4 6.45 -11.81 -0.58
C ILE A 4 7.03 -10.52 -1.13
N LEU A 5 6.48 -10.05 -2.23
CA LEU A 5 7.01 -8.88 -2.91
C LEU A 5 6.10 -7.68 -2.74
N THR A 6 6.72 -6.55 -2.43
CA THR A 6 5.99 -5.30 -2.19
C THR A 6 6.18 -4.33 -3.33
N PHE A 7 5.07 -3.83 -3.85
CA PHE A 7 5.09 -2.84 -4.92
C PHE A 7 4.24 -1.64 -4.52
N THR A 8 4.68 -0.45 -4.89
CA THR A 8 3.92 0.75 -4.61
C THR A 8 3.55 1.47 -5.90
N ILE A 9 2.32 1.96 -5.96
CA ILE A 9 1.84 2.66 -7.14
C ILE A 9 1.50 4.10 -6.78
N PRO A 10 2.13 5.06 -7.48
CA PRO A 10 1.90 6.48 -7.27
C PRO A 10 0.52 6.92 -7.77
N PRO A 11 -0.08 7.92 -7.13
CA PRO A 11 -1.38 8.46 -7.54
C PRO A 11 -1.28 9.17 -8.89
N SER A 12 -2.37 9.13 -9.63
CA SER A 12 -2.43 9.70 -10.95
C SER A 12 -3.17 11.03 -10.89
N PHE A 13 -2.73 11.99 -11.70
CA PHE A 13 -3.24 13.36 -11.64
C PHE A 13 -4.74 13.44 -11.87
N ALA A 14 -5.28 12.50 -12.66
CA ALA A 14 -6.72 12.43 -12.87
C ALA A 14 -7.43 12.02 -11.58
N ASP A 15 -6.87 11.03 -10.91
CA ASP A 15 -7.42 10.55 -9.65
C ASP A 15 -7.40 11.66 -8.61
N ILE A 16 -6.26 12.34 -8.53
CA ILE A 16 -6.08 13.45 -7.60
C ILE A 16 -7.09 14.57 -7.90
N PHE A 17 -7.47 14.70 -9.16
CA PHE A 17 -8.41 15.74 -9.55
C PHE A 17 -9.82 15.40 -9.05
N LEU A 18 -10.19 14.15 -9.22
CA LEU A 18 -11.53 13.67 -8.88
C LEU A 18 -11.79 13.70 -7.38
N SER A 19 -10.86 13.15 -6.61
CA SER A 19 -11.04 13.09 -5.15
C SER A 19 -10.38 14.28 -4.46
N LYS A 20 -9.77 15.17 -5.26
CA LYS A 20 -9.03 16.33 -4.74
C LYS A 20 -7.74 15.90 -4.04
N SER A 21 -7.85 14.94 -3.15
CA SER A 21 -6.71 14.40 -2.45
C SER A 21 -6.12 13.23 -3.23
N ALA A 22 -4.81 13.02 -3.07
CA ALA A 22 -4.12 11.96 -3.77
C ALA A 22 -4.31 10.64 -3.03
N ASN A 23 -4.18 9.52 -3.73
CA ASN A 23 -4.41 8.21 -3.15
C ASN A 23 -3.25 7.28 -3.46
N LEU A 24 -2.70 6.70 -2.41
CA LEU A 24 -1.60 5.76 -2.54
C LEU A 24 -2.13 4.36 -2.73
N THR A 25 -1.52 3.60 -3.62
CA THR A 25 -1.95 2.24 -3.87
C THR A 25 -0.81 1.26 -3.60
N CYS A 26 -1.10 0.24 -2.81
CA CYS A 26 -0.12 -0.76 -2.45
C CYS A 26 -0.44 -2.09 -3.13
N LEU A 27 0.57 -2.75 -3.65
CA LEU A 27 0.41 -4.03 -4.30
C LEU A 27 1.34 -5.06 -3.68
N VAL A 28 0.79 -6.15 -3.19
CA VAL A 28 1.61 -7.20 -2.57
C VAL A 28 1.35 -8.53 -3.25
N SER A 29 2.40 -9.11 -3.82
CA SER A 29 2.26 -10.32 -4.63
C SER A 29 3.30 -11.37 -4.26
N ASN A 30 3.20 -12.53 -4.91
CA ASN A 30 4.16 -13.63 -4.72
C ASN A 30 4.17 -14.09 -3.27
N LEU A 31 2.99 -14.17 -2.68
CA LEU A 31 2.86 -14.61 -1.31
C LEU A 31 3.30 -16.07 -1.18
N ALA A 32 4.20 -16.34 -0.25
CA ALA A 32 4.72 -17.69 -0.03
C ALA A 32 3.60 -18.62 0.44
N THR A 33 2.61 -18.04 1.09
CA THR A 33 1.46 -18.79 1.56
C THR A 33 0.18 -18.16 1.05
N TYR A 34 -0.83 -18.98 0.80
CA TYR A 34 -2.09 -18.49 0.27
C TYR A 34 -3.09 -18.25 1.39
N GLU A 35 -2.59 -17.60 2.45
CA GLU A 35 -3.42 -17.24 3.60
C GLU A 35 -4.01 -15.85 3.40
N THR A 36 -4.70 -15.35 4.42
CA THR A 36 -5.23 -13.99 4.38
C THR A 36 -4.10 -12.97 4.36
N LEU A 37 -4.23 -11.95 3.52
CA LEU A 37 -3.23 -10.89 3.44
C LEU A 37 -3.84 -9.57 3.88
N ASN A 38 -3.02 -8.70 4.42
CA ASN A 38 -3.49 -7.40 4.89
C ASN A 38 -2.53 -6.32 4.42
N ILE A 39 -3.00 -5.08 4.44
CA ILE A 39 -2.21 -3.95 3.98
C ILE A 39 -2.07 -2.94 5.12
N SER A 40 -0.99 -2.17 5.14
CA SER A 40 -0.82 -1.14 6.16
C SER A 40 0.00 0.03 5.62
N TRP A 41 -0.56 1.23 5.68
CA TRP A 41 0.12 2.42 5.22
C TRP A 41 0.56 3.30 6.39
N ALA A 42 1.71 3.93 6.24
CA ALA A 42 2.25 4.83 7.22
C ALA A 42 3.21 5.79 6.54
N SER A 43 3.43 6.95 7.14
CA SER A 43 4.38 7.90 6.59
C SER A 43 5.78 7.61 7.11
N GLN A 44 6.76 8.16 6.41
CA GLN A 44 8.19 7.86 6.62
C GLN A 44 8.64 8.00 8.07
N SER A 45 7.95 8.83 8.85
CA SER A 45 8.31 9.05 10.24
C SER A 45 7.65 8.02 11.17
N GLY A 46 6.86 7.12 10.58
CA GLY A 46 6.20 6.08 11.33
C GLY A 46 4.81 6.48 11.78
N GLU A 47 4.23 7.44 11.07
CA GLU A 47 2.92 7.95 11.42
C GLU A 47 1.85 7.33 10.52
N PRO A 48 0.78 6.78 11.14
CA PRO A 48 -0.26 6.04 10.42
C PRO A 48 -1.00 6.85 9.37
N LEU A 49 -1.31 6.22 8.25
CA LEU A 49 -2.05 6.85 7.16
C LEU A 49 -3.46 6.29 7.08
N GLU A 50 -4.39 7.14 6.66
CA GLU A 50 -5.77 6.76 6.49
C GLU A 50 -5.90 5.68 5.42
N THR A 51 -6.15 4.45 5.85
CA THR A 51 -6.34 3.33 4.95
C THR A 51 -7.40 2.39 5.52
N LYS A 52 -8.54 2.28 4.84
CA LYS A 52 -9.62 1.47 5.35
C LYS A 52 -9.56 0.10 4.70
N ILE A 53 -9.41 -0.93 5.51
CA ILE A 53 -9.25 -2.29 5.01
C ILE A 53 -10.11 -3.28 5.77
N LYS A 54 -11.01 -3.94 5.06
CA LYS A 54 -11.65 -5.14 5.54
C LYS A 54 -11.56 -6.20 4.48
N VAL A 55 -10.68 -7.18 4.68
CA VAL A 55 -10.44 -8.20 3.67
C VAL A 55 -10.19 -9.55 4.30
N MET A 56 -10.79 -10.56 3.72
CA MET A 56 -10.51 -11.95 4.08
C MET A 56 -9.75 -12.60 2.93
N GLU A 57 -9.94 -12.05 1.74
CA GLU A 57 -9.38 -12.61 0.52
C GLU A 57 -8.55 -11.56 -0.20
N SER A 58 -7.62 -12.01 -1.02
CA SER A 58 -6.88 -11.12 -1.90
C SER A 58 -7.75 -10.79 -3.11
N HIS A 59 -7.43 -9.71 -3.81
CA HIS A 59 -8.26 -9.26 -4.92
C HIS A 59 -7.74 -9.86 -6.22
N PRO A 60 -8.63 -10.48 -7.01
CA PRO A 60 -8.25 -11.13 -8.26
C PRO A 60 -8.43 -10.24 -9.49
N ASN A 61 -8.39 -8.94 -9.29
CA ASN A 61 -8.52 -7.99 -10.40
C ASN A 61 -7.15 -7.54 -10.89
N GLY A 62 -6.76 -8.03 -12.06
CA GLY A 62 -5.47 -7.70 -12.62
C GLY A 62 -4.38 -8.64 -12.13
N THR A 63 -4.40 -8.94 -10.84
CA THR A 63 -3.42 -9.81 -10.23
C THR A 63 -4.06 -10.57 -9.08
N PHE A 64 -3.38 -11.59 -8.56
CA PHE A 64 -3.89 -12.39 -7.44
C PHE A 64 -3.51 -11.78 -6.09
N SER A 65 -3.32 -10.46 -6.08
CA SER A 65 -2.68 -9.78 -4.98
C SER A 65 -3.65 -8.90 -4.18
N ALA A 66 -3.16 -8.34 -3.07
CA ALA A 66 -3.97 -7.48 -2.23
C ALA A 66 -3.54 -6.04 -2.40
N LYS A 67 -4.50 -5.13 -2.31
CA LYS A 67 -4.25 -3.72 -2.54
C LYS A 67 -4.86 -2.88 -1.44
N GLY A 68 -4.15 -1.85 -1.03
CA GLY A 68 -4.64 -0.95 -0.01
C GLY A 68 -4.53 0.50 -0.46
N VAL A 69 -5.55 1.29 -0.17
CA VAL A 69 -5.60 2.66 -0.64
C VAL A 69 -5.52 3.64 0.52
N ALA A 70 -4.56 4.54 0.45
CA ALA A 70 -4.39 5.56 1.47
C ALA A 70 -4.62 6.93 0.85
N SER A 71 -5.37 7.76 1.54
CA SER A 71 -5.68 9.09 1.03
C SER A 71 -4.76 10.12 1.67
N VAL A 72 -4.06 10.85 0.83
CA VAL A 72 -3.07 11.81 1.29
C VAL A 72 -3.41 13.20 0.75
N SER A 73 -2.80 14.21 1.32
CA SER A 73 -3.02 15.57 0.87
C SER A 73 -2.09 15.88 -0.28
N VAL A 74 -2.54 16.75 -1.18
CA VAL A 74 -1.72 17.19 -2.29
C VAL A 74 -0.52 17.95 -1.75
N GLU A 75 -0.68 18.47 -0.55
CA GLU A 75 0.37 19.17 0.16
C GLU A 75 1.52 18.21 0.50
N ASP A 76 1.19 16.97 0.84
CA ASP A 76 2.19 15.97 1.17
C ASP A 76 2.98 15.63 -0.09
N TRP A 77 2.24 15.44 -1.17
CA TRP A 77 2.83 15.09 -2.45
C TRP A 77 3.62 16.27 -3.01
N ASN A 78 3.12 17.47 -2.77
CA ASN A 78 3.79 18.70 -3.22
C ASN A 78 5.07 18.95 -2.44
N ASN A 79 5.13 18.47 -1.20
CA ASN A 79 6.33 18.61 -0.39
C ASN A 79 7.23 17.40 -0.56
N ARG A 80 6.84 16.52 -1.49
CA ARG A 80 7.63 15.36 -1.87
C ARG A 80 7.88 14.46 -0.67
N LYS A 81 6.87 14.34 0.18
CA LYS A 81 6.94 13.50 1.35
C LYS A 81 7.01 12.04 0.97
N GLU A 82 7.54 11.23 1.86
CA GLU A 82 7.71 9.81 1.61
C GLU A 82 6.74 9.00 2.43
N PHE A 83 6.17 7.99 1.82
CA PHE A 83 5.22 7.13 2.51
C PHE A 83 5.68 5.68 2.43
N VAL A 84 5.31 4.92 3.44
CA VAL A 84 5.76 3.56 3.58
C VAL A 84 4.58 2.60 3.71
N CYS A 85 4.61 1.54 2.94
CA CYS A 85 3.61 0.50 3.05
C CYS A 85 4.21 -0.73 3.73
N THR A 86 3.57 -1.18 4.79
CA THR A 86 4.01 -2.35 5.51
C THR A 86 3.02 -3.49 5.34
N VAL A 87 3.54 -4.69 5.14
CA VAL A 87 2.69 -5.84 4.88
C VAL A 87 2.82 -6.89 5.97
N THR A 88 1.67 -7.30 6.52
CA THR A 88 1.63 -8.34 7.53
C THR A 88 0.81 -9.52 7.05
N HIS A 89 1.48 -10.52 6.48
CA HIS A 89 0.78 -11.67 5.94
C HIS A 89 0.53 -12.70 7.04
N ARG A 90 1.61 -13.03 7.76
CA ARG A 90 1.62 -14.05 8.82
C ARG A 90 3.02 -14.65 8.91
N ASP A 91 3.65 -14.74 7.75
CA ASP A 91 4.88 -15.52 7.58
C ASP A 91 6.07 -14.86 8.26
N LEU A 92 6.05 -13.54 8.33
CA LEU A 92 7.16 -12.83 8.94
C LEU A 92 6.69 -12.04 10.15
N PRO A 93 7.60 -11.89 11.13
CA PRO A 93 7.31 -11.22 12.40
C PRO A 93 7.34 -9.70 12.25
N SER A 94 8.11 -9.24 11.28
CA SER A 94 8.25 -7.82 11.02
C SER A 94 7.75 -7.51 9.62
N PRO A 95 6.76 -6.61 9.49
CA PRO A 95 6.20 -6.25 8.20
C PRO A 95 7.23 -5.66 7.27
N GLN A 96 7.16 -6.02 5.99
CA GLN A 96 8.07 -5.50 5.01
C GLN A 96 7.65 -4.09 4.60
N LYS A 97 8.60 -3.18 4.53
CA LYS A 97 8.31 -1.79 4.29
C LYS A 97 8.83 -1.32 2.94
N LYS A 98 7.94 -0.71 2.17
CA LYS A 98 8.27 -0.19 0.85
C LYS A 98 7.98 1.30 0.81
N PHE A 99 8.84 2.05 0.14
CA PHE A 99 8.70 3.51 0.09
C PHE A 99 8.08 3.95 -1.23
N ILE A 100 7.33 5.03 -1.18
CA ILE A 100 6.73 5.61 -2.38
C ILE A 100 6.93 7.12 -2.41
N SER A 101 7.26 7.64 -3.58
CA SER A 101 7.45 9.06 -3.78
C SER A 101 7.27 9.38 -5.26
N LYS A 102 6.81 10.59 -5.59
CA LYS A 102 6.64 10.96 -6.99
C LYS A 102 7.90 11.65 -7.51
N MET A 1 10.56 -19.72 -4.80
CA MET A 1 9.59 -20.46 -3.98
C MET A 1 8.28 -19.70 -3.86
N GLY A 2 8.35 -18.48 -3.32
CA GLY A 2 7.17 -17.67 -3.17
C GLY A 2 7.47 -16.39 -2.42
N ASP A 3 8.42 -15.64 -2.93
CA ASP A 3 8.83 -14.39 -2.31
C ASP A 3 7.73 -13.35 -2.40
N ILE A 4 7.25 -12.91 -1.25
CA ILE A 4 6.20 -11.91 -1.19
C ILE A 4 6.67 -10.62 -1.84
N LEU A 5 5.93 -10.20 -2.85
CA LEU A 5 6.30 -9.01 -3.59
C LEU A 5 5.34 -7.87 -3.28
N THR A 6 5.88 -6.68 -3.15
CA THR A 6 5.07 -5.51 -2.89
C THR A 6 5.48 -4.35 -3.80
N PHE A 7 4.52 -3.81 -4.52
CA PHE A 7 4.76 -2.71 -5.42
C PHE A 7 3.89 -1.53 -5.03
N THR A 8 4.43 -0.34 -5.15
CA THR A 8 3.71 0.87 -4.76
C THR A 8 3.42 1.74 -5.97
N ILE A 9 2.18 2.19 -6.07
CA ILE A 9 1.76 3.05 -7.17
C ILE A 9 1.32 4.40 -6.64
N PRO A 10 1.94 5.47 -7.14
CA PRO A 10 1.61 6.84 -6.75
C PRO A 10 0.35 7.35 -7.43
N PRO A 11 -0.43 8.17 -6.72
CA PRO A 11 -1.63 8.79 -7.29
C PRO A 11 -1.28 9.89 -8.29
N SER A 12 -2.12 10.04 -9.29
CA SER A 12 -1.88 10.98 -10.37
C SER A 12 -2.60 12.30 -10.11
N PHE A 13 -2.10 13.38 -10.70
CA PHE A 13 -2.62 14.71 -10.41
C PHE A 13 -4.13 14.80 -10.68
N ALA A 14 -4.55 14.24 -11.80
CA ALA A 14 -5.96 14.26 -12.19
C ALA A 14 -6.82 13.54 -11.15
N ASP A 15 -6.37 12.38 -10.72
CA ASP A 15 -7.11 11.56 -9.76
C ASP A 15 -7.24 12.28 -8.42
N ILE A 16 -6.16 12.93 -8.00
CA ILE A 16 -6.16 13.68 -6.76
C ILE A 16 -7.01 14.94 -6.89
N PHE A 17 -7.05 15.49 -8.10
CA PHE A 17 -7.73 16.75 -8.35
C PHE A 17 -9.25 16.58 -8.26
N LEU A 18 -9.76 15.51 -8.86
CA LEU A 18 -11.19 15.25 -8.89
C LEU A 18 -11.73 14.89 -7.51
N SER A 19 -11.04 13.97 -6.84
CA SER A 19 -11.47 13.51 -5.53
C SER A 19 -11.05 14.48 -4.43
N LYS A 20 -10.16 15.40 -4.78
CA LYS A 20 -9.61 16.38 -3.84
C LYS A 20 -8.88 15.69 -2.69
N SER A 21 -8.47 14.45 -2.94
CA SER A 21 -7.79 13.65 -1.93
C SER A 21 -6.63 12.88 -2.56
N ALA A 22 -5.51 12.85 -1.86
CA ALA A 22 -4.39 12.04 -2.30
C ALA A 22 -4.40 10.72 -1.56
N ASN A 23 -3.93 9.67 -2.20
CA ASN A 23 -4.01 8.34 -1.63
C ASN A 23 -2.96 7.43 -2.24
N LEU A 24 -2.19 6.78 -1.40
CA LEU A 24 -1.17 5.88 -1.85
C LEU A 24 -1.78 4.51 -2.12
N THR A 25 -1.24 3.82 -3.11
CA THR A 25 -1.76 2.52 -3.47
C THR A 25 -0.66 1.46 -3.43
N CYS A 26 -0.88 0.45 -2.61
CA CYS A 26 0.07 -0.64 -2.47
C CYS A 26 -0.54 -1.93 -3.01
N LEU A 27 0.25 -2.70 -3.73
CA LEU A 27 -0.19 -4.00 -4.22
C LEU A 27 0.86 -5.06 -3.93
N VAL A 28 0.40 -6.22 -3.50
CA VAL A 28 1.29 -7.34 -3.21
C VAL A 28 1.03 -8.49 -4.16
N SER A 29 2.06 -9.23 -4.49
CA SER A 29 1.95 -10.37 -5.39
C SER A 29 2.87 -11.50 -4.95
N ASN A 30 2.78 -12.64 -5.64
CA ASN A 30 3.68 -13.79 -5.42
C ASN A 30 3.61 -14.31 -3.98
N LEU A 31 2.44 -14.20 -3.36
CA LEU A 31 2.26 -14.73 -2.01
C LEU A 31 2.24 -16.26 -2.06
N ALA A 32 3.19 -16.89 -1.37
CA ALA A 32 3.28 -18.35 -1.35
C ALA A 32 2.21 -18.93 -0.43
N THR A 33 2.12 -18.39 0.76
CA THR A 33 1.12 -18.80 1.71
C THR A 33 -0.18 -18.04 1.46
N TYR A 34 -1.31 -18.64 1.80
CA TYR A 34 -2.60 -18.07 1.44
C TYR A 34 -3.34 -17.55 2.66
N GLU A 35 -4.17 -16.52 2.44
CA GLU A 35 -4.94 -15.86 3.50
C GLU A 35 -4.03 -15.12 4.47
N THR A 36 -4.64 -14.25 5.27
CA THR A 36 -3.94 -13.51 6.31
C THR A 36 -2.88 -12.57 5.71
N LEU A 37 -3.33 -11.62 4.91
CA LEU A 37 -2.48 -10.56 4.45
C LEU A 37 -3.12 -9.23 4.78
N ASN A 38 -2.30 -8.21 4.88
CA ASN A 38 -2.77 -6.89 5.24
C ASN A 38 -1.90 -5.84 4.58
N ILE A 39 -2.45 -4.66 4.39
CA ILE A 39 -1.73 -3.55 3.84
C ILE A 39 -1.73 -2.40 4.85
N SER A 40 -0.59 -1.79 5.06
CA SER A 40 -0.50 -0.68 5.97
C SER A 40 0.39 0.41 5.38
N TRP A 41 0.08 1.65 5.70
CA TRP A 41 0.88 2.77 5.25
C TRP A 41 1.35 3.59 6.43
N ALA A 42 2.51 4.20 6.30
CA ALA A 42 3.07 5.05 7.31
C ALA A 42 3.85 6.16 6.64
N SER A 43 3.94 7.30 7.27
CA SER A 43 4.77 8.36 6.76
C SER A 43 6.23 8.03 7.05
N GLN A 44 7.12 8.52 6.20
CA GLN A 44 8.56 8.26 6.33
C GLN A 44 9.09 8.61 7.73
N SER A 45 8.39 9.52 8.42
CA SER A 45 8.77 9.92 9.76
C SER A 45 8.44 8.82 10.78
N GLY A 46 7.77 7.78 10.32
CA GLY A 46 7.40 6.67 11.18
C GLY A 46 6.03 6.85 11.79
N GLU A 47 5.23 7.71 11.18
CA GLU A 47 3.89 7.99 11.67
C GLU A 47 2.87 7.19 10.87
N PRO A 48 2.08 6.35 11.55
CA PRO A 48 1.12 5.45 10.90
C PRO A 48 0.02 6.21 10.15
N LEU A 49 -0.33 5.71 8.98
CA LEU A 49 -1.39 6.29 8.17
C LEU A 49 -2.62 5.41 8.20
N GLU A 50 -3.78 6.05 8.16
CA GLU A 50 -5.03 5.32 8.16
C GLU A 50 -5.23 4.65 6.81
N THR A 51 -5.07 3.33 6.80
CA THR A 51 -5.15 2.57 5.58
C THR A 51 -6.47 1.82 5.52
N LYS A 52 -7.21 2.03 4.44
CA LYS A 52 -8.46 1.31 4.23
C LYS A 52 -8.38 0.57 2.91
N ILE A 53 -8.85 -0.66 2.92
CA ILE A 53 -8.80 -1.49 1.75
C ILE A 53 -10.20 -1.71 1.20
N LYS A 54 -10.36 -1.56 -0.10
CA LYS A 54 -11.62 -1.87 -0.74
C LYS A 54 -11.55 -3.29 -1.29
N VAL A 55 -12.66 -4.01 -1.14
CA VAL A 55 -12.68 -5.46 -1.25
C VAL A 55 -11.97 -6.04 -0.01
N MET A 56 -12.76 -6.59 0.90
CA MET A 56 -12.25 -7.02 2.20
C MET A 56 -11.39 -8.28 2.08
N GLU A 57 -11.26 -8.79 0.87
CA GLU A 57 -10.54 -10.02 0.63
C GLU A 57 -9.44 -9.78 -0.40
N SER A 58 -8.41 -10.60 -0.33
CA SER A 58 -7.30 -10.53 -1.27
C SER A 58 -7.72 -11.18 -2.59
N HIS A 59 -6.91 -11.01 -3.62
CA HIS A 59 -7.33 -11.41 -4.96
C HIS A 59 -7.01 -12.88 -5.20
N PRO A 60 -7.89 -13.55 -5.96
CA PRO A 60 -7.96 -15.01 -6.02
C PRO A 60 -6.80 -15.69 -6.74
N ASN A 61 -6.46 -16.88 -6.19
CA ASN A 61 -5.42 -17.80 -6.68
C ASN A 61 -4.91 -18.55 -5.45
N GLY A 62 -5.87 -18.97 -4.62
CA GLY A 62 -5.59 -19.26 -3.24
C GLY A 62 -5.44 -17.93 -2.53
N THR A 63 -4.36 -17.27 -2.88
CA THR A 63 -4.22 -15.84 -2.72
C THR A 63 -3.22 -15.39 -3.77
N PHE A 64 -3.37 -14.20 -4.31
CA PHE A 64 -2.45 -13.74 -5.33
C PHE A 64 -2.00 -12.30 -5.10
N SER A 65 -2.88 -11.51 -4.52
CA SER A 65 -2.62 -10.08 -4.45
C SER A 65 -3.51 -9.39 -3.42
N ALA A 66 -3.00 -8.32 -2.85
CA ALA A 66 -3.77 -7.44 -2.00
C ALA A 66 -3.53 -5.99 -2.42
N LYS A 67 -4.47 -5.12 -2.12
CA LYS A 67 -4.33 -3.71 -2.44
C LYS A 67 -4.70 -2.88 -1.21
N GLY A 68 -3.96 -1.82 -0.97
CA GLY A 68 -4.23 -0.98 0.18
C GLY A 68 -4.10 0.49 -0.14
N VAL A 69 -5.09 1.26 0.28
CA VAL A 69 -5.13 2.68 0.01
C VAL A 69 -5.07 3.48 1.29
N ALA A 70 -4.22 4.49 1.32
CA ALA A 70 -4.08 5.36 2.47
C ALA A 70 -4.52 6.76 2.11
N SER A 71 -5.23 7.42 3.02
CA SER A 71 -5.78 8.74 2.73
C SER A 71 -4.87 9.82 3.30
N VAL A 72 -4.35 10.66 2.41
CA VAL A 72 -3.42 11.72 2.78
C VAL A 72 -3.87 13.04 2.18
N SER A 73 -3.29 14.13 2.64
CA SER A 73 -3.66 15.44 2.15
C SER A 73 -3.01 15.67 0.79
N VAL A 74 -3.65 16.48 -0.05
CA VAL A 74 -3.12 16.81 -1.36
C VAL A 74 -1.77 17.52 -1.19
N GLU A 75 -1.69 18.27 -0.10
CA GLU A 75 -0.48 18.99 0.29
C GLU A 75 0.73 18.07 0.43
N ASP A 76 0.51 16.87 0.96
CA ASP A 76 1.62 15.96 1.22
C ASP A 76 2.23 15.52 -0.09
N TRP A 77 1.37 15.25 -1.05
CA TRP A 77 1.84 14.85 -2.37
C TRP A 77 2.39 16.03 -3.13
N ASN A 78 1.80 17.20 -2.91
CA ASN A 78 2.25 18.43 -3.55
C ASN A 78 3.60 18.89 -3.00
N ASN A 79 3.96 18.41 -1.82
CA ASN A 79 5.26 18.72 -1.23
C ASN A 79 6.22 17.55 -1.39
N ARG A 80 5.77 16.55 -2.16
CA ARG A 80 6.59 15.39 -2.48
C ARG A 80 7.03 14.64 -1.23
N LYS A 81 6.13 14.55 -0.26
CA LYS A 81 6.39 13.81 0.97
C LYS A 81 6.60 12.32 0.68
N GLU A 82 7.16 11.62 1.65
CA GLU A 82 7.39 10.19 1.51
C GLU A 82 6.43 9.40 2.37
N PHE A 83 5.89 8.34 1.80
CA PHE A 83 5.05 7.41 2.52
C PHE A 83 5.57 6.01 2.29
N VAL A 84 5.39 5.17 3.26
CA VAL A 84 5.94 3.84 3.21
C VAL A 84 4.90 2.80 3.62
N CYS A 85 4.82 1.73 2.86
CA CYS A 85 3.82 0.70 3.13
C CYS A 85 4.47 -0.52 3.76
N THR A 86 3.74 -1.12 4.67
CA THR A 86 4.17 -2.34 5.32
C THR A 86 3.25 -3.50 4.94
N VAL A 87 3.84 -4.60 4.53
CA VAL A 87 3.09 -5.79 4.18
C VAL A 87 3.23 -6.83 5.29
N THR A 88 2.10 -7.34 5.78
CA THR A 88 2.14 -8.21 6.93
C THR A 88 1.37 -9.50 6.63
N HIS A 89 2.11 -10.50 6.21
CA HIS A 89 1.52 -11.79 5.85
C HIS A 89 1.67 -12.79 6.97
N ARG A 90 2.48 -12.44 7.98
CA ARG A 90 2.87 -13.35 9.08
C ARG A 90 3.80 -14.44 8.52
N ASP A 91 3.96 -14.44 7.21
CA ASP A 91 4.76 -15.43 6.51
C ASP A 91 6.25 -15.18 6.75
N LEU A 92 6.57 -13.92 6.97
CA LEU A 92 7.93 -13.50 7.24
C LEU A 92 8.03 -12.86 8.63
N PRO A 93 9.22 -12.91 9.23
CA PRO A 93 9.45 -12.39 10.59
C PRO A 93 9.49 -10.87 10.64
N SER A 94 9.75 -10.26 9.51
CA SER A 94 9.82 -8.81 9.40
C SER A 94 9.00 -8.31 8.23
N PRO A 95 7.96 -7.49 8.51
CA PRO A 95 7.13 -6.89 7.47
C PRO A 95 7.95 -6.07 6.48
N GLN A 96 7.60 -6.14 5.21
CA GLN A 96 8.36 -5.45 4.18
C GLN A 96 7.91 -4.01 4.07
N LYS A 97 8.84 -3.13 3.69
CA LYS A 97 8.58 -1.71 3.61
C LYS A 97 8.93 -1.17 2.23
N LYS A 98 8.07 -0.31 1.71
CA LYS A 98 8.30 0.31 0.40
C LYS A 98 8.12 1.81 0.51
N PHE A 99 9.05 2.56 -0.06
CA PHE A 99 9.04 4.01 0.07
C PHE A 99 8.49 4.64 -1.18
N ILE A 100 7.46 5.46 -1.02
CA ILE A 100 6.83 6.10 -2.16
C ILE A 100 6.87 7.64 -2.03
N SER A 101 7.10 8.31 -3.15
CA SER A 101 7.08 9.75 -3.19
C SER A 101 6.81 10.21 -4.62
N LYS A 102 6.16 11.36 -4.77
CA LYS A 102 5.86 11.89 -6.09
C LYS A 102 7.14 12.42 -6.74
N MET A 1 4.22 -21.32 -2.75
CA MET A 1 5.48 -20.75 -2.24
C MET A 1 5.98 -19.64 -3.13
N GLY A 2 6.97 -18.90 -2.63
CA GLY A 2 7.54 -17.80 -3.38
C GLY A 2 8.03 -16.69 -2.48
N ASP A 3 8.59 -15.66 -3.09
CA ASP A 3 9.09 -14.50 -2.35
C ASP A 3 8.11 -13.35 -2.45
N ILE A 4 7.66 -12.89 -1.30
CA ILE A 4 6.65 -11.83 -1.23
C ILE A 4 7.18 -10.54 -1.85
N LEU A 5 6.49 -10.06 -2.87
CA LEU A 5 6.90 -8.83 -3.54
C LEU A 5 5.87 -7.74 -3.35
N THR A 6 6.34 -6.55 -3.00
CA THR A 6 5.47 -5.40 -2.82
C THR A 6 5.87 -4.27 -3.76
N PHE A 7 4.89 -3.73 -4.47
CA PHE A 7 5.10 -2.62 -5.38
C PHE A 7 4.16 -1.47 -5.00
N THR A 8 4.62 -0.24 -5.20
CA THR A 8 3.81 0.92 -4.86
C THR A 8 3.48 1.73 -6.10
N ILE A 9 2.24 2.19 -6.18
CA ILE A 9 1.78 2.99 -7.31
C ILE A 9 1.36 4.37 -6.83
N PRO A 10 1.92 5.42 -7.44
CA PRO A 10 1.60 6.81 -7.10
C PRO A 10 0.27 7.27 -7.70
N PRO A 11 -0.42 8.18 -7.01
CA PRO A 11 -1.65 8.79 -7.54
C PRO A 11 -1.33 9.88 -8.56
N SER A 12 -2.24 10.07 -9.49
CA SER A 12 -2.03 11.03 -10.56
C SER A 12 -2.55 12.41 -10.16
N PHE A 13 -1.92 13.46 -10.67
CA PHE A 13 -2.26 14.83 -10.25
C PHE A 13 -3.75 15.10 -10.42
N ALA A 14 -4.31 14.67 -11.55
CA ALA A 14 -5.72 14.86 -11.84
C ALA A 14 -6.61 14.17 -10.80
N ASP A 15 -6.28 12.93 -10.47
CA ASP A 15 -7.08 12.16 -9.53
C ASP A 15 -7.03 12.77 -8.14
N ILE A 16 -5.87 13.30 -7.77
CA ILE A 16 -5.71 13.96 -6.48
C ILE A 16 -6.63 15.17 -6.38
N PHE A 17 -6.80 15.87 -7.50
CA PHE A 17 -7.63 17.07 -7.54
C PHE A 17 -9.11 16.69 -7.43
N LEU A 18 -9.49 15.66 -8.17
CA LEU A 18 -10.86 15.18 -8.17
C LEU A 18 -11.24 14.58 -6.82
N SER A 19 -10.38 13.72 -6.31
CA SER A 19 -10.63 13.05 -5.04
C SER A 19 -10.40 13.99 -3.85
N LYS A 20 -9.78 15.14 -4.12
CA LYS A 20 -9.48 16.15 -3.10
C LYS A 20 -8.38 15.67 -2.15
N SER A 21 -8.05 14.40 -2.26
CA SER A 21 -7.01 13.78 -1.47
C SER A 21 -6.20 12.84 -2.35
N ALA A 22 -4.92 12.72 -2.06
CA ALA A 22 -4.06 11.80 -2.79
C ALA A 22 -4.12 10.44 -2.11
N ASN A 23 -3.81 9.40 -2.87
CA ASN A 23 -4.01 8.05 -2.40
C ASN A 23 -2.86 7.16 -2.80
N LEU A 24 -2.14 6.64 -1.82
CA LEU A 24 -1.08 5.70 -2.11
C LEU A 24 -1.70 4.35 -2.47
N THR A 25 -1.09 3.65 -3.39
CA THR A 25 -1.58 2.35 -3.79
C THR A 25 -0.48 1.31 -3.66
N CYS A 26 -0.78 0.26 -2.91
CA CYS A 26 0.17 -0.81 -2.71
C CYS A 26 -0.30 -2.09 -3.38
N LEU A 27 0.62 -2.78 -4.04
CA LEU A 27 0.33 -4.03 -4.70
C LEU A 27 1.29 -5.10 -4.19
N VAL A 28 0.75 -6.18 -3.64
CA VAL A 28 1.58 -7.25 -3.11
C VAL A 28 1.27 -8.56 -3.80
N SER A 29 2.29 -9.22 -4.34
CA SER A 29 2.10 -10.45 -5.08
C SER A 29 3.19 -11.48 -4.75
N ASN A 30 3.06 -12.67 -5.33
CA ASN A 30 4.00 -13.78 -5.12
C ASN A 30 4.11 -14.14 -3.65
N LEU A 31 2.96 -14.33 -3.01
CA LEU A 31 2.92 -14.63 -1.59
C LEU A 31 3.34 -16.08 -1.33
N ALA A 32 3.93 -16.30 -0.17
CA ALA A 32 4.45 -17.62 0.21
C ALA A 32 3.32 -18.57 0.60
N THR A 33 2.19 -18.03 1.00
CA THR A 33 1.04 -18.86 1.35
C THR A 33 0.06 -18.93 0.19
N TYR A 34 -1.16 -19.36 0.46
CA TYR A 34 -2.18 -19.43 -0.56
C TYR A 34 -3.15 -18.26 -0.41
N GLU A 35 -3.25 -17.75 0.81
CA GLU A 35 -4.12 -16.63 1.10
C GLU A 35 -3.73 -16.01 2.44
N THR A 36 -4.52 -15.04 2.90
CA THR A 36 -4.26 -14.33 4.16
C THR A 36 -3.11 -13.35 4.03
N LEU A 37 -3.45 -12.06 4.05
CA LEU A 37 -2.46 -10.98 3.95
C LEU A 37 -3.11 -9.65 4.33
N ASN A 38 -2.33 -8.75 4.88
CA ASN A 38 -2.82 -7.44 5.32
C ASN A 38 -1.97 -6.34 4.73
N ILE A 39 -2.54 -5.14 4.64
CA ILE A 39 -1.84 -4.00 4.10
C ILE A 39 -1.78 -2.88 5.13
N SER A 40 -0.64 -2.23 5.26
CA SER A 40 -0.48 -1.12 6.20
C SER A 40 0.27 0.03 5.54
N TRP A 41 -0.12 1.25 5.88
CA TRP A 41 0.56 2.44 5.38
C TRP A 41 0.93 3.38 6.51
N ALA A 42 2.05 4.05 6.37
CA ALA A 42 2.48 5.09 7.29
C ALA A 42 3.40 6.06 6.58
N SER A 43 3.24 7.34 6.87
CA SER A 43 4.13 8.35 6.34
C SER A 43 5.53 8.18 6.92
N GLN A 44 6.51 8.66 6.19
CA GLN A 44 7.91 8.58 6.59
C GLN A 44 8.13 9.37 7.87
N SER A 45 7.26 10.34 8.11
CA SER A 45 7.33 11.16 9.31
C SER A 45 6.79 10.39 10.53
N GLY A 46 6.30 9.19 10.31
CA GLY A 46 5.76 8.38 11.39
C GLY A 46 4.28 8.65 11.59
N GLU A 47 3.65 9.15 10.55
CA GLU A 47 2.23 9.47 10.60
C GLU A 47 1.42 8.27 10.10
N PRO A 48 0.53 7.73 10.93
CA PRO A 48 -0.27 6.57 10.56
C PRO A 48 -1.23 6.90 9.42
N LEU A 49 -1.29 6.03 8.44
CA LEU A 49 -2.14 6.23 7.30
C LEU A 49 -3.38 5.36 7.41
N GLU A 50 -4.50 5.91 6.99
CA GLU A 50 -5.74 5.18 6.96
C GLU A 50 -5.92 4.53 5.60
N THR A 51 -5.76 3.21 5.59
CA THR A 51 -5.78 2.44 4.37
C THR A 51 -7.14 1.80 4.16
N LYS A 52 -7.66 1.90 2.95
CA LYS A 52 -8.95 1.31 2.62
C LYS A 52 -8.72 -0.07 2.02
N ILE A 53 -9.33 -1.08 2.64
CA ILE A 53 -9.12 -2.47 2.25
C ILE A 53 -10.46 -3.12 1.96
N LYS A 54 -10.62 -3.62 0.74
CA LYS A 54 -11.81 -4.38 0.39
C LYS A 54 -11.52 -5.86 0.50
N VAL A 55 -12.12 -6.48 1.51
CA VAL A 55 -11.79 -7.84 1.93
C VAL A 55 -10.46 -7.82 2.67
N MET A 56 -10.50 -8.12 3.96
CA MET A 56 -9.32 -8.05 4.84
C MET A 56 -8.25 -9.09 4.48
N GLU A 57 -8.42 -9.76 3.37
CA GLU A 57 -7.52 -10.82 2.96
C GLU A 57 -7.16 -10.63 1.49
N SER A 58 -6.00 -11.15 1.11
CA SER A 58 -5.51 -10.98 -0.24
C SER A 58 -6.26 -11.91 -1.18
N HIS A 59 -6.43 -11.48 -2.42
CA HIS A 59 -7.28 -12.23 -3.34
C HIS A 59 -6.43 -13.21 -4.13
N PRO A 60 -6.81 -14.50 -4.09
CA PRO A 60 -6.16 -15.56 -4.82
C PRO A 60 -6.96 -16.08 -6.02
N ASN A 61 -8.15 -15.52 -6.25
CA ASN A 61 -9.03 -16.03 -7.29
C ASN A 61 -8.90 -15.22 -8.57
N GLY A 62 -9.56 -14.07 -8.62
CA GLY A 62 -9.49 -13.22 -9.80
C GLY A 62 -8.30 -12.30 -9.75
N THR A 63 -7.48 -12.50 -8.75
CA THR A 63 -6.29 -11.70 -8.54
C THR A 63 -5.24 -12.57 -7.87
N PHE A 64 -4.00 -12.12 -7.85
CA PHE A 64 -2.93 -12.83 -7.18
C PHE A 64 -2.28 -11.90 -6.16
N SER A 65 -3.03 -10.88 -5.76
CA SER A 65 -2.47 -9.78 -5.02
C SER A 65 -3.44 -9.25 -3.96
N ALA A 66 -2.87 -8.50 -3.03
CA ALA A 66 -3.64 -7.65 -2.13
C ALA A 66 -3.35 -6.20 -2.51
N LYS A 67 -4.32 -5.32 -2.30
CA LYS A 67 -4.15 -3.93 -2.67
C LYS A 67 -4.58 -3.04 -1.52
N GLY A 68 -3.84 -1.96 -1.31
CA GLY A 68 -4.11 -1.06 -0.21
C GLY A 68 -3.99 0.37 -0.64
N VAL A 69 -5.00 1.16 -0.29
CA VAL A 69 -5.07 2.55 -0.67
C VAL A 69 -5.18 3.44 0.56
N ALA A 70 -4.26 4.38 0.68
CA ALA A 70 -4.19 5.25 1.85
C ALA A 70 -4.44 6.69 1.44
N SER A 71 -5.05 7.46 2.33
CA SER A 71 -5.50 8.80 1.98
C SER A 71 -4.58 9.86 2.60
N VAL A 72 -4.03 10.71 1.75
CA VAL A 72 -3.16 11.79 2.20
C VAL A 72 -3.67 13.12 1.68
N SER A 73 -3.17 14.20 2.26
CA SER A 73 -3.53 15.53 1.82
C SER A 73 -2.68 15.90 0.61
N VAL A 74 -3.20 16.78 -0.23
CA VAL A 74 -2.49 17.21 -1.42
C VAL A 74 -1.14 17.84 -1.04
N GLU A 75 -1.14 18.52 0.10
CA GLU A 75 0.04 19.19 0.60
C GLU A 75 1.20 18.23 0.84
N ASP A 76 0.88 17.01 1.22
CA ASP A 76 1.92 16.00 1.45
C ASP A 76 2.63 15.70 0.14
N TRP A 77 1.84 15.58 -0.91
CA TRP A 77 2.36 15.31 -2.24
C TRP A 77 3.03 16.55 -2.82
N ASN A 78 2.46 17.71 -2.50
CA ASN A 78 3.00 19.00 -2.96
C ASN A 78 4.38 19.26 -2.37
N ASN A 79 4.60 18.79 -1.15
CA ASN A 79 5.90 18.96 -0.48
C ASN A 79 6.81 17.77 -0.78
N ARG A 80 6.36 16.92 -1.70
CA ARG A 80 7.08 15.72 -2.12
C ARG A 80 7.43 14.84 -0.92
N LYS A 81 6.51 14.77 0.02
CA LYS A 81 6.68 13.89 1.17
C LYS A 81 6.66 12.44 0.71
N GLU A 82 7.21 11.57 1.53
CA GLU A 82 7.33 10.17 1.18
C GLU A 82 6.54 9.32 2.15
N PHE A 83 5.90 8.30 1.62
CA PHE A 83 5.07 7.43 2.42
C PHE A 83 5.59 6.01 2.37
N VAL A 84 5.34 5.27 3.43
CA VAL A 84 5.88 3.94 3.59
C VAL A 84 4.77 2.92 3.76
N CYS A 85 4.83 1.87 2.98
CA CYS A 85 3.88 0.79 3.13
C CYS A 85 4.55 -0.40 3.79
N THR A 86 4.00 -0.81 4.92
CA THR A 86 4.50 -1.99 5.60
C THR A 86 3.59 -3.17 5.38
N VAL A 87 4.07 -4.15 4.66
CA VAL A 87 3.29 -5.33 4.37
C VAL A 87 3.63 -6.45 5.34
N THR A 88 2.61 -6.97 6.00
CA THR A 88 2.80 -8.04 6.95
C THR A 88 2.02 -9.26 6.49
N HIS A 89 2.74 -10.30 6.13
CA HIS A 89 2.11 -11.52 5.67
C HIS A 89 2.03 -12.52 6.81
N ARG A 90 3.19 -12.74 7.45
CA ARG A 90 3.34 -13.62 8.62
C ARG A 90 4.70 -14.31 8.57
N ASP A 91 5.15 -14.58 7.36
CA ASP A 91 6.32 -15.43 7.15
C ASP A 91 7.59 -14.72 7.55
N LEU A 92 7.62 -13.43 7.32
CA LEU A 92 8.81 -12.65 7.59
C LEU A 92 8.79 -12.07 9.00
N PRO A 93 9.99 -11.97 9.61
CA PRO A 93 10.15 -11.54 11.00
C PRO A 93 9.89 -10.06 11.19
N SER A 94 9.95 -9.32 10.10
CA SER A 94 9.66 -7.91 10.10
C SER A 94 8.96 -7.55 8.80
N PRO A 95 7.89 -6.75 8.87
CA PRO A 95 7.11 -6.34 7.70
C PRO A 95 7.96 -5.63 6.66
N GLN A 96 7.68 -5.92 5.39
CA GLN A 96 8.43 -5.32 4.30
C GLN A 96 7.90 -3.93 4.01
N LYS A 97 8.81 -2.97 3.86
CA LYS A 97 8.42 -1.58 3.68
C LYS A 97 8.81 -1.06 2.31
N LYS A 98 7.95 -0.23 1.74
CA LYS A 98 8.21 0.40 0.46
C LYS A 98 7.98 1.91 0.56
N PHE A 99 8.85 2.66 -0.09
CA PHE A 99 8.79 4.11 -0.05
C PHE A 99 8.16 4.65 -1.32
N ILE A 100 7.22 5.57 -1.19
CA ILE A 100 6.58 6.14 -2.36
C ILE A 100 6.62 7.68 -2.32
N SER A 101 6.93 8.27 -3.46
CA SER A 101 6.93 9.71 -3.62
C SER A 101 6.80 10.04 -5.11
N LYS A 102 6.14 11.16 -5.43
CA LYS A 102 5.90 11.51 -6.82
C LYS A 102 7.08 12.28 -7.38
N MET A 1 6.33 -22.56 -3.36
CA MET A 1 7.11 -21.54 -2.63
C MET A 1 7.54 -20.44 -3.58
N GLY A 2 7.28 -19.21 -3.19
CA GLY A 2 7.68 -18.07 -3.98
C GLY A 2 7.50 -16.79 -3.21
N ASP A 3 8.28 -15.78 -3.52
CA ASP A 3 8.21 -14.51 -2.81
C ASP A 3 6.87 -13.85 -3.04
N ILE A 4 6.11 -13.64 -1.96
CA ILE A 4 4.92 -12.81 -2.06
C ILE A 4 5.35 -11.41 -2.49
N LEU A 5 4.72 -10.86 -3.51
CA LEU A 5 5.21 -9.62 -4.08
C LEU A 5 4.35 -8.45 -3.67
N THR A 6 5.00 -7.42 -3.15
CA THR A 6 4.31 -6.21 -2.77
C THR A 6 4.86 -5.03 -3.56
N PHE A 7 3.96 -4.26 -4.16
CA PHE A 7 4.36 -3.13 -4.97
C PHE A 7 3.55 -1.91 -4.56
N THR A 8 4.19 -0.76 -4.55
CA THR A 8 3.50 0.49 -4.26
C THR A 8 3.48 1.39 -5.49
N ILE A 9 2.30 1.94 -5.77
CA ILE A 9 2.11 2.74 -6.97
C ILE A 9 1.78 4.18 -6.60
N PRO A 10 2.56 5.13 -7.11
CA PRO A 10 2.31 6.55 -6.91
C PRO A 10 1.05 7.02 -7.65
N PRO A 11 0.24 7.87 -7.01
CA PRO A 11 -0.99 8.40 -7.60
C PRO A 11 -0.70 9.29 -8.79
N SER A 12 -1.57 9.22 -9.77
CA SER A 12 -1.42 10.01 -10.98
C SER A 12 -2.04 11.38 -10.77
N PHE A 13 -1.51 12.40 -11.42
CA PHE A 13 -1.94 13.77 -11.16
C PHE A 13 -3.46 13.91 -11.34
N ALA A 14 -3.99 13.29 -12.39
CA ALA A 14 -5.42 13.36 -12.67
C ALA A 14 -6.25 12.85 -11.51
N ASP A 15 -5.84 11.72 -10.94
CA ASP A 15 -6.55 11.13 -9.80
C ASP A 15 -6.51 12.07 -8.60
N ILE A 16 -5.34 12.66 -8.37
CA ILE A 16 -5.17 13.61 -7.28
C ILE A 16 -5.99 14.86 -7.52
N PHE A 17 -6.04 15.29 -8.77
CA PHE A 17 -6.65 16.56 -9.14
C PHE A 17 -8.17 16.47 -9.07
N LEU A 18 -8.70 15.37 -9.58
CA LEU A 18 -10.14 15.16 -9.64
C LEU A 18 -10.77 15.07 -8.26
N SER A 19 -10.16 14.29 -7.40
CA SER A 19 -10.68 14.09 -6.05
C SER A 19 -10.18 15.18 -5.11
N LYS A 20 -9.19 15.94 -5.57
CA LYS A 20 -8.53 16.98 -4.77
C LYS A 20 -7.78 16.37 -3.59
N SER A 21 -7.54 15.07 -3.68
CA SER A 21 -6.80 14.35 -2.66
C SER A 21 -5.85 13.37 -3.33
N ALA A 22 -4.70 13.13 -2.71
CA ALA A 22 -3.75 12.17 -3.25
C ALA A 22 -4.01 10.80 -2.64
N ASN A 23 -3.97 9.78 -3.47
CA ASN A 23 -4.33 8.44 -3.06
C ASN A 23 -3.12 7.52 -3.11
N LEU A 24 -2.80 6.93 -1.98
CA LEU A 24 -1.69 5.99 -1.92
C LEU A 24 -2.18 4.61 -2.33
N THR A 25 -1.51 4.03 -3.31
CA THR A 25 -1.92 2.75 -3.85
C THR A 25 -0.90 1.66 -3.55
N CYS A 26 -1.37 0.60 -2.91
CA CYS A 26 -0.53 -0.54 -2.63
C CYS A 26 -1.18 -1.79 -3.19
N LEU A 27 -0.37 -2.63 -3.81
CA LEU A 27 -0.85 -3.86 -4.41
C LEU A 27 0.09 -5.00 -4.00
N VAL A 28 -0.46 -6.05 -3.41
CA VAL A 28 0.32 -7.21 -3.06
C VAL A 28 -0.23 -8.44 -3.78
N SER A 29 0.65 -9.17 -4.44
CA SER A 29 0.25 -10.27 -5.30
C SER A 29 1.25 -11.40 -5.20
N ASN A 30 0.98 -12.50 -5.89
CA ASN A 30 1.91 -13.62 -5.98
C ASN A 30 2.13 -14.22 -4.61
N LEU A 31 1.03 -14.49 -3.94
CA LEU A 31 1.03 -15.06 -2.61
C LEU A 31 1.40 -16.53 -2.66
N ALA A 32 2.63 -16.75 -3.05
CA ALA A 32 3.22 -18.07 -3.12
C ALA A 32 3.74 -18.48 -1.75
N THR A 33 3.60 -17.53 -0.82
CA THR A 33 3.94 -17.67 0.59
C THR A 33 5.45 -17.70 0.83
N TYR A 34 5.97 -16.55 1.26
CA TYR A 34 7.38 -16.37 1.55
C TYR A 34 7.68 -14.90 1.86
N GLU A 35 6.80 -13.97 1.43
CA GLU A 35 7.08 -12.54 1.55
C GLU A 35 5.86 -11.66 1.87
N THR A 36 4.95 -12.17 2.73
CA THR A 36 3.81 -11.41 3.34
C THR A 36 2.92 -10.56 2.40
N LEU A 37 1.68 -10.34 2.85
CA LEU A 37 0.73 -9.48 2.16
C LEU A 37 -0.26 -8.83 3.12
N ASN A 38 -0.70 -7.63 2.75
CA ASN A 38 -1.85 -6.92 3.34
C ASN A 38 -1.72 -5.48 2.90
N ILE A 39 -2.66 -4.63 3.22
CA ILE A 39 -2.42 -3.22 3.00
C ILE A 39 -2.60 -2.46 4.31
N SER A 40 -1.63 -1.63 4.63
CA SER A 40 -1.73 -0.73 5.77
C SER A 40 -0.81 0.45 5.52
N TRP A 41 -1.34 1.65 5.51
CA TRP A 41 -0.56 2.82 5.16
C TRP A 41 -0.17 3.61 6.38
N ALA A 42 1.04 4.13 6.35
CA ALA A 42 1.58 4.96 7.40
C ALA A 42 2.61 5.91 6.81
N SER A 43 2.97 6.94 7.56
CA SER A 43 3.98 7.88 7.11
C SER A 43 5.37 7.31 7.37
N GLN A 44 6.38 7.97 6.81
CA GLN A 44 7.75 7.61 7.08
C GLN A 44 8.08 7.86 8.55
N SER A 45 7.31 8.74 9.18
CA SER A 45 7.49 9.07 10.57
C SER A 45 6.70 8.10 11.47
N GLY A 46 5.92 7.22 10.85
CA GLY A 46 5.23 6.18 11.58
C GLY A 46 3.83 6.57 12.03
N GLU A 47 3.22 7.54 11.36
CA GLU A 47 1.86 7.91 11.67
C GLU A 47 0.89 7.13 10.78
N PRO A 48 -0.16 6.55 11.37
CA PRO A 48 -1.12 5.73 10.62
C PRO A 48 -1.95 6.55 9.64
N LEU A 49 -2.13 6.02 8.44
CA LEU A 49 -2.91 6.68 7.42
C LEU A 49 -4.22 5.95 7.19
N GLU A 50 -5.27 6.73 6.98
CA GLU A 50 -6.60 6.19 6.77
C GLU A 50 -6.64 5.29 5.55
N THR A 51 -6.75 4.00 5.83
CA THR A 51 -6.80 2.98 4.79
C THR A 51 -7.96 2.04 5.05
N LYS A 52 -8.82 1.86 4.06
CA LYS A 52 -9.96 0.95 4.22
C LYS A 52 -9.70 -0.36 3.49
N ILE A 53 -9.77 -1.46 4.23
CA ILE A 53 -9.46 -2.77 3.69
C ILE A 53 -10.64 -3.72 3.91
N LYS A 54 -11.04 -4.42 2.86
CA LYS A 54 -12.06 -5.45 2.98
C LYS A 54 -11.40 -6.81 3.00
N VAL A 55 -11.41 -7.43 4.17
CA VAL A 55 -10.71 -8.70 4.41
C VAL A 55 -9.19 -8.47 4.46
N MET A 56 -8.59 -8.81 5.60
CA MET A 56 -7.15 -8.61 5.80
C MET A 56 -6.33 -9.70 5.12
N GLU A 57 -7.01 -10.50 4.30
CA GLU A 57 -6.37 -11.55 3.54
C GLU A 57 -6.63 -11.32 2.06
N SER A 58 -5.76 -11.87 1.22
CA SER A 58 -5.80 -11.58 -0.19
C SER A 58 -6.91 -12.37 -0.86
N HIS A 59 -7.36 -11.88 -2.00
CA HIS A 59 -8.41 -12.56 -2.73
C HIS A 59 -7.81 -13.30 -3.91
N PRO A 60 -8.06 -14.61 -4.01
CA PRO A 60 -7.62 -15.43 -5.13
C PRO A 60 -8.77 -15.88 -6.04
N ASN A 61 -9.94 -15.27 -5.87
CA ASN A 61 -11.12 -15.67 -6.63
C ASN A 61 -11.27 -14.85 -7.91
N GLY A 62 -11.89 -13.68 -7.79
CA GLY A 62 -12.04 -12.80 -8.94
C GLY A 62 -10.89 -11.83 -9.05
N THR A 63 -9.95 -11.99 -8.14
CA THR A 63 -8.74 -11.20 -8.10
C THR A 63 -7.60 -12.11 -7.66
N PHE A 64 -6.36 -11.66 -7.76
CA PHE A 64 -5.23 -12.44 -7.30
C PHE A 64 -4.34 -11.62 -6.39
N SER A 65 -4.91 -10.59 -5.78
CA SER A 65 -4.13 -9.63 -5.02
C SER A 65 -4.96 -8.94 -3.93
N ALA A 66 -4.27 -8.23 -3.05
CA ALA A 66 -4.89 -7.31 -2.11
C ALA A 66 -4.56 -5.88 -2.52
N LYS A 67 -5.55 -5.00 -2.49
CA LYS A 67 -5.33 -3.61 -2.85
C LYS A 67 -5.93 -2.71 -1.80
N GLY A 68 -5.22 -1.66 -1.46
CA GLY A 68 -5.68 -0.74 -0.45
C GLY A 68 -5.28 0.67 -0.79
N VAL A 69 -6.18 1.61 -0.51
CA VAL A 69 -5.98 2.99 -0.90
C VAL A 69 -6.06 3.91 0.32
N ALA A 70 -5.11 4.84 0.43
CA ALA A 70 -5.09 5.80 1.52
C ALA A 70 -5.26 7.21 0.98
N SER A 71 -5.98 8.04 1.71
CA SER A 71 -6.23 9.40 1.29
C SER A 71 -5.30 10.38 2.01
N VAL A 72 -4.43 11.03 1.24
CA VAL A 72 -3.47 11.97 1.79
C VAL A 72 -3.70 13.36 1.20
N SER A 73 -3.10 14.36 1.81
CA SER A 73 -3.29 15.73 1.38
C SER A 73 -2.39 16.02 0.18
N VAL A 74 -2.83 16.95 -0.65
CA VAL A 74 -2.07 17.35 -1.83
C VAL A 74 -0.75 17.99 -1.41
N GLU A 75 -0.75 18.52 -0.20
CA GLU A 75 0.43 19.16 0.36
C GLU A 75 1.52 18.15 0.63
N ASP A 76 1.14 16.94 1.02
CA ASP A 76 2.11 15.87 1.28
C ASP A 76 2.92 15.59 0.02
N TRP A 77 2.21 15.41 -1.08
CA TRP A 77 2.81 15.14 -2.36
C TRP A 77 3.59 16.36 -2.86
N ASN A 78 3.09 17.54 -2.55
CA ASN A 78 3.74 18.79 -2.94
C ASN A 78 5.04 18.99 -2.17
N ASN A 79 5.10 18.47 -0.94
CA ASN A 79 6.29 18.56 -0.12
C ASN A 79 7.17 17.34 -0.30
N ARG A 80 6.80 16.52 -1.28
CA ARG A 80 7.57 15.33 -1.66
C ARG A 80 7.71 14.37 -0.48
N LYS A 81 6.64 14.27 0.32
CA LYS A 81 6.62 13.38 1.46
C LYS A 81 6.75 11.92 1.04
N GLU A 82 7.26 11.10 1.95
CA GLU A 82 7.39 9.68 1.70
C GLU A 82 6.56 8.91 2.70
N PHE A 83 5.90 7.86 2.22
CA PHE A 83 5.00 7.07 3.04
C PHE A 83 5.43 5.62 3.06
N VAL A 84 4.93 4.87 4.02
CA VAL A 84 5.33 3.48 4.22
C VAL A 84 4.10 2.59 4.38
N CYS A 85 4.04 1.55 3.56
CA CYS A 85 2.98 0.55 3.68
C CYS A 85 3.58 -0.76 4.14
N THR A 86 3.08 -1.29 5.25
CA THR A 86 3.58 -2.55 5.79
C THR A 86 2.54 -3.63 5.64
N VAL A 87 2.91 -4.74 5.02
CA VAL A 87 1.96 -5.78 4.74
C VAL A 87 2.18 -6.99 5.66
N THR A 88 1.08 -7.68 6.03
CA THR A 88 1.10 -8.61 7.15
C THR A 88 0.22 -9.84 6.90
N HIS A 89 0.74 -10.79 6.15
CA HIS A 89 0.02 -12.01 5.79
C HIS A 89 0.09 -13.04 6.90
N ARG A 90 0.93 -12.78 7.90
CA ARG A 90 1.27 -13.77 8.94
C ARG A 90 2.00 -14.94 8.26
N ASP A 91 2.55 -14.65 7.09
CA ASP A 91 3.24 -15.63 6.28
C ASP A 91 4.69 -15.76 6.73
N LEU A 92 5.24 -14.65 7.18
CA LEU A 92 6.62 -14.58 7.64
C LEU A 92 6.68 -13.76 8.93
N PRO A 93 7.80 -13.87 9.68
CA PRO A 93 7.99 -13.13 10.93
C PRO A 93 8.21 -11.63 10.70
N SER A 94 8.83 -11.29 9.58
CA SER A 94 9.12 -9.91 9.25
C SER A 94 8.25 -9.40 8.10
N PRO A 95 7.21 -8.62 8.43
CA PRO A 95 6.31 -8.01 7.43
C PRO A 95 7.05 -7.02 6.53
N GLN A 96 6.59 -6.84 5.30
CA GLN A 96 7.32 -5.98 4.38
C GLN A 96 6.78 -4.57 4.36
N LYS A 97 7.71 -3.63 4.49
CA LYS A 97 7.39 -2.22 4.45
C LYS A 97 7.84 -1.63 3.12
N LYS A 98 6.97 -0.87 2.49
CA LYS A 98 7.26 -0.27 1.21
C LYS A 98 7.32 1.24 1.33
N PHE A 99 8.32 1.83 0.67
CA PHE A 99 8.49 3.27 0.68
C PHE A 99 7.97 3.87 -0.62
N ILE A 100 7.29 4.99 -0.53
CA ILE A 100 6.76 5.66 -1.70
C ILE A 100 6.85 7.17 -1.52
N SER A 101 7.26 7.87 -2.57
CA SER A 101 7.46 9.32 -2.49
C SER A 101 7.38 9.97 -3.86
N LYS A 102 6.94 11.21 -3.88
CA LYS A 102 6.86 11.98 -5.11
C LYS A 102 8.14 12.80 -5.30
N MET A 1 10.94 -19.25 -0.80
CA MET A 1 9.97 -20.18 -1.44
C MET A 1 8.57 -19.58 -1.34
N GLY A 2 8.08 -19.02 -2.44
CA GLY A 2 6.89 -18.21 -2.36
C GLY A 2 7.21 -16.89 -1.68
N ASP A 3 8.24 -16.24 -2.20
CA ASP A 3 8.78 -15.03 -1.62
C ASP A 3 7.87 -13.85 -1.88
N ILE A 4 7.46 -13.18 -0.81
CA ILE A 4 6.49 -12.11 -0.88
C ILE A 4 7.04 -10.90 -1.62
N LEU A 5 6.35 -10.50 -2.67
CA LEU A 5 6.75 -9.35 -3.47
C LEU A 5 5.83 -8.17 -3.19
N THR A 6 6.42 -7.00 -3.02
CA THR A 6 5.65 -5.80 -2.74
C THR A 6 6.00 -4.69 -3.74
N PHE A 7 4.96 -4.11 -4.31
CA PHE A 7 5.12 -3.04 -5.29
C PHE A 7 4.31 -1.82 -4.87
N THR A 8 4.88 -0.64 -4.98
CA THR A 8 4.19 0.59 -4.63
C THR A 8 3.93 1.46 -5.84
N ILE A 9 2.70 1.94 -5.98
CA ILE A 9 2.33 2.78 -7.10
C ILE A 9 1.86 4.14 -6.58
N PRO A 10 2.46 5.22 -7.09
CA PRO A 10 2.08 6.59 -6.75
C PRO A 10 0.76 6.98 -7.42
N PRO A 11 -0.06 7.80 -6.73
CA PRO A 11 -1.32 8.28 -7.28
C PRO A 11 -1.12 9.15 -8.51
N SER A 12 -2.11 9.15 -9.39
CA SER A 12 -2.02 9.85 -10.65
C SER A 12 -2.70 11.22 -10.57
N PHE A 13 -2.24 12.17 -11.35
CA PHE A 13 -2.73 13.55 -11.28
C PHE A 13 -4.26 13.61 -11.38
N ALA A 14 -4.80 12.85 -12.33
CA ALA A 14 -6.24 12.84 -12.56
C ALA A 14 -6.99 12.31 -11.35
N ASP A 15 -6.52 11.19 -10.80
CA ASP A 15 -7.20 10.54 -9.69
C ASP A 15 -7.20 11.44 -8.45
N ILE A 16 -6.07 12.09 -8.21
CA ILE A 16 -5.97 13.02 -7.09
C ILE A 16 -6.93 14.19 -7.27
N PHE A 17 -7.10 14.62 -8.52
CA PHE A 17 -7.95 15.77 -8.81
C PHE A 17 -9.43 15.41 -8.67
N LEU A 18 -9.80 14.27 -9.22
CA LEU A 18 -11.18 13.81 -9.20
C LEU A 18 -11.62 13.47 -7.78
N SER A 19 -10.79 12.70 -7.08
CA SER A 19 -11.08 12.31 -5.71
C SER A 19 -10.87 13.50 -4.75
N LYS A 20 -10.09 14.48 -5.22
CA LYS A 20 -9.74 15.66 -4.43
C LYS A 20 -8.90 15.27 -3.21
N SER A 21 -8.46 14.02 -3.21
CA SER A 21 -7.62 13.48 -2.16
C SER A 21 -6.53 12.62 -2.78
N ALA A 22 -5.33 12.69 -2.23
CA ALA A 22 -4.25 11.86 -2.70
C ALA A 22 -4.29 10.53 -1.97
N ASN A 23 -3.74 9.49 -2.58
CA ASN A 23 -3.84 8.15 -2.02
C ASN A 23 -2.74 7.26 -2.56
N LEU A 24 -2.04 6.60 -1.65
CA LEU A 24 -1.01 5.68 -2.06
C LEU A 24 -1.61 4.31 -2.31
N THR A 25 -1.09 3.63 -3.30
CA THR A 25 -1.57 2.30 -3.63
C THR A 25 -0.43 1.30 -3.58
N CYS A 26 -0.54 0.35 -2.68
CA CYS A 26 0.45 -0.69 -2.53
C CYS A 26 -0.12 -2.02 -2.96
N LEU A 27 0.61 -2.73 -3.79
CA LEU A 27 0.18 -4.05 -4.23
C LEU A 27 1.21 -5.09 -3.85
N VAL A 28 0.73 -6.14 -3.22
CA VAL A 28 1.62 -7.20 -2.74
C VAL A 28 1.20 -8.52 -3.36
N SER A 29 2.18 -9.26 -3.87
CA SER A 29 1.88 -10.45 -4.64
C SER A 29 2.92 -11.55 -4.35
N ASN A 30 2.68 -12.71 -4.96
CA ASN A 30 3.58 -13.86 -4.90
C ASN A 30 3.72 -14.36 -3.47
N LEU A 31 2.58 -14.49 -2.83
CA LEU A 31 2.53 -14.96 -1.47
C LEU A 31 2.50 -16.49 -1.46
N ALA A 32 3.05 -17.10 -0.42
CA ALA A 32 3.00 -18.55 -0.30
C ALA A 32 1.62 -18.97 0.20
N THR A 33 1.15 -18.30 1.23
CA THR A 33 -0.19 -18.49 1.73
C THR A 33 -1.09 -17.35 1.24
N TYR A 34 -1.74 -17.60 0.09
CA TYR A 34 -2.40 -16.56 -0.70
C TYR A 34 -3.27 -15.64 0.14
N GLU A 35 -4.41 -16.14 0.58
CA GLU A 35 -5.40 -15.33 1.30
C GLU A 35 -5.07 -15.24 2.78
N THR A 36 -3.86 -14.79 3.08
CA THR A 36 -3.44 -14.52 4.44
C THR A 36 -2.50 -13.32 4.45
N LEU A 37 -2.81 -12.35 3.59
CA LEU A 37 -2.01 -11.15 3.46
C LEU A 37 -2.72 -9.94 4.03
N ASN A 38 -1.94 -8.96 4.47
CA ASN A 38 -2.47 -7.74 5.06
C ASN A 38 -1.72 -6.55 4.49
N ILE A 39 -2.38 -5.41 4.37
CA ILE A 39 -1.76 -4.21 3.83
C ILE A 39 -1.83 -3.08 4.86
N SER A 40 -0.74 -2.34 5.02
CA SER A 40 -0.71 -1.24 5.98
C SER A 40 0.17 -0.10 5.47
N TRP A 41 -0.24 1.13 5.79
CA TRP A 41 0.50 2.32 5.39
C TRP A 41 0.85 3.20 6.59
N ALA A 42 1.88 4.01 6.42
CA ALA A 42 2.34 4.92 7.46
C ALA A 42 3.14 6.06 6.81
N SER A 43 3.18 7.19 7.49
CA SER A 43 3.97 8.31 7.02
C SER A 43 5.44 8.11 7.38
N GLN A 44 6.32 8.79 6.65
CA GLN A 44 7.76 8.70 6.85
C GLN A 44 8.17 8.97 8.30
N SER A 45 7.34 9.73 9.00
CA SER A 45 7.59 10.09 10.39
C SER A 45 7.25 8.94 11.34
N GLY A 46 6.76 7.84 10.79
CA GLY A 46 6.39 6.70 11.60
C GLY A 46 4.97 6.82 12.12
N GLU A 47 4.17 7.62 11.44
CA GLU A 47 2.80 7.85 11.84
C GLU A 47 1.86 6.99 11.01
N PRO A 48 1.03 6.16 11.65
CA PRO A 48 0.12 5.25 10.96
C PRO A 48 -0.88 6.00 10.08
N LEU A 49 -1.09 5.51 8.88
CA LEU A 49 -1.99 6.15 7.94
C LEU A 49 -3.32 5.42 7.88
N GLU A 50 -4.38 6.17 7.67
CA GLU A 50 -5.69 5.57 7.50
C GLU A 50 -5.73 4.80 6.18
N THR A 51 -5.69 3.49 6.30
CA THR A 51 -5.68 2.61 5.15
C THR A 51 -6.91 1.72 5.17
N LYS A 52 -7.78 1.90 4.19
CA LYS A 52 -9.01 1.13 4.14
C LYS A 52 -9.01 0.23 2.92
N ILE A 53 -9.13 -1.06 3.16
CA ILE A 53 -9.13 -2.04 2.10
C ILE A 53 -10.44 -2.82 2.15
N LYS A 54 -11.01 -3.07 0.99
CA LYS A 54 -12.22 -3.85 0.92
C LYS A 54 -11.85 -5.29 0.67
N VAL A 55 -12.27 -6.15 1.59
CA VAL A 55 -11.73 -7.50 1.74
C VAL A 55 -10.27 -7.40 2.16
N MET A 56 -10.02 -7.65 3.45
CA MET A 56 -8.69 -7.57 4.02
C MET A 56 -7.83 -8.77 3.59
N GLU A 57 -8.35 -9.48 2.60
CA GLU A 57 -7.72 -10.68 2.06
C GLU A 57 -7.47 -10.43 0.58
N SER A 58 -6.51 -11.15 0.01
CA SER A 58 -6.03 -10.81 -1.32
C SER A 58 -7.02 -11.20 -2.39
N HIS A 59 -7.00 -10.46 -3.49
CA HIS A 59 -8.07 -10.55 -4.49
C HIS A 59 -7.64 -11.31 -5.73
N PRO A 60 -8.50 -12.22 -6.21
CA PRO A 60 -8.28 -12.97 -7.44
C PRO A 60 -9.03 -12.36 -8.63
N ASN A 61 -9.49 -11.12 -8.49
CA ASN A 61 -10.29 -10.48 -9.52
C ASN A 61 -9.40 -9.71 -10.52
N GLY A 62 -8.84 -10.45 -11.47
CA GLY A 62 -7.99 -9.83 -12.46
C GLY A 62 -6.56 -9.69 -11.97
N THR A 63 -6.32 -10.18 -10.77
CA THR A 63 -5.02 -10.14 -10.15
C THR A 63 -4.92 -11.29 -9.16
N PHE A 64 -3.75 -11.49 -8.62
CA PHE A 64 -3.53 -12.53 -7.63
C PHE A 64 -2.92 -11.89 -6.39
N SER A 65 -3.15 -10.59 -6.24
CA SER A 65 -2.44 -9.79 -5.27
C SER A 65 -3.40 -9.03 -4.33
N ALA A 66 -2.83 -8.38 -3.32
CA ALA A 66 -3.59 -7.54 -2.40
C ALA A 66 -3.20 -6.09 -2.64
N LYS A 67 -4.14 -5.18 -2.43
CA LYS A 67 -3.86 -3.76 -2.63
C LYS A 67 -4.36 -2.97 -1.44
N GLY A 68 -3.59 -1.97 -1.04
CA GLY A 68 -4.00 -1.11 0.06
C GLY A 68 -3.92 0.35 -0.32
N VAL A 69 -5.01 1.06 -0.09
CA VAL A 69 -5.10 2.48 -0.42
C VAL A 69 -5.09 3.31 0.86
N ALA A 70 -4.20 4.28 0.91
CA ALA A 70 -4.10 5.18 2.04
C ALA A 70 -4.43 6.58 1.59
N SER A 71 -5.32 7.25 2.32
CA SER A 71 -5.81 8.55 1.89
C SER A 71 -5.04 9.67 2.59
N VAL A 72 -4.31 10.43 1.79
CA VAL A 72 -3.45 11.49 2.29
C VAL A 72 -3.88 12.83 1.70
N SER A 73 -3.37 13.90 2.25
CA SER A 73 -3.72 15.23 1.78
C SER A 73 -3.00 15.50 0.47
N VAL A 74 -3.65 16.25 -0.42
CA VAL A 74 -3.05 16.60 -1.71
C VAL A 74 -1.74 17.33 -1.49
N GLU A 75 -1.71 18.11 -0.42
CA GLU A 75 -0.53 18.87 -0.03
C GLU A 75 0.68 17.97 0.20
N ASP A 76 0.45 16.76 0.71
CA ASP A 76 1.54 15.84 1.00
C ASP A 76 2.25 15.47 -0.29
N TRP A 77 1.46 15.19 -1.31
CA TRP A 77 2.00 14.83 -2.60
C TRP A 77 2.54 16.06 -3.31
N ASN A 78 1.91 17.19 -3.09
CA ASN A 78 2.37 18.46 -3.63
C ASN A 78 3.70 18.88 -3.00
N ASN A 79 3.95 18.39 -1.78
CA ASN A 79 5.20 18.67 -1.08
C ASN A 79 6.20 17.55 -1.30
N ARG A 80 5.84 16.61 -2.19
CA ARG A 80 6.68 15.46 -2.51
C ARG A 80 7.06 14.67 -1.26
N LYS A 81 6.12 14.56 -0.32
CA LYS A 81 6.35 13.81 0.90
C LYS A 81 6.56 12.33 0.60
N GLU A 82 7.19 11.64 1.53
CA GLU A 82 7.43 10.22 1.38
C GLU A 82 6.57 9.45 2.35
N PHE A 83 6.04 8.34 1.88
CA PHE A 83 5.22 7.48 2.71
C PHE A 83 5.80 6.08 2.75
N VAL A 84 5.46 5.34 3.79
CA VAL A 84 6.02 4.02 3.99
C VAL A 84 4.92 2.99 4.16
N CYS A 85 4.96 1.95 3.37
CA CYS A 85 4.00 0.88 3.50
C CYS A 85 4.67 -0.33 4.15
N THR A 86 3.93 -1.01 4.99
CA THR A 86 4.46 -2.18 5.68
C THR A 86 3.58 -3.38 5.39
N VAL A 87 4.19 -4.43 4.88
CA VAL A 87 3.46 -5.64 4.56
C VAL A 87 3.52 -6.62 5.72
N THR A 88 2.35 -7.05 6.18
CA THR A 88 2.26 -7.95 7.31
C THR A 88 1.59 -9.26 6.92
N HIS A 89 2.37 -10.20 6.42
CA HIS A 89 1.84 -11.49 6.00
C HIS A 89 2.06 -12.53 7.11
N ARG A 90 2.86 -12.16 8.10
CA ARG A 90 3.21 -13.05 9.23
C ARG A 90 4.14 -14.18 8.79
N ASP A 91 4.15 -14.47 7.49
CA ASP A 91 5.01 -15.52 6.94
C ASP A 91 6.46 -15.08 6.94
N LEU A 92 6.67 -13.80 6.68
CA LEU A 92 8.02 -13.24 6.71
C LEU A 92 8.41 -12.87 8.13
N PRO A 93 9.71 -12.93 8.44
CA PRO A 93 10.22 -12.69 9.78
C PRO A 93 10.24 -11.22 10.15
N SER A 94 10.20 -10.37 9.14
CA SER A 94 10.17 -8.93 9.33
C SER A 94 9.31 -8.30 8.24
N PRO A 95 8.37 -7.43 8.63
CA PRO A 95 7.51 -6.73 7.68
C PRO A 95 8.32 -5.94 6.66
N GLN A 96 7.86 -5.95 5.41
CA GLN A 96 8.58 -5.28 4.35
C GLN A 96 8.15 -3.82 4.25
N LYS A 97 9.15 -2.96 4.16
CA LYS A 97 8.91 -1.53 4.06
C LYS A 97 9.22 -1.02 2.67
N LYS A 98 8.33 -0.19 2.15
CA LYS A 98 8.56 0.47 0.87
C LYS A 98 8.41 1.97 1.03
N PHE A 99 9.32 2.70 0.42
CA PHE A 99 9.30 4.16 0.48
C PHE A 99 8.75 4.70 -0.84
N ILE A 100 7.78 5.60 -0.75
CA ILE A 100 7.15 6.13 -1.95
C ILE A 100 7.14 7.65 -1.93
N SER A 101 7.42 8.25 -3.08
CA SER A 101 7.43 9.69 -3.21
C SER A 101 7.16 10.07 -4.66
N LYS A 102 6.54 11.23 -4.85
CA LYS A 102 6.17 11.69 -6.18
C LYS A 102 7.41 12.10 -6.98
N MET A 1 4.50 -18.13 -4.67
CA MET A 1 5.52 -18.45 -5.69
C MET A 1 6.92 -18.49 -5.07
N GLY A 2 7.48 -17.33 -4.79
CA GLY A 2 8.80 -17.27 -4.19
C GLY A 2 9.15 -15.86 -3.76
N ASP A 3 9.14 -15.64 -2.44
CA ASP A 3 9.36 -14.32 -1.86
C ASP A 3 8.19 -13.38 -2.16
N ILE A 4 7.68 -12.78 -1.10
CA ILE A 4 6.57 -11.84 -1.21
C ILE A 4 7.04 -10.58 -1.91
N LEU A 5 6.40 -10.23 -3.00
CA LEU A 5 6.77 -9.03 -3.74
C LEU A 5 5.75 -7.94 -3.47
N THR A 6 6.24 -6.77 -3.12
CA THR A 6 5.38 -5.65 -2.82
C THR A 6 5.81 -4.43 -3.63
N PHE A 7 4.83 -3.82 -4.28
CA PHE A 7 5.09 -2.65 -5.09
C PHE A 7 4.14 -1.53 -4.71
N THR A 8 4.62 -0.30 -4.81
CA THR A 8 3.82 0.84 -4.49
C THR A 8 3.53 1.65 -5.74
N ILE A 9 2.28 2.06 -5.91
CA ILE A 9 1.87 2.81 -7.08
C ILE A 9 1.40 4.20 -6.67
N PRO A 10 2.04 5.23 -7.22
CA PRO A 10 1.67 6.62 -6.97
C PRO A 10 0.32 6.97 -7.58
N PRO A 11 -0.48 7.77 -6.88
CA PRO A 11 -1.78 8.23 -7.36
C PRO A 11 -1.63 9.18 -8.54
N SER A 12 -2.61 9.17 -9.42
CA SER A 12 -2.58 9.97 -10.63
C SER A 12 -2.93 11.41 -10.30
N PHE A 13 -2.10 12.33 -10.79
CA PHE A 13 -2.22 13.75 -10.48
C PHE A 13 -3.58 14.30 -10.90
N ALA A 14 -4.11 13.75 -12.00
CA ALA A 14 -5.43 14.13 -12.47
C ALA A 14 -6.50 13.66 -11.48
N ASP A 15 -6.38 12.42 -11.04
CA ASP A 15 -7.33 11.84 -10.10
C ASP A 15 -7.24 12.55 -8.75
N ILE A 16 -6.03 12.91 -8.33
CA ILE A 16 -5.84 13.66 -7.10
C ILE A 16 -6.53 15.01 -7.19
N PHE A 17 -6.50 15.60 -8.37
CA PHE A 17 -7.09 16.93 -8.59
C PHE A 17 -8.60 16.84 -8.58
N LEU A 18 -9.13 15.84 -9.26
CA LEU A 18 -10.58 15.65 -9.36
C LEU A 18 -11.17 15.20 -8.05
N SER A 19 -10.57 14.20 -7.44
CA SER A 19 -11.06 13.64 -6.19
C SER A 19 -10.65 14.53 -5.01
N LYS A 20 -9.66 15.39 -5.25
CA LYS A 20 -9.16 16.35 -4.27
C LYS A 20 -8.57 15.65 -3.05
N SER A 21 -8.23 14.38 -3.21
CA SER A 21 -7.62 13.60 -2.15
C SER A 21 -6.53 12.72 -2.70
N ALA A 22 -5.36 12.76 -2.08
CA ALA A 22 -4.26 11.90 -2.48
C ALA A 22 -4.32 10.60 -1.69
N ASN A 23 -3.77 9.54 -2.25
CA ASN A 23 -3.86 8.23 -1.62
C ASN A 23 -2.77 7.31 -2.16
N LEU A 24 -2.06 6.66 -1.25
CA LEU A 24 -1.04 5.73 -1.63
C LEU A 24 -1.66 4.37 -1.91
N THR A 25 -1.20 3.72 -2.95
CA THR A 25 -1.74 2.43 -3.33
C THR A 25 -0.66 1.37 -3.33
N CYS A 26 -0.91 0.28 -2.62
CA CYS A 26 0.06 -0.79 -2.51
C CYS A 26 -0.45 -2.06 -3.17
N LEU A 27 0.44 -2.74 -3.88
CA LEU A 27 0.12 -4.01 -4.50
C LEU A 27 1.10 -5.07 -4.00
N VAL A 28 0.56 -6.13 -3.42
CA VAL A 28 1.37 -7.22 -2.90
C VAL A 28 1.02 -8.53 -3.60
N SER A 29 2.02 -9.21 -4.14
CA SER A 29 1.77 -10.42 -4.91
C SER A 29 2.88 -11.46 -4.68
N ASN A 30 2.74 -12.62 -5.32
CA ASN A 30 3.72 -13.70 -5.26
C ASN A 30 3.92 -14.22 -3.84
N LEU A 31 2.86 -14.19 -3.06
CA LEU A 31 2.90 -14.68 -1.68
C LEU A 31 3.36 -16.15 -1.65
N ALA A 32 4.15 -16.50 -0.63
CA ALA A 32 4.62 -17.87 -0.47
C ALA A 32 3.52 -18.75 0.10
N THR A 33 2.91 -18.29 1.19
CA THR A 33 1.71 -18.92 1.70
C THR A 33 0.51 -18.03 1.41
N TYR A 34 -0.69 -18.55 1.60
CA TYR A 34 -1.90 -17.78 1.31
C TYR A 34 -2.61 -17.40 2.60
N GLU A 35 -1.94 -17.66 3.72
CA GLU A 35 -2.52 -17.47 5.04
C GLU A 35 -2.59 -16.00 5.46
N THR A 36 -3.72 -15.35 5.14
CA THR A 36 -4.04 -14.01 5.65
C THR A 36 -3.01 -12.95 5.26
N LEU A 37 -3.33 -12.15 4.25
CA LEU A 37 -2.45 -11.03 3.90
C LEU A 37 -3.04 -9.72 4.41
N ASN A 38 -2.17 -8.81 4.81
CA ASN A 38 -2.58 -7.52 5.34
C ASN A 38 -1.77 -6.41 4.71
N ILE A 39 -2.36 -5.23 4.61
CA ILE A 39 -1.66 -4.07 4.05
C ILE A 39 -1.65 -2.95 5.11
N SER A 40 -0.52 -2.28 5.28
CA SER A 40 -0.43 -1.19 6.25
C SER A 40 0.38 -0.03 5.66
N TRP A 41 0.10 1.17 6.15
CA TRP A 41 0.77 2.36 5.64
C TRP A 41 1.23 3.28 6.79
N ALA A 42 2.35 3.94 6.56
CA ALA A 42 2.92 4.92 7.47
C ALA A 42 3.72 5.92 6.65
N SER A 43 4.09 7.05 7.23
CA SER A 43 4.92 7.98 6.49
C SER A 43 6.40 7.67 6.68
N GLN A 44 7.26 8.37 5.94
CA GLN A 44 8.70 8.29 6.14
C GLN A 44 9.05 8.69 7.57
N SER A 45 8.29 9.65 8.10
CA SER A 45 8.52 10.16 9.44
C SER A 45 7.95 9.20 10.49
N GLY A 46 7.26 8.17 10.02
CA GLY A 46 6.77 7.14 10.91
C GLY A 46 5.35 7.39 11.40
N GLU A 47 4.67 8.35 10.79
CA GLU A 47 3.31 8.68 11.20
C GLU A 47 2.36 7.61 10.68
N PRO A 48 1.48 7.11 11.56
CA PRO A 48 0.50 6.10 11.17
C PRO A 48 -0.50 6.62 10.15
N LEU A 49 -0.80 5.79 9.17
CA LEU A 49 -1.73 6.16 8.12
C LEU A 49 -2.93 5.23 8.08
N GLU A 50 -4.10 5.82 7.94
CA GLU A 50 -5.32 5.07 7.87
C GLU A 50 -5.45 4.40 6.50
N THR A 51 -5.27 3.10 6.49
CA THR A 51 -5.31 2.33 5.26
C THR A 51 -6.71 1.77 5.02
N LYS A 52 -7.22 1.94 3.82
CA LYS A 52 -8.51 1.39 3.46
C LYS A 52 -8.31 0.07 2.75
N ILE A 53 -8.92 -0.97 3.29
CA ILE A 53 -8.87 -2.27 2.66
C ILE A 53 -10.27 -2.82 2.56
N LYS A 54 -10.70 -3.05 1.34
CA LYS A 54 -12.01 -3.59 1.08
C LYS A 54 -11.88 -4.77 0.15
N VAL A 55 -12.43 -5.91 0.53
CA VAL A 55 -12.38 -7.10 -0.30
C VAL A 55 -13.37 -7.02 -1.46
N MET A 56 -13.38 -5.87 -2.13
CA MET A 56 -14.14 -5.72 -3.36
C MET A 56 -13.53 -6.66 -4.39
N GLU A 57 -12.21 -6.82 -4.27
CA GLU A 57 -11.49 -7.84 -4.99
C GLU A 57 -10.26 -8.26 -4.20
N SER A 58 -10.08 -9.55 -4.09
CA SER A 58 -8.86 -10.12 -3.57
C SER A 58 -8.37 -11.12 -4.61
N HIS A 59 -7.06 -11.20 -4.85
CA HIS A 59 -6.61 -12.02 -5.97
C HIS A 59 -6.36 -13.47 -5.53
N PRO A 60 -6.32 -14.40 -6.53
CA PRO A 60 -6.36 -15.86 -6.41
C PRO A 60 -6.16 -16.48 -5.03
N ASN A 61 -6.99 -17.50 -4.76
CA ASN A 61 -6.95 -18.26 -3.51
C ASN A 61 -7.46 -17.43 -2.35
N GLY A 62 -7.12 -17.84 -1.12
CA GLY A 62 -7.43 -17.03 0.04
C GLY A 62 -6.92 -15.63 -0.16
N THR A 63 -5.64 -15.54 -0.47
CA THR A 63 -5.09 -14.33 -1.04
C THR A 63 -3.85 -14.69 -1.87
N PHE A 64 -3.65 -13.96 -2.94
CA PHE A 64 -2.42 -14.03 -3.72
C PHE A 64 -1.95 -12.63 -3.99
N SER A 65 -2.91 -11.72 -4.07
CA SER A 65 -2.64 -10.32 -4.18
C SER A 65 -3.71 -9.53 -3.42
N ALA A 66 -3.31 -8.37 -2.94
CA ALA A 66 -4.13 -7.50 -2.12
C ALA A 66 -3.86 -6.06 -2.50
N LYS A 67 -4.76 -5.17 -2.12
CA LYS A 67 -4.54 -3.76 -2.34
C LYS A 67 -4.81 -3.00 -1.05
N GLY A 68 -3.97 -2.01 -0.80
CA GLY A 68 -4.11 -1.20 0.39
C GLY A 68 -3.89 0.25 0.06
N VAL A 69 -4.82 1.08 0.46
CA VAL A 69 -4.81 2.49 0.09
C VAL A 69 -4.87 3.38 1.32
N ALA A 70 -4.01 4.36 1.35
CA ALA A 70 -3.95 5.27 2.49
C ALA A 70 -4.35 6.66 2.04
N SER A 71 -5.19 7.31 2.82
CA SER A 71 -5.73 8.60 2.43
C SER A 71 -4.92 9.73 3.07
N VAL A 72 -4.34 10.55 2.22
CA VAL A 72 -3.47 11.63 2.67
C VAL A 72 -3.92 12.95 2.09
N SER A 73 -3.40 14.04 2.64
CA SER A 73 -3.72 15.37 2.15
C SER A 73 -2.99 15.60 0.83
N VAL A 74 -3.53 16.48 0.00
CA VAL A 74 -2.88 16.84 -1.25
C VAL A 74 -1.52 17.45 -0.94
N GLU A 75 -1.48 18.15 0.19
CA GLU A 75 -0.29 18.84 0.65
C GLU A 75 0.84 17.86 0.94
N ASP A 76 0.52 16.64 1.36
CA ASP A 76 1.54 15.63 1.61
C ASP A 76 2.32 15.37 0.33
N TRP A 77 1.58 15.11 -0.74
CA TRP A 77 2.19 14.91 -2.04
C TRP A 77 2.91 16.17 -2.48
N ASN A 78 2.30 17.31 -2.17
CA ASN A 78 2.86 18.61 -2.52
C ASN A 78 4.13 18.91 -1.72
N ASN A 79 4.34 18.22 -0.60
CA ASN A 79 5.51 18.49 0.24
C ASN A 79 6.66 17.56 -0.13
N ARG A 80 6.48 16.79 -1.19
CA ARG A 80 7.45 15.77 -1.59
C ARG A 80 7.65 14.78 -0.45
N LYS A 81 6.61 14.67 0.35
CA LYS A 81 6.59 13.81 1.52
C LYS A 81 6.60 12.35 1.09
N GLU A 82 7.31 11.53 1.83
CA GLU A 82 7.42 10.12 1.48
C GLU A 82 6.57 9.29 2.42
N PHE A 83 5.98 8.24 1.87
CA PHE A 83 5.21 7.32 2.66
C PHE A 83 5.79 5.92 2.54
N VAL A 84 5.54 5.12 3.54
CA VAL A 84 6.12 3.79 3.63
C VAL A 84 5.02 2.77 3.86
N CYS A 85 5.07 1.68 3.12
CA CYS A 85 4.11 0.61 3.29
C CYS A 85 4.74 -0.56 4.00
N THR A 86 4.05 -1.07 5.02
CA THR A 86 4.51 -2.25 5.75
C THR A 86 3.55 -3.41 5.54
N VAL A 87 4.05 -4.49 4.98
CA VAL A 87 3.22 -5.65 4.69
C VAL A 87 3.43 -6.74 5.75
N THR A 88 2.33 -7.20 6.34
CA THR A 88 2.38 -8.24 7.36
C THR A 88 1.54 -9.44 6.95
N HIS A 89 2.21 -10.45 6.41
CA HIS A 89 1.53 -11.64 5.93
C HIS A 89 1.62 -12.78 6.95
N ARG A 90 2.45 -12.58 7.98
CA ARG A 90 2.75 -13.63 8.96
C ARG A 90 3.60 -14.71 8.28
N ASP A 91 3.99 -14.41 7.05
CA ASP A 91 4.83 -15.28 6.24
C ASP A 91 6.30 -15.04 6.59
N LEU A 92 6.59 -13.80 6.92
CA LEU A 92 7.92 -13.40 7.33
C LEU A 92 7.88 -12.75 8.71
N PRO A 93 8.99 -12.83 9.47
CA PRO A 93 9.06 -12.33 10.84
C PRO A 93 9.13 -10.81 10.92
N SER A 94 9.59 -10.18 9.85
CA SER A 94 9.70 -8.74 9.82
C SER A 94 9.09 -8.19 8.54
N PRO A 95 8.13 -7.26 8.68
CA PRO A 95 7.44 -6.63 7.55
C PRO A 95 8.39 -5.87 6.63
N GLN A 96 8.12 -5.93 5.34
CA GLN A 96 8.89 -5.18 4.36
C GLN A 96 8.38 -3.74 4.29
N LYS A 97 9.30 -2.80 4.14
CA LYS A 97 8.94 -1.39 4.05
C LYS A 97 9.23 -0.86 2.65
N LYS A 98 8.23 -0.25 2.04
CA LYS A 98 8.39 0.32 0.70
C LYS A 98 8.14 1.83 0.75
N PHE A 99 8.95 2.57 0.00
CA PHE A 99 8.84 4.02 -0.03
C PHE A 99 8.13 4.47 -1.29
N ILE A 100 7.15 5.34 -1.14
CA ILE A 100 6.40 5.82 -2.29
C ILE A 100 6.48 7.34 -2.42
N SER A 101 6.65 7.79 -3.65
CA SER A 101 6.68 9.21 -3.96
C SER A 101 6.36 9.40 -5.44
N LYS A 102 5.77 10.53 -5.78
CA LYS A 102 5.50 10.85 -7.18
C LYS A 102 6.57 11.79 -7.72
N MET A 1 11.13 -19.31 -4.49
CA MET A 1 10.02 -19.11 -5.44
C MET A 1 8.96 -18.21 -4.82
N GLY A 2 8.28 -17.45 -5.66
CA GLY A 2 7.32 -16.49 -5.16
C GLY A 2 8.01 -15.27 -4.59
N ASP A 3 8.30 -15.32 -3.28
CA ASP A 3 8.94 -14.23 -2.56
C ASP A 3 8.06 -12.99 -2.56
N ILE A 4 7.64 -12.56 -1.37
CA ILE A 4 6.67 -11.49 -1.25
C ILE A 4 7.18 -10.20 -1.90
N LEU A 5 6.43 -9.71 -2.88
CA LEU A 5 6.79 -8.50 -3.60
C LEU A 5 5.75 -7.43 -3.39
N THR A 6 6.20 -6.22 -3.06
CA THR A 6 5.29 -5.11 -2.84
C THR A 6 5.39 -4.11 -3.98
N PHE A 7 4.25 -3.77 -4.55
CA PHE A 7 4.21 -2.75 -5.57
C PHE A 7 3.37 -1.60 -5.06
N THR A 8 3.91 -0.41 -5.18
CA THR A 8 3.22 0.78 -4.74
C THR A 8 2.92 1.68 -5.92
N ILE A 9 1.71 2.21 -5.98
CA ILE A 9 1.33 3.07 -7.07
C ILE A 9 1.03 4.46 -6.55
N PRO A 10 1.80 5.45 -7.03
CA PRO A 10 1.57 6.85 -6.71
C PRO A 10 0.32 7.36 -7.41
N PRO A 11 -0.48 8.17 -6.70
CA PRO A 11 -1.70 8.74 -7.27
C PRO A 11 -1.40 9.74 -8.37
N SER A 12 -2.34 9.85 -9.29
CA SER A 12 -2.22 10.79 -10.38
C SER A 12 -2.64 12.16 -9.89
N PHE A 13 -1.88 13.19 -10.27
CA PHE A 13 -2.08 14.55 -9.79
C PHE A 13 -3.49 15.03 -10.11
N ALA A 14 -4.05 14.52 -11.21
CA ALA A 14 -5.42 14.84 -11.58
C ALA A 14 -6.40 14.20 -10.61
N ASP A 15 -6.18 12.93 -10.30
CA ASP A 15 -7.03 12.18 -9.38
C ASP A 15 -6.99 12.80 -7.99
N ILE A 16 -5.81 13.23 -7.58
CA ILE A 16 -5.63 13.92 -6.33
C ILE A 16 -6.47 15.19 -6.28
N PHE A 17 -6.56 15.87 -7.42
CA PHE A 17 -7.31 17.12 -7.52
C PHE A 17 -8.80 16.86 -7.36
N LEU A 18 -9.26 15.81 -8.01
CA LEU A 18 -10.67 15.44 -8.00
C LEU A 18 -11.15 15.14 -6.58
N SER A 19 -10.32 14.45 -5.82
CA SER A 19 -10.66 14.08 -4.46
C SER A 19 -10.26 15.19 -3.47
N LYS A 20 -9.43 16.13 -3.94
CA LYS A 20 -8.85 17.19 -3.10
C LYS A 20 -7.79 16.61 -2.15
N SER A 21 -7.73 15.30 -2.13
CA SER A 21 -6.81 14.58 -1.27
C SER A 21 -6.09 13.51 -2.08
N ALA A 22 -4.83 13.28 -1.75
CA ALA A 22 -4.07 12.23 -2.40
C ALA A 22 -4.44 10.88 -1.82
N ASN A 23 -3.89 9.82 -2.38
CA ASN A 23 -4.21 8.47 -1.92
C ASN A 23 -3.13 7.51 -2.37
N LEU A 24 -2.76 6.61 -1.48
CA LEU A 24 -1.68 5.69 -1.75
C LEU A 24 -2.23 4.31 -2.03
N THR A 25 -1.87 3.74 -3.17
CA THR A 25 -2.37 2.44 -3.55
C THR A 25 -1.27 1.40 -3.47
N CYS A 26 -1.57 0.32 -2.75
CA CYS A 26 -0.60 -0.74 -2.56
C CYS A 26 -1.10 -2.06 -3.16
N LEU A 27 -0.21 -2.76 -3.84
CA LEU A 27 -0.51 -4.06 -4.38
C LEU A 27 0.58 -5.04 -3.94
N VAL A 28 0.17 -6.10 -3.27
CA VAL A 28 1.11 -7.10 -2.79
C VAL A 28 0.85 -8.43 -3.48
N SER A 29 1.89 -9.01 -4.05
CA SER A 29 1.73 -10.23 -4.82
C SER A 29 2.89 -11.19 -4.61
N ASN A 30 2.80 -12.36 -5.24
CA ASN A 30 3.86 -13.36 -5.20
C ASN A 30 4.15 -13.84 -3.78
N LEU A 31 3.09 -13.97 -2.99
CA LEU A 31 3.22 -14.47 -1.63
C LEU A 31 3.64 -15.93 -1.66
N ALA A 32 4.65 -16.27 -0.86
CA ALA A 32 5.19 -17.63 -0.82
C ALA A 32 4.18 -18.57 -0.17
N THR A 33 3.67 -18.19 0.99
CA THR A 33 2.59 -18.95 1.60
C THR A 33 1.26 -18.24 1.33
N TYR A 34 0.18 -18.98 1.39
CA TYR A 34 -1.13 -18.46 1.02
C TYR A 34 -1.95 -18.14 2.27
N GLU A 35 -1.25 -17.70 3.31
CA GLU A 35 -1.91 -17.25 4.54
C GLU A 35 -2.54 -15.88 4.31
N THR A 36 -3.37 -15.46 5.25
CA THR A 36 -4.04 -14.16 5.19
C THR A 36 -3.03 -13.03 5.00
N LEU A 37 -3.39 -12.05 4.20
CA LEU A 37 -2.53 -10.90 3.96
C LEU A 37 -3.18 -9.64 4.53
N ASN A 38 -2.34 -8.69 4.91
CA ASN A 38 -2.81 -7.44 5.50
C ASN A 38 -2.03 -6.27 4.90
N ILE A 39 -2.64 -5.10 4.88
CA ILE A 39 -2.01 -3.92 4.31
C ILE A 39 -1.90 -2.83 5.39
N SER A 40 -0.75 -2.18 5.47
CA SER A 40 -0.55 -1.11 6.44
C SER A 40 0.14 0.08 5.78
N TRP A 41 -0.35 1.27 6.07
CA TRP A 41 0.23 2.50 5.54
C TRP A 41 0.64 3.45 6.66
N ALA A 42 1.80 4.07 6.50
CA ALA A 42 2.30 5.05 7.45
C ALA A 42 3.23 6.02 6.74
N SER A 43 3.46 7.18 7.33
CA SER A 43 4.39 8.14 6.78
C SER A 43 5.80 7.85 7.29
N GLN A 44 6.80 8.39 6.59
CA GLN A 44 8.18 8.24 7.01
C GLN A 44 8.41 8.96 8.33
N SER A 45 7.54 9.92 8.63
CA SER A 45 7.60 10.64 9.90
C SER A 45 7.05 9.80 11.04
N GLY A 46 6.47 8.65 10.69
CA GLY A 46 5.98 7.73 11.70
C GLY A 46 4.53 7.96 12.06
N GLU A 47 3.78 8.59 11.17
CA GLU A 47 2.38 8.84 11.41
C GLU A 47 1.56 7.72 10.78
N PRO A 48 0.74 7.02 11.58
CA PRO A 48 -0.16 5.98 11.05
C PRO A 48 -1.17 6.59 10.08
N LEU A 49 -1.37 5.94 8.96
CA LEU A 49 -2.18 6.52 7.90
C LEU A 49 -3.52 5.82 7.77
N GLU A 50 -4.55 6.63 7.54
CA GLU A 50 -5.87 6.14 7.25
C GLU A 50 -5.82 5.22 6.04
N THR A 51 -6.15 3.97 6.23
CA THR A 51 -6.06 2.97 5.17
C THR A 51 -7.43 2.32 4.94
N LYS A 52 -7.86 2.31 3.68
CA LYS A 52 -9.12 1.67 3.34
C LYS A 52 -8.83 0.41 2.53
N ILE A 53 -9.54 -0.66 2.86
CA ILE A 53 -9.41 -1.89 2.11
C ILE A 53 -10.78 -2.41 1.72
N LYS A 54 -11.01 -2.51 0.44
CA LYS A 54 -12.28 -2.99 -0.09
C LYS A 54 -12.03 -4.08 -1.11
N VAL A 55 -12.37 -5.31 -0.76
CA VAL A 55 -12.08 -6.45 -1.60
C VAL A 55 -13.23 -6.75 -2.57
N MET A 56 -13.20 -6.09 -3.71
CA MET A 56 -14.08 -6.44 -4.81
C MET A 56 -13.42 -7.55 -5.61
N GLU A 57 -12.10 -7.51 -5.68
CA GLU A 57 -11.32 -8.56 -6.31
C GLU A 57 -10.03 -8.77 -5.52
N SER A 58 -9.75 -10.02 -5.22
CA SER A 58 -8.54 -10.39 -4.50
C SER A 58 -7.91 -11.60 -5.19
N HIS A 59 -6.66 -11.92 -4.85
CA HIS A 59 -6.12 -13.22 -5.26
C HIS A 59 -6.27 -14.20 -4.13
N PRO A 60 -6.80 -15.40 -4.44
CA PRO A 60 -7.32 -16.33 -3.45
C PRO A 60 -6.28 -17.31 -2.85
N ASN A 61 -6.67 -18.59 -2.76
CA ASN A 61 -5.98 -19.61 -1.95
C ASN A 61 -6.29 -19.35 -0.47
N GLY A 62 -5.60 -18.39 0.09
CA GLY A 62 -5.96 -17.83 1.38
C GLY A 62 -5.88 -16.34 1.23
N THR A 63 -4.69 -15.89 0.88
CA THR A 63 -4.52 -14.63 0.18
C THR A 63 -3.29 -14.77 -0.71
N PHE A 64 -3.31 -14.10 -1.85
CA PHE A 64 -2.16 -14.07 -2.73
C PHE A 64 -1.89 -12.63 -3.17
N SER A 65 -2.96 -11.85 -3.23
CA SER A 65 -2.86 -10.44 -3.52
C SER A 65 -3.97 -9.69 -2.81
N ALA A 66 -3.69 -8.44 -2.51
CA ALA A 66 -4.55 -7.59 -1.70
C ALA A 66 -4.49 -6.17 -2.23
N LYS A 67 -5.44 -5.35 -1.82
CA LYS A 67 -5.46 -3.94 -2.21
C LYS A 67 -5.60 -3.09 -0.97
N GLY A 68 -4.84 -2.01 -0.92
CA GLY A 68 -4.86 -1.13 0.23
C GLY A 68 -4.62 0.29 -0.19
N VAL A 69 -5.46 1.19 0.28
CA VAL A 69 -5.36 2.59 -0.11
C VAL A 69 -5.35 3.49 1.11
N ALA A 70 -4.49 4.50 1.10
CA ALA A 70 -4.35 5.39 2.23
C ALA A 70 -4.80 6.79 1.86
N SER A 71 -5.27 7.53 2.85
CA SER A 71 -5.77 8.87 2.62
C SER A 71 -4.73 9.90 2.94
N VAL A 72 -4.32 10.56 1.89
CA VAL A 72 -3.23 11.49 1.93
C VAL A 72 -3.72 12.88 1.59
N SER A 73 -2.86 13.85 1.83
CA SER A 73 -3.14 15.22 1.47
C SER A 73 -2.42 15.55 0.18
N VAL A 74 -3.07 16.29 -0.70
CA VAL A 74 -2.46 16.70 -1.97
C VAL A 74 -1.14 17.40 -1.70
N GLU A 75 -1.13 18.16 -0.63
CA GLU A 75 0.05 18.93 -0.22
C GLU A 75 1.28 18.04 -0.04
N ASP A 76 1.08 16.82 0.46
CA ASP A 76 2.20 15.92 0.69
C ASP A 76 2.81 15.49 -0.63
N TRP A 77 1.95 15.08 -1.54
CA TRP A 77 2.38 14.63 -2.85
C TRP A 77 2.90 15.80 -3.67
N ASN A 78 2.28 16.96 -3.45
CA ASN A 78 2.64 18.18 -4.13
C ASN A 78 4.05 18.63 -3.71
N ASN A 79 4.48 18.15 -2.54
CA ASN A 79 5.82 18.46 -2.04
C ASN A 79 6.76 17.27 -2.25
N ARG A 80 6.31 16.30 -3.02
CA ARG A 80 7.09 15.11 -3.34
C ARG A 80 7.49 14.35 -2.09
N LYS A 81 6.61 14.31 -1.10
CA LYS A 81 6.89 13.60 0.16
C LYS A 81 6.82 12.10 -0.05
N GLU A 82 7.37 11.37 0.91
CA GLU A 82 7.44 9.92 0.81
C GLU A 82 6.67 9.26 1.95
N PHE A 83 6.13 8.10 1.67
CA PHE A 83 5.37 7.35 2.65
C PHE A 83 5.86 5.91 2.70
N VAL A 84 5.54 5.22 3.78
CA VAL A 84 5.99 3.84 3.96
C VAL A 84 4.81 2.89 4.08
N CYS A 85 4.85 1.84 3.30
CA CYS A 85 3.86 0.79 3.43
C CYS A 85 4.50 -0.40 4.10
N THR A 86 3.76 -1.05 4.98
CA THR A 86 4.28 -2.21 5.68
C THR A 86 3.34 -3.38 5.50
N VAL A 87 3.87 -4.54 5.17
CA VAL A 87 3.05 -5.70 4.94
C VAL A 87 3.29 -6.75 6.01
N THR A 88 2.21 -7.17 6.66
CA THR A 88 2.27 -8.16 7.72
C THR A 88 1.70 -9.49 7.24
N HIS A 89 2.56 -10.28 6.61
CA HIS A 89 2.11 -11.55 6.04
C HIS A 89 2.42 -12.73 6.95
N ARG A 90 3.31 -12.52 7.92
CA ARG A 90 3.76 -13.58 8.86
C ARG A 90 4.64 -14.63 8.15
N ASP A 91 4.50 -14.70 6.84
CA ASP A 91 5.24 -15.66 6.02
C ASP A 91 6.71 -15.25 5.91
N LEU A 92 6.92 -13.96 5.83
CA LEU A 92 8.25 -13.40 5.74
C LEU A 92 8.77 -13.15 7.14
N PRO A 93 10.09 -13.28 7.38
CA PRO A 93 10.65 -13.27 8.74
C PRO A 93 10.17 -12.08 9.57
N SER A 94 9.94 -10.97 8.91
CA SER A 94 9.41 -9.78 9.53
C SER A 94 8.72 -8.93 8.49
N PRO A 95 7.75 -8.09 8.88
CA PRO A 95 7.03 -7.22 7.94
C PRO A 95 7.99 -6.40 7.08
N GLN A 96 7.64 -6.27 5.81
CA GLN A 96 8.49 -5.56 4.87
C GLN A 96 8.04 -4.11 4.74
N LYS A 97 9.01 -3.21 4.64
CA LYS A 97 8.73 -1.80 4.51
C LYS A 97 9.01 -1.32 3.09
N LYS A 98 8.03 -0.67 2.50
CA LYS A 98 8.12 -0.19 1.13
C LYS A 98 7.95 1.32 1.10
N PHE A 99 8.83 2.00 0.39
CA PHE A 99 8.82 3.46 0.33
C PHE A 99 8.15 3.92 -0.96
N ILE A 100 7.27 4.90 -0.86
CA ILE A 100 6.61 5.43 -2.05
C ILE A 100 6.79 6.94 -2.13
N SER A 101 7.06 7.41 -3.34
CA SER A 101 7.21 8.83 -3.60
C SER A 101 6.99 9.10 -5.09
N LYS A 102 6.49 10.28 -5.42
CA LYS A 102 6.25 10.63 -6.81
C LYS A 102 7.55 11.04 -7.48
N MET A 1 11.57 -17.51 -4.33
CA MET A 1 10.66 -18.62 -4.70
C MET A 1 9.48 -18.67 -3.75
N GLY A 2 8.44 -17.91 -4.06
CA GLY A 2 7.30 -17.81 -3.16
C GLY A 2 7.46 -16.67 -2.18
N ASP A 3 8.39 -15.78 -2.51
CA ASP A 3 8.70 -14.63 -1.67
C ASP A 3 7.72 -13.50 -1.92
N ILE A 4 7.15 -12.98 -0.84
CA ILE A 4 6.16 -11.91 -0.90
C ILE A 4 6.76 -10.68 -1.56
N LEU A 5 6.12 -10.23 -2.61
CA LEU A 5 6.63 -9.08 -3.35
C LEU A 5 5.71 -7.90 -3.17
N THR A 6 6.29 -6.75 -2.85
CA THR A 6 5.52 -5.55 -2.62
C THR A 6 5.89 -4.47 -3.65
N PHE A 7 4.87 -3.89 -4.27
CA PHE A 7 5.06 -2.83 -5.24
C PHE A 7 4.22 -1.63 -4.84
N THR A 8 4.80 -0.44 -4.90
CA THR A 8 4.09 0.76 -4.56
C THR A 8 3.89 1.63 -5.79
N ILE A 9 2.67 2.12 -5.97
CA ILE A 9 2.32 2.88 -7.16
C ILE A 9 1.90 4.29 -6.79
N PRO A 10 2.58 5.29 -7.38
CA PRO A 10 2.20 6.70 -7.23
C PRO A 10 0.86 7.00 -7.88
N PRO A 11 0.03 7.82 -7.22
CA PRO A 11 -1.30 8.18 -7.72
C PRO A 11 -1.25 9.04 -8.98
N SER A 12 -2.32 8.98 -9.74
CA SER A 12 -2.45 9.75 -10.97
C SER A 12 -2.92 11.15 -10.65
N PHE A 13 -2.32 12.15 -11.31
CA PHE A 13 -2.59 13.55 -11.05
C PHE A 13 -4.05 13.89 -11.32
N ALA A 14 -4.59 13.37 -12.42
CA ALA A 14 -5.99 13.57 -12.75
C ALA A 14 -6.88 12.90 -11.71
N ASP A 15 -6.44 11.76 -11.21
CA ASP A 15 -7.19 11.03 -10.20
C ASP A 15 -7.22 11.80 -8.88
N ILE A 16 -6.07 12.33 -8.50
CA ILE A 16 -5.95 13.17 -7.31
C ILE A 16 -6.85 14.39 -7.43
N PHE A 17 -6.96 14.93 -8.63
CA PHE A 17 -7.73 16.14 -8.87
C PHE A 17 -9.23 15.84 -8.78
N LEU A 18 -9.63 14.73 -9.39
CA LEU A 18 -11.03 14.32 -9.40
C LEU A 18 -11.52 13.98 -8.00
N SER A 19 -10.75 13.19 -7.29
CA SER A 19 -11.10 12.80 -5.93
C SER A 19 -10.86 13.96 -4.95
N LYS A 20 -10.00 14.89 -5.36
CA LYS A 20 -9.59 16.04 -4.54
C LYS A 20 -8.72 15.56 -3.38
N SER A 21 -8.38 14.28 -3.40
CA SER A 21 -7.52 13.69 -2.40
C SER A 21 -6.55 12.75 -3.09
N ALA A 22 -5.32 12.73 -2.62
CA ALA A 22 -4.32 11.84 -3.17
C ALA A 22 -4.37 10.50 -2.45
N ASN A 23 -4.15 9.42 -3.18
CA ASN A 23 -4.28 8.10 -2.62
C ASN A 23 -3.06 7.26 -2.92
N LEU A 24 -2.41 6.80 -1.86
CA LEU A 24 -1.23 5.97 -1.99
C LEU A 24 -1.66 4.55 -2.31
N THR A 25 -1.06 3.98 -3.34
CA THR A 25 -1.45 2.66 -3.80
C THR A 25 -0.32 1.66 -3.62
N CYS A 26 -0.61 0.57 -2.95
CA CYS A 26 0.35 -0.50 -2.77
C CYS A 26 -0.26 -1.82 -3.20
N LEU A 27 0.51 -2.63 -3.93
CA LEU A 27 0.07 -3.95 -4.34
C LEU A 27 1.12 -5.00 -4.03
N VAL A 28 0.67 -6.13 -3.52
CA VAL A 28 1.56 -7.22 -3.17
C VAL A 28 1.25 -8.46 -4.00
N SER A 29 2.26 -9.21 -4.35
CA SER A 29 2.09 -10.42 -5.14
C SER A 29 3.05 -11.50 -4.65
N ASN A 30 2.94 -12.70 -5.25
CA ASN A 30 3.82 -13.82 -4.91
C ASN A 30 3.74 -14.20 -3.43
N LEU A 31 2.53 -14.35 -2.93
CA LEU A 31 2.36 -14.75 -1.54
C LEU A 31 2.47 -16.27 -1.43
N ALA A 32 3.47 -16.74 -0.69
CA ALA A 32 3.67 -18.18 -0.48
C ALA A 32 2.44 -18.80 0.18
N THR A 33 1.92 -18.11 1.17
CA THR A 33 0.66 -18.50 1.78
C THR A 33 -0.43 -17.55 1.31
N TYR A 34 -1.64 -18.06 1.14
CA TYR A 34 -2.76 -17.24 0.71
C TYR A 34 -3.80 -17.12 1.81
N GLU A 35 -3.32 -16.86 3.03
CA GLU A 35 -4.21 -16.57 4.14
C GLU A 35 -4.45 -15.08 4.26
N THR A 36 -4.88 -14.65 5.44
CA THR A 36 -5.10 -13.25 5.74
C THR A 36 -3.87 -12.41 5.42
N LEU A 37 -4.08 -11.37 4.61
CA LEU A 37 -3.02 -10.43 4.32
C LEU A 37 -3.49 -9.02 4.63
N ASN A 38 -2.57 -8.17 5.01
CA ASN A 38 -2.87 -6.80 5.37
C ASN A 38 -1.89 -5.86 4.74
N ILE A 39 -2.34 -4.65 4.46
CA ILE A 39 -1.48 -3.61 3.93
C ILE A 39 -1.50 -2.44 4.90
N SER A 40 -0.35 -1.86 5.18
CA SER A 40 -0.30 -0.77 6.13
C SER A 40 0.44 0.43 5.55
N TRP A 41 -0.22 1.58 5.60
CA TRP A 41 0.39 2.83 5.17
C TRP A 41 0.70 3.72 6.36
N ALA A 42 1.87 4.32 6.32
CA ALA A 42 2.32 5.22 7.36
C ALA A 42 3.26 6.25 6.77
N SER A 43 3.52 7.31 7.49
CA SER A 43 4.52 8.27 7.05
C SER A 43 5.91 7.75 7.37
N GLN A 44 6.95 8.43 6.91
CA GLN A 44 8.32 7.91 7.01
C GLN A 44 8.69 7.53 8.46
N SER A 45 8.15 8.25 9.42
CA SER A 45 8.44 8.01 10.84
C SER A 45 7.68 6.79 11.36
N GLY A 46 6.76 6.27 10.56
CA GLY A 46 5.97 5.13 10.98
C GLY A 46 4.68 5.56 11.62
N GLU A 47 4.24 6.78 11.30
CA GLU A 47 3.02 7.32 11.86
C GLU A 47 1.85 6.93 10.95
N PRO A 48 0.83 6.28 11.53
CA PRO A 48 -0.26 5.62 10.79
C PRO A 48 -1.02 6.54 9.84
N LEU A 49 -1.40 5.99 8.69
CA LEU A 49 -2.21 6.69 7.72
C LEU A 49 -3.50 5.94 7.47
N GLU A 50 -4.57 6.68 7.18
CA GLU A 50 -5.85 6.07 6.87
C GLU A 50 -5.76 5.24 5.60
N THR A 51 -5.78 3.93 5.80
CA THR A 51 -5.66 2.99 4.71
C THR A 51 -6.96 2.21 4.54
N LYS A 52 -7.46 2.12 3.31
CA LYS A 52 -8.71 1.44 3.07
C LYS A 52 -8.46 0.06 2.48
N ILE A 53 -8.89 -0.97 3.18
CA ILE A 53 -8.76 -2.34 2.71
C ILE A 53 -10.05 -3.10 2.91
N LYS A 54 -10.63 -3.58 1.83
CA LYS A 54 -11.80 -4.42 1.93
C LYS A 54 -11.43 -5.84 1.58
N VAL A 55 -12.04 -6.79 2.29
CA VAL A 55 -11.61 -8.20 2.26
C VAL A 55 -10.24 -8.34 2.92
N MET A 56 -10.19 -9.10 4.02
CA MET A 56 -8.96 -9.28 4.79
C MET A 56 -8.00 -10.25 4.09
N GLU A 57 -8.33 -10.62 2.88
CA GLU A 57 -7.56 -11.56 2.10
C GLU A 57 -7.20 -10.92 0.77
N SER A 58 -6.16 -11.44 0.12
CA SER A 58 -5.74 -10.90 -1.16
C SER A 58 -6.75 -11.31 -2.22
N HIS A 59 -6.93 -10.46 -3.22
CA HIS A 59 -8.10 -10.59 -4.08
C HIS A 59 -7.81 -11.47 -5.28
N PRO A 60 -8.68 -12.46 -5.53
CA PRO A 60 -8.54 -13.38 -6.64
C PRO A 60 -9.40 -12.98 -7.85
N ASN A 61 -9.41 -13.86 -8.86
CA ASN A 61 -10.17 -13.64 -10.11
C ASN A 61 -9.65 -12.42 -10.86
N GLY A 62 -8.69 -12.66 -11.75
CA GLY A 62 -8.08 -11.58 -12.49
C GLY A 62 -6.80 -11.14 -11.84
N THR A 63 -6.81 -11.14 -10.53
CA THR A 63 -5.65 -10.75 -9.74
C THR A 63 -5.44 -11.79 -8.64
N PHE A 64 -4.25 -11.85 -8.08
CA PHE A 64 -3.96 -12.69 -6.92
C PHE A 64 -3.24 -11.87 -5.86
N SER A 65 -3.44 -10.57 -5.91
CA SER A 65 -2.65 -9.63 -5.13
C SER A 65 -3.50 -8.93 -4.07
N ALA A 66 -2.83 -8.24 -3.15
CA ALA A 66 -3.53 -7.40 -2.18
C ALA A 66 -3.30 -5.95 -2.51
N LYS A 67 -4.22 -5.10 -2.08
CA LYS A 67 -4.11 -3.68 -2.33
C LYS A 67 -4.32 -2.90 -1.06
N GLY A 68 -3.55 -1.85 -0.91
CA GLY A 68 -3.68 -0.97 0.23
C GLY A 68 -3.60 0.46 -0.22
N VAL A 69 -4.62 1.22 0.11
CA VAL A 69 -4.72 2.59 -0.36
C VAL A 69 -4.90 3.55 0.80
N ALA A 70 -4.10 4.61 0.81
CA ALA A 70 -4.13 5.59 1.87
C ALA A 70 -4.62 6.92 1.35
N SER A 71 -5.39 7.62 2.16
CA SER A 71 -5.95 8.90 1.75
C SER A 71 -5.11 10.04 2.32
N VAL A 72 -4.46 10.77 1.44
CA VAL A 72 -3.58 11.84 1.85
C VAL A 72 -4.02 13.16 1.21
N SER A 73 -3.49 14.25 1.72
CA SER A 73 -3.79 15.56 1.17
C SER A 73 -2.99 15.77 -0.11
N VAL A 74 -3.53 16.59 -1.00
CA VAL A 74 -2.84 16.92 -2.24
C VAL A 74 -1.54 17.65 -1.90
N GLU A 75 -1.57 18.35 -0.77
CA GLU A 75 -0.43 19.12 -0.30
C GLU A 75 0.74 18.23 0.07
N ASP A 76 0.45 17.02 0.56
CA ASP A 76 1.52 16.07 0.90
C ASP A 76 2.31 15.74 -0.35
N TRP A 77 1.59 15.49 -1.44
CA TRP A 77 2.21 15.17 -2.71
C TRP A 77 2.86 16.42 -3.31
N ASN A 78 2.22 17.55 -3.09
CA ASN A 78 2.73 18.84 -3.55
C ASN A 78 4.03 19.23 -2.84
N ASN A 79 4.14 18.83 -1.58
CA ASN A 79 5.30 19.22 -0.77
C ASN A 79 6.38 18.14 -0.78
N ARG A 80 6.22 17.16 -1.68
CA ARG A 80 7.21 16.09 -1.85
C ARG A 80 7.34 15.22 -0.59
N LYS A 81 6.21 14.96 0.07
CA LYS A 81 6.21 14.11 1.26
C LYS A 81 6.58 12.67 0.90
N GLU A 82 7.11 11.96 1.89
CA GLU A 82 7.50 10.57 1.70
C GLU A 82 6.71 9.70 2.67
N PHE A 83 6.27 8.55 2.21
CA PHE A 83 5.49 7.65 3.03
C PHE A 83 6.09 6.25 3.02
N VAL A 84 5.72 5.47 4.01
CA VAL A 84 6.23 4.11 4.17
C VAL A 84 5.09 3.12 4.24
N CYS A 85 5.11 2.14 3.38
CA CYS A 85 4.11 1.09 3.40
C CYS A 85 4.72 -0.18 3.96
N THR A 86 4.02 -0.81 4.90
CA THR A 86 4.50 -2.02 5.52
C THR A 86 3.50 -3.15 5.29
N VAL A 87 3.99 -4.32 4.90
CA VAL A 87 3.11 -5.44 4.64
C VAL A 87 3.36 -6.58 5.62
N THR A 88 2.31 -7.03 6.30
CA THR A 88 2.42 -8.08 7.28
C THR A 88 1.50 -9.25 6.93
N HIS A 89 2.10 -10.33 6.46
CA HIS A 89 1.34 -11.50 6.03
C HIS A 89 1.35 -12.61 7.07
N ARG A 90 2.20 -12.45 8.10
CA ARG A 90 2.47 -13.51 9.09
C ARG A 90 3.36 -14.59 8.44
N ASP A 91 3.68 -14.38 7.17
CA ASP A 91 4.57 -15.28 6.42
C ASP A 91 5.99 -15.12 6.92
N LEU A 92 6.33 -13.88 7.24
CA LEU A 92 7.65 -13.54 7.74
C LEU A 92 7.54 -12.89 9.13
N PRO A 93 8.59 -13.01 9.94
CA PRO A 93 8.61 -12.47 11.31
C PRO A 93 8.76 -10.95 11.35
N SER A 94 9.28 -10.39 10.28
CA SER A 94 9.45 -8.95 10.17
C SER A 94 8.89 -8.45 8.85
N PRO A 95 7.89 -7.55 8.93
CA PRO A 95 7.21 -7.03 7.74
C PRO A 95 8.10 -6.13 6.89
N GLN A 96 7.94 -6.21 5.58
CA GLN A 96 8.74 -5.40 4.65
C GLN A 96 8.17 -4.00 4.54
N LYS A 97 9.04 -3.01 4.44
CA LYS A 97 8.60 -1.63 4.31
C LYS A 97 9.05 -1.03 2.97
N LYS A 98 8.19 -0.20 2.40
CA LYS A 98 8.47 0.47 1.14
C LYS A 98 8.40 1.98 1.31
N PHE A 99 9.31 2.69 0.66
CA PHE A 99 9.30 4.15 0.68
C PHE A 99 8.69 4.64 -0.63
N ILE A 100 7.98 5.77 -0.60
CA ILE A 100 7.35 6.26 -1.81
C ILE A 100 7.34 7.79 -1.89
N SER A 101 7.63 8.28 -3.08
CA SER A 101 7.48 9.69 -3.41
C SER A 101 7.39 9.80 -4.93
N LYS A 102 6.58 10.70 -5.45
CA LYS A 102 6.41 10.82 -6.89
C LYS A 102 7.66 11.41 -7.53
N MET A 1 2.33 -19.36 -2.65
CA MET A 1 3.78 -19.59 -2.54
C MET A 1 4.54 -18.58 -3.39
N GLY A 2 5.86 -18.57 -3.26
CA GLY A 2 6.66 -17.60 -3.98
C GLY A 2 7.05 -16.43 -3.12
N ASP A 3 7.74 -15.47 -3.70
CA ASP A 3 8.12 -14.28 -2.98
C ASP A 3 6.98 -13.29 -2.95
N ILE A 4 6.61 -12.85 -1.74
CA ILE A 4 5.57 -11.85 -1.58
C ILE A 4 5.97 -10.58 -2.29
N LEU A 5 5.15 -10.14 -3.24
CA LEU A 5 5.48 -8.97 -4.03
C LEU A 5 4.69 -7.76 -3.59
N THR A 6 5.38 -6.66 -3.40
CA THR A 6 4.77 -5.41 -3.04
C THR A 6 5.11 -4.35 -4.09
N PHE A 7 4.09 -3.82 -4.73
CA PHE A 7 4.27 -2.79 -5.71
C PHE A 7 3.60 -1.52 -5.23
N THR A 8 4.29 -0.41 -5.31
CA THR A 8 3.71 0.84 -4.88
C THR A 8 3.50 1.77 -6.05
N ILE A 9 2.31 2.32 -6.13
CA ILE A 9 1.94 3.18 -7.22
C ILE A 9 1.64 4.57 -6.70
N PRO A 10 2.32 5.58 -7.23
CA PRO A 10 2.03 6.98 -6.92
C PRO A 10 0.68 7.37 -7.48
N PRO A 11 -0.11 8.14 -6.72
CA PRO A 11 -1.43 8.57 -7.16
C PRO A 11 -1.33 9.46 -8.38
N SER A 12 -2.12 9.16 -9.37
CA SER A 12 -2.08 9.87 -10.62
C SER A 12 -2.81 11.20 -10.46
N PHE A 13 -2.30 12.20 -11.15
CA PHE A 13 -2.78 13.57 -11.03
C PHE A 13 -4.25 13.67 -11.38
N ALA A 14 -4.70 12.79 -12.26
CA ALA A 14 -6.11 12.70 -12.59
C ALA A 14 -6.91 12.24 -11.38
N ASP A 15 -6.41 11.19 -10.71
CA ASP A 15 -7.09 10.63 -9.54
C ASP A 15 -7.11 11.64 -8.40
N ILE A 16 -5.97 12.31 -8.19
CA ILE A 16 -5.86 13.33 -7.15
C ILE A 16 -6.88 14.44 -7.38
N PHE A 17 -7.15 14.74 -8.64
CA PHE A 17 -8.09 15.80 -9.00
C PHE A 17 -9.52 15.38 -8.70
N LEU A 18 -9.83 14.14 -9.04
CA LEU A 18 -11.18 13.60 -8.87
C LEU A 18 -11.65 13.64 -7.42
N SER A 19 -10.81 13.16 -6.52
CA SER A 19 -11.18 13.10 -5.10
C SER A 19 -10.69 14.32 -4.35
N LYS A 20 -9.84 15.12 -5.00
CA LYS A 20 -9.24 16.32 -4.39
C LYS A 20 -8.33 15.95 -3.23
N SER A 21 -7.93 14.69 -3.19
CA SER A 21 -7.07 14.17 -2.15
C SER A 21 -6.03 13.24 -2.78
N ALA A 22 -4.83 13.25 -2.25
CA ALA A 22 -3.80 12.35 -2.72
C ALA A 22 -3.92 11.03 -1.96
N ASN A 23 -3.83 9.94 -2.70
CA ASN A 23 -4.05 8.61 -2.13
C ASN A 23 -3.00 7.64 -2.65
N LEU A 24 -2.18 7.12 -1.76
CA LEU A 24 -1.17 6.17 -2.15
C LEU A 24 -1.82 4.84 -2.46
N THR A 25 -1.26 4.14 -3.43
CA THR A 25 -1.81 2.86 -3.83
C THR A 25 -0.74 1.77 -3.76
N CYS A 26 -1.03 0.72 -3.02
CA CYS A 26 -0.12 -0.39 -2.90
C CYS A 26 -0.75 -1.65 -3.47
N LEU A 27 0.00 -2.38 -4.26
CA LEU A 27 -0.48 -3.63 -4.83
C LEU A 27 0.35 -4.80 -4.27
N VAL A 28 -0.33 -5.76 -3.66
CA VAL A 28 0.34 -6.92 -3.10
C VAL A 28 -0.22 -8.20 -3.71
N SER A 29 0.67 -9.04 -4.20
CA SER A 29 0.27 -10.30 -4.81
C SER A 29 1.28 -11.40 -4.50
N ASN A 30 0.93 -12.62 -4.88
CA ASN A 30 1.86 -13.76 -4.82
C ASN A 30 2.36 -14.04 -3.40
N LEU A 31 1.42 -14.17 -2.48
CA LEU A 31 1.74 -14.51 -1.09
C LEU A 31 2.09 -15.99 -0.98
N ALA A 32 2.89 -16.34 0.02
CA ALA A 32 3.33 -17.72 0.20
C ALA A 32 2.36 -18.49 1.08
N THR A 33 2.02 -17.94 2.24
CA THR A 33 1.07 -18.57 3.13
C THR A 33 -0.35 -18.13 2.81
N TYR A 34 -1.32 -18.96 3.19
CA TYR A 34 -2.73 -18.73 2.87
C TYR A 34 -3.41 -17.92 3.97
N GLU A 35 -2.60 -17.30 4.82
CA GLU A 35 -3.11 -16.48 5.90
C GLU A 35 -3.75 -15.21 5.36
N THR A 36 -4.43 -14.48 6.23
CA THR A 36 -5.04 -13.21 5.85
C THR A 36 -3.95 -12.18 5.56
N LEU A 37 -4.19 -11.31 4.58
CA LEU A 37 -3.22 -10.29 4.25
C LEU A 37 -3.68 -8.94 4.77
N ASN A 38 -2.72 -8.12 5.17
CA ASN A 38 -2.99 -6.79 5.67
C ASN A 38 -2.12 -5.80 4.93
N ILE A 39 -2.61 -4.59 4.75
CA ILE A 39 -1.84 -3.54 4.13
C ILE A 39 -1.68 -2.40 5.13
N SER A 40 -0.48 -1.87 5.25
CA SER A 40 -0.24 -0.80 6.20
C SER A 40 0.36 0.42 5.51
N TRP A 41 -0.16 1.60 5.84
CA TRP A 41 0.39 2.84 5.36
C TRP A 41 0.70 3.77 6.53
N ALA A 42 1.84 4.42 6.46
CA ALA A 42 2.26 5.36 7.48
C ALA A 42 3.18 6.41 6.88
N SER A 43 3.29 7.55 7.53
CA SER A 43 4.22 8.57 7.08
C SER A 43 5.63 8.21 7.52
N GLN A 44 6.62 8.81 6.87
CA GLN A 44 8.02 8.54 7.17
C GLN A 44 8.32 8.78 8.65
N SER A 45 7.61 9.74 9.23
CA SER A 45 7.80 10.13 10.63
C SER A 45 7.20 9.12 11.60
N GLY A 46 6.51 8.10 11.08
CA GLY A 46 5.88 7.12 11.94
C GLY A 46 4.45 7.46 12.28
N GLU A 47 3.83 8.29 11.45
CA GLU A 47 2.45 8.69 11.65
C GLU A 47 1.51 7.74 10.89
N PRO A 48 0.58 7.08 11.60
CA PRO A 48 -0.34 6.12 10.99
C PRO A 48 -1.29 6.75 9.98
N LEU A 49 -1.60 6.02 8.93
CA LEU A 49 -2.48 6.52 7.88
C LEU A 49 -3.70 5.65 7.72
N GLU A 50 -4.80 6.30 7.37
CA GLU A 50 -6.08 5.63 7.17
C GLU A 50 -6.04 4.75 5.92
N THR A 51 -6.24 3.45 6.12
CA THR A 51 -6.21 2.50 5.03
C THR A 51 -7.24 1.39 5.27
N LYS A 52 -8.07 1.11 4.27
CA LYS A 52 -9.09 0.07 4.40
C LYS A 52 -8.84 -1.06 3.39
N ILE A 53 -8.67 -2.28 3.91
CA ILE A 53 -8.33 -3.43 3.06
C ILE A 53 -9.14 -4.67 3.42
N LYS A 54 -9.59 -5.39 2.40
CA LYS A 54 -10.13 -6.75 2.55
C LYS A 54 -9.40 -7.68 1.59
N VAL A 55 -8.81 -8.75 2.12
CA VAL A 55 -8.09 -9.72 1.30
C VAL A 55 -7.64 -10.94 2.12
N MET A 56 -7.83 -12.13 1.56
CA MET A 56 -7.38 -13.35 2.22
C MET A 56 -6.17 -13.92 1.47
N GLU A 57 -6.32 -14.06 0.16
CA GLU A 57 -5.21 -14.51 -0.69
C GLU A 57 -4.99 -13.44 -1.74
N SER A 58 -3.80 -13.35 -2.30
CA SER A 58 -3.54 -12.32 -3.30
C SER A 58 -3.05 -12.90 -4.61
N HIS A 59 -3.63 -12.40 -5.70
CA HIS A 59 -3.26 -12.78 -7.06
C HIS A 59 -3.51 -11.61 -7.99
N PRO A 60 -2.52 -11.25 -8.81
CA PRO A 60 -2.55 -10.00 -9.56
C PRO A 60 -3.52 -9.99 -10.74
N ASN A 61 -3.64 -8.80 -11.37
CA ASN A 61 -4.57 -8.54 -12.48
C ASN A 61 -5.99 -8.37 -11.94
N GLY A 62 -7.01 -8.67 -12.74
CA GLY A 62 -8.39 -8.60 -12.27
C GLY A 62 -8.72 -9.74 -11.33
N THR A 63 -7.99 -9.81 -10.23
CA THR A 63 -7.98 -10.96 -9.36
C THR A 63 -7.90 -10.50 -7.89
N PHE A 64 -7.94 -11.46 -6.99
CA PHE A 64 -8.23 -11.25 -5.57
C PHE A 64 -7.05 -10.70 -4.75
N SER A 65 -6.22 -9.85 -5.33
CA SER A 65 -4.99 -9.42 -4.65
C SER A 65 -5.24 -8.10 -3.93
N ALA A 66 -4.28 -7.65 -3.15
CA ALA A 66 -4.57 -6.62 -2.17
C ALA A 66 -4.09 -5.27 -2.60
N LYS A 67 -4.88 -4.27 -2.25
CA LYS A 67 -4.55 -2.89 -2.54
C LYS A 67 -4.71 -2.08 -1.27
N GLY A 68 -3.79 -1.17 -1.05
CA GLY A 68 -3.88 -0.29 0.09
C GLY A 68 -3.95 1.15 -0.35
N VAL A 69 -5.07 1.80 -0.07
CA VAL A 69 -5.24 3.20 -0.41
C VAL A 69 -5.22 4.05 0.84
N ALA A 70 -4.28 4.98 0.88
CA ALA A 70 -4.11 5.86 2.02
C ALA A 70 -4.38 7.29 1.60
N SER A 71 -5.18 8.00 2.38
CA SER A 71 -5.59 9.35 2.02
C SER A 71 -4.72 10.38 2.72
N VAL A 72 -4.04 11.18 1.92
CA VAL A 72 -3.11 12.18 2.43
C VAL A 72 -3.48 13.56 1.89
N SER A 73 -2.88 14.58 2.45
CA SER A 73 -3.11 15.93 2.00
C SER A 73 -2.31 16.17 0.73
N VAL A 74 -2.84 17.03 -0.14
CA VAL A 74 -2.21 17.31 -1.42
C VAL A 74 -0.87 18.01 -1.19
N GLU A 75 -0.78 18.71 -0.07
CA GLU A 75 0.44 19.39 0.32
C GLU A 75 1.58 18.41 0.55
N ASP A 76 1.25 17.23 1.08
CA ASP A 76 2.26 16.23 1.38
C ASP A 76 2.90 15.76 0.08
N TRP A 77 2.07 15.55 -0.92
CA TRP A 77 2.55 15.12 -2.22
C TRP A 77 3.24 16.27 -2.94
N ASN A 78 2.70 17.47 -2.76
CA ASN A 78 3.26 18.65 -3.39
C ASN A 78 4.57 19.09 -2.75
N ASN A 79 4.80 18.67 -1.51
CA ASN A 79 6.06 18.94 -0.84
C ASN A 79 7.02 17.78 -1.02
N ARG A 80 6.62 16.83 -1.86
CA ARG A 80 7.40 15.64 -2.14
C ARG A 80 7.76 14.89 -0.87
N LYS A 81 6.82 14.84 0.06
CA LYS A 81 7.00 14.10 1.30
C LYS A 81 7.11 12.61 1.01
N GLU A 82 7.58 11.86 1.99
CA GLU A 82 7.72 10.43 1.83
C GLU A 82 6.69 9.70 2.66
N PHE A 83 6.13 8.65 2.09
CA PHE A 83 5.20 7.80 2.80
C PHE A 83 5.68 6.36 2.74
N VAL A 84 5.37 5.61 3.78
CA VAL A 84 5.86 4.26 3.92
C VAL A 84 4.71 3.27 3.93
N CYS A 85 4.80 2.28 3.07
CA CYS A 85 3.87 1.19 3.08
C CYS A 85 4.55 -0.02 3.66
N THR A 86 3.85 -0.73 4.51
CA THR A 86 4.40 -1.93 5.11
C THR A 86 3.42 -3.07 4.88
N VAL A 87 3.94 -4.19 4.39
CA VAL A 87 3.09 -5.35 4.20
C VAL A 87 3.32 -6.32 5.34
N THR A 88 2.24 -6.67 6.02
CA THR A 88 2.32 -7.56 7.14
C THR A 88 1.43 -8.76 6.94
N HIS A 89 2.01 -9.81 6.38
CA HIS A 89 1.29 -11.04 6.10
C HIS A 89 1.52 -12.07 7.21
N ARG A 90 2.46 -11.74 8.10
CA ARG A 90 2.90 -12.65 9.16
C ARG A 90 3.59 -13.86 8.53
N ASP A 91 3.98 -13.69 7.28
CA ASP A 91 4.66 -14.73 6.52
C ASP A 91 6.14 -14.68 6.86
N LEU A 92 6.59 -13.49 7.22
CA LEU A 92 7.97 -13.24 7.57
C LEU A 92 8.06 -12.40 8.83
N PRO A 93 9.17 -12.51 9.56
CA PRO A 93 9.38 -11.81 10.83
C PRO A 93 9.72 -10.34 10.62
N SER A 94 10.24 -10.02 9.45
CA SER A 94 10.58 -8.66 9.10
C SER A 94 9.68 -8.16 7.97
N PRO A 95 8.72 -7.29 8.29
CA PRO A 95 7.79 -6.73 7.30
C PRO A 95 8.52 -5.87 6.28
N GLN A 96 8.10 -5.96 5.03
CA GLN A 96 8.72 -5.19 3.96
C GLN A 96 8.15 -3.78 3.91
N LYS A 97 9.02 -2.78 3.92
CA LYS A 97 8.58 -1.40 3.86
C LYS A 97 8.89 -0.80 2.50
N LYS A 98 7.94 -0.01 2.01
CA LYS A 98 8.06 0.65 0.73
C LYS A 98 8.03 2.15 0.91
N PHE A 99 8.99 2.83 0.31
CA PHE A 99 9.06 4.29 0.37
C PHE A 99 8.53 4.89 -0.92
N ILE A 100 7.51 5.73 -0.80
CA ILE A 100 6.90 6.33 -1.98
C ILE A 100 6.92 7.85 -1.88
N SER A 101 7.21 8.49 -2.99
CA SER A 101 7.26 9.94 -3.06
C SER A 101 7.08 10.38 -4.52
N LYS A 102 6.50 11.56 -4.72
CA LYS A 102 6.31 12.06 -6.07
C LYS A 102 7.60 12.70 -6.58
N MET A 1 12.15 -15.86 -6.99
CA MET A 1 10.71 -15.49 -6.92
C MET A 1 10.03 -16.18 -5.73
N GLY A 2 10.81 -16.49 -4.70
CA GLY A 2 10.25 -17.12 -3.53
C GLY A 2 10.03 -16.13 -2.42
N ASP A 3 9.79 -14.89 -2.81
CA ASP A 3 9.62 -13.79 -1.87
C ASP A 3 8.33 -13.06 -2.16
N ILE A 4 7.66 -12.60 -1.11
CA ILE A 4 6.49 -11.74 -1.26
C ILE A 4 6.89 -10.47 -1.99
N LEU A 5 6.20 -10.15 -3.07
CA LEU A 5 6.54 -8.95 -3.83
C LEU A 5 5.51 -7.87 -3.56
N THR A 6 6.00 -6.69 -3.23
CA THR A 6 5.14 -5.57 -2.92
C THR A 6 5.50 -4.39 -3.81
N PHE A 7 4.51 -3.83 -4.48
CA PHE A 7 4.73 -2.73 -5.41
C PHE A 7 3.86 -1.54 -5.02
N THR A 8 4.42 -0.36 -5.18
CA THR A 8 3.69 0.85 -4.86
C THR A 8 3.43 1.66 -6.12
N ILE A 9 2.21 2.15 -6.26
CA ILE A 9 1.86 2.94 -7.42
C ILE A 9 1.48 4.34 -6.98
N PRO A 10 2.20 5.34 -7.51
CA PRO A 10 1.92 6.74 -7.24
C PRO A 10 0.62 7.20 -7.91
N PRO A 11 -0.18 8.00 -7.20
CA PRO A 11 -1.42 8.54 -7.74
C PRO A 11 -1.16 9.55 -8.84
N SER A 12 -2.05 9.59 -9.81
CA SER A 12 -1.90 10.49 -10.94
C SER A 12 -2.42 11.88 -10.59
N PHE A 13 -1.76 12.92 -11.07
CA PHE A 13 -2.08 14.29 -10.65
C PHE A 13 -3.57 14.60 -10.83
N ALA A 14 -4.11 14.20 -11.98
CA ALA A 14 -5.52 14.44 -12.29
C ALA A 14 -6.42 13.67 -11.33
N ASP A 15 -6.03 12.44 -11.02
CA ASP A 15 -6.83 11.59 -10.12
C ASP A 15 -6.86 12.20 -8.72
N ILE A 16 -5.72 12.75 -8.31
CA ILE A 16 -5.62 13.44 -7.03
C ILE A 16 -6.50 14.69 -7.01
N PHE A 17 -6.64 15.31 -8.17
CA PHE A 17 -7.43 16.53 -8.29
C PHE A 17 -8.91 16.23 -8.16
N LEU A 18 -9.32 15.09 -8.70
CA LEU A 18 -10.71 14.68 -8.70
C LEU A 18 -11.18 14.37 -7.29
N SER A 19 -10.35 13.69 -6.52
CA SER A 19 -10.69 13.34 -5.15
C SER A 19 -10.33 14.46 -4.18
N LYS A 20 -9.41 15.32 -4.61
CA LYS A 20 -8.87 16.41 -3.78
C LYS A 20 -8.04 15.85 -2.63
N SER A 21 -7.85 14.55 -2.64
CA SER A 21 -7.01 13.89 -1.68
C SER A 21 -6.19 12.83 -2.39
N ALA A 22 -4.87 12.89 -2.23
CA ALA A 22 -4.01 11.92 -2.87
C ALA A 22 -4.18 10.56 -2.21
N ASN A 23 -4.22 9.52 -3.02
CA ASN A 23 -4.44 8.19 -2.51
C ASN A 23 -3.24 7.31 -2.79
N LEU A 24 -2.75 6.66 -1.76
CA LEU A 24 -1.61 5.79 -1.88
C LEU A 24 -2.08 4.38 -2.18
N THR A 25 -1.62 3.83 -3.28
CA THR A 25 -2.06 2.51 -3.71
C THR A 25 -0.93 1.50 -3.60
N CYS A 26 -1.19 0.44 -2.87
CA CYS A 26 -0.20 -0.61 -2.67
C CYS A 26 -0.71 -1.93 -3.23
N LEU A 27 0.18 -2.65 -3.91
CA LEU A 27 -0.16 -3.95 -4.46
C LEU A 27 0.81 -5.00 -3.89
N VAL A 28 0.26 -6.03 -3.26
CA VAL A 28 1.08 -7.08 -2.68
C VAL A 28 0.79 -8.40 -3.36
N SER A 29 1.80 -9.00 -3.96
CA SER A 29 1.63 -10.20 -4.77
C SER A 29 2.73 -11.22 -4.46
N ASN A 30 2.63 -12.39 -5.09
CA ASN A 30 3.63 -13.45 -4.97
C ASN A 30 3.87 -13.86 -3.53
N LEU A 31 2.78 -14.15 -2.83
CA LEU A 31 2.85 -14.60 -1.45
C LEU A 31 3.33 -16.04 -1.40
N ALA A 32 4.35 -16.28 -0.58
CA ALA A 32 4.97 -17.61 -0.49
C ALA A 32 4.02 -18.62 0.10
N THR A 33 3.41 -18.28 1.23
CA THR A 33 2.38 -19.12 1.82
C THR A 33 1.04 -18.38 1.76
N TYR A 34 -0.05 -19.11 1.60
CA TYR A 34 -1.36 -18.46 1.46
C TYR A 34 -2.08 -18.34 2.79
N GLU A 35 -2.59 -17.14 3.05
CA GLU A 35 -3.41 -16.83 4.21
C GLU A 35 -3.96 -15.42 4.01
N THR A 36 -4.59 -14.85 5.02
CA THR A 36 -5.10 -13.49 4.94
C THR A 36 -3.94 -12.50 4.68
N LEU A 37 -4.27 -11.38 4.06
CA LEU A 37 -3.26 -10.38 3.75
C LEU A 37 -3.81 -8.99 4.07
N ASN A 38 -2.93 -8.10 4.46
CA ASN A 38 -3.32 -6.76 4.84
C ASN A 38 -2.33 -5.76 4.27
N ILE A 39 -2.78 -4.53 4.07
CA ILE A 39 -1.89 -3.47 3.63
C ILE A 39 -1.91 -2.36 4.69
N SER A 40 -0.75 -1.85 5.05
CA SER A 40 -0.68 -0.82 6.07
C SER A 40 0.15 0.37 5.59
N TRP A 41 -0.46 1.56 5.58
CA TRP A 41 0.25 2.76 5.17
C TRP A 41 0.58 3.62 6.38
N ALA A 42 1.80 4.14 6.37
CA ALA A 42 2.27 5.05 7.39
C ALA A 42 3.37 5.91 6.81
N SER A 43 3.39 7.17 7.17
CA SER A 43 4.46 8.05 6.73
C SER A 43 5.73 7.66 7.45
N GLN A 44 6.85 7.90 6.79
CA GLN A 44 8.14 7.55 7.32
C GLN A 44 8.42 8.34 8.59
N SER A 45 7.71 9.45 8.72
CA SER A 45 7.84 10.31 9.88
C SER A 45 7.13 9.71 11.10
N GLY A 46 6.44 8.58 10.89
CA GLY A 46 5.72 7.95 11.97
C GLY A 46 4.28 8.40 12.02
N GLU A 47 3.78 8.87 10.88
CA GLU A 47 2.41 9.38 10.80
C GLU A 47 1.48 8.27 10.30
N PRO A 48 0.47 7.91 11.08
CA PRO A 48 -0.46 6.84 10.74
C PRO A 48 -1.38 7.21 9.58
N LEU A 49 -1.67 6.26 8.71
CA LEU A 49 -2.54 6.49 7.58
C LEU A 49 -3.67 5.47 7.54
N GLU A 50 -4.84 5.94 7.17
CA GLU A 50 -5.98 5.06 7.05
C GLU A 50 -5.95 4.33 5.72
N THR A 51 -5.64 3.05 5.79
CA THR A 51 -5.56 2.21 4.61
C THR A 51 -6.87 1.46 4.43
N LYS A 52 -7.42 1.46 3.24
CA LYS A 52 -8.67 0.78 3.00
C LYS A 52 -8.46 -0.43 2.12
N ILE A 53 -8.85 -1.57 2.63
CA ILE A 53 -8.82 -2.81 1.88
C ILE A 53 -10.19 -3.46 1.95
N LYS A 54 -10.77 -3.76 0.81
CA LYS A 54 -12.06 -4.42 0.81
C LYS A 54 -11.86 -5.91 0.64
N VAL A 55 -12.64 -6.67 1.40
CA VAL A 55 -12.42 -8.10 1.59
C VAL A 55 -11.19 -8.29 2.48
N MET A 56 -11.41 -8.87 3.65
CA MET A 56 -10.37 -9.02 4.67
C MET A 56 -9.39 -10.14 4.31
N GLU A 57 -9.53 -10.63 3.09
CA GLU A 57 -8.70 -11.72 2.59
C GLU A 57 -8.12 -11.33 1.24
N SER A 58 -7.02 -11.96 0.86
CA SER A 58 -6.36 -11.62 -0.39
C SER A 58 -7.17 -12.17 -1.55
N HIS A 59 -7.09 -11.51 -2.70
CA HIS A 59 -8.04 -11.76 -3.78
C HIS A 59 -7.51 -12.84 -4.70
N PRO A 60 -8.35 -13.87 -4.96
CA PRO A 60 -7.96 -15.05 -5.70
C PRO A 60 -8.40 -15.05 -7.17
N ASN A 61 -8.81 -16.23 -7.66
CA ASN A 61 -9.21 -16.46 -9.05
C ASN A 61 -7.97 -16.54 -9.94
N GLY A 62 -7.54 -15.40 -10.46
CA GLY A 62 -6.32 -15.34 -11.23
C GLY A 62 -5.30 -14.48 -10.53
N THR A 63 -5.64 -14.12 -9.30
CA THR A 63 -4.84 -13.22 -8.51
C THR A 63 -4.50 -13.88 -7.17
N PHE A 64 -3.43 -13.41 -6.53
CA PHE A 64 -3.09 -13.84 -5.18
C PHE A 64 -2.77 -12.62 -4.35
N SER A 65 -3.30 -11.48 -4.79
CA SER A 65 -2.83 -10.20 -4.33
C SER A 65 -3.91 -9.38 -3.62
N ALA A 66 -3.47 -8.48 -2.75
CA ALA A 66 -4.34 -7.55 -2.07
C ALA A 66 -4.01 -6.12 -2.50
N LYS A 67 -4.95 -5.21 -2.29
CA LYS A 67 -4.72 -3.80 -2.56
C LYS A 67 -5.14 -2.96 -1.37
N GLY A 68 -4.36 -1.93 -1.09
CA GLY A 68 -4.61 -1.10 0.07
C GLY A 68 -4.34 0.34 -0.26
N VAL A 69 -5.33 1.18 -0.05
CA VAL A 69 -5.26 2.57 -0.43
C VAL A 69 -5.40 3.49 0.78
N ALA A 70 -4.55 4.50 0.84
CA ALA A 70 -4.53 5.43 1.95
C ALA A 70 -4.91 6.83 1.50
N SER A 71 -5.55 7.59 2.38
CA SER A 71 -5.97 8.95 2.06
C SER A 71 -4.98 9.94 2.64
N VAL A 72 -4.29 10.66 1.77
CA VAL A 72 -3.30 11.63 2.19
C VAL A 72 -3.64 13.00 1.64
N SER A 73 -2.98 14.03 2.16
CA SER A 73 -3.20 15.38 1.70
C SER A 73 -2.30 15.64 0.50
N VAL A 74 -2.79 16.45 -0.43
CA VAL A 74 -2.05 16.76 -1.65
C VAL A 74 -0.74 17.44 -1.28
N GLU A 75 -0.80 18.19 -0.21
CA GLU A 75 0.32 18.92 0.34
C GLU A 75 1.48 17.98 0.69
N ASP A 76 1.17 16.80 1.18
CA ASP A 76 2.20 15.82 1.51
C ASP A 76 2.94 15.43 0.24
N TRP A 77 2.17 15.25 -0.82
CA TRP A 77 2.69 14.92 -2.12
C TRP A 77 3.46 16.10 -2.72
N ASN A 78 2.89 17.28 -2.53
CA ASN A 78 3.46 18.52 -3.06
C ASN A 78 4.72 18.92 -2.29
N ASN A 79 4.85 18.42 -1.07
CA ASN A 79 6.04 18.70 -0.26
C ASN A 79 7.03 17.55 -0.35
N ARG A 80 6.74 16.62 -1.28
CA ARG A 80 7.64 15.50 -1.59
C ARG A 80 7.90 14.64 -0.35
N LYS A 81 6.89 14.47 0.48
CA LYS A 81 7.03 13.68 1.69
C LYS A 81 7.14 12.21 1.37
N GLU A 82 7.63 11.42 2.33
CA GLU A 82 7.83 10.01 2.11
C GLU A 82 6.78 9.20 2.85
N PHE A 83 6.27 8.18 2.19
CA PHE A 83 5.29 7.30 2.79
C PHE A 83 5.74 5.86 2.71
N VAL A 84 5.38 5.09 3.73
CA VAL A 84 5.80 3.71 3.84
C VAL A 84 4.60 2.79 3.91
N CYS A 85 4.60 1.77 3.07
CA CYS A 85 3.60 0.73 3.16
C CYS A 85 4.24 -0.53 3.72
N THR A 86 3.70 -1.03 4.82
CA THR A 86 4.24 -2.21 5.45
C THR A 86 3.26 -3.37 5.33
N VAL A 87 3.76 -4.52 4.90
CA VAL A 87 2.91 -5.66 4.66
C VAL A 87 3.08 -6.71 5.76
N THR A 88 1.97 -7.12 6.35
CA THR A 88 1.99 -8.11 7.42
C THR A 88 1.18 -9.33 7.05
N HIS A 89 1.86 -10.29 6.43
CA HIS A 89 1.20 -11.48 5.92
C HIS A 89 1.36 -12.66 6.87
N ARG A 90 2.22 -12.51 7.89
CA ARG A 90 2.57 -13.60 8.81
C ARG A 90 3.50 -14.60 8.10
N ASP A 91 3.81 -14.29 6.86
CA ASP A 91 4.65 -15.13 6.04
C ASP A 91 6.10 -15.04 6.48
N LEU A 92 6.48 -13.83 6.88
CA LEU A 92 7.86 -13.55 7.29
C LEU A 92 7.87 -12.85 8.64
N PRO A 93 8.99 -12.98 9.37
CA PRO A 93 9.15 -12.40 10.71
C PRO A 93 9.31 -10.88 10.67
N SER A 94 9.90 -10.41 9.60
CA SER A 94 10.14 -8.99 9.42
C SER A 94 9.29 -8.48 8.27
N PRO A 95 8.25 -7.68 8.58
CA PRO A 95 7.35 -7.15 7.56
C PRO A 95 8.08 -6.29 6.53
N GLN A 96 7.70 -6.43 5.28
CA GLN A 96 8.33 -5.69 4.20
C GLN A 96 7.76 -4.29 4.12
N LYS A 97 8.62 -3.34 3.80
CA LYS A 97 8.24 -1.95 3.73
C LYS A 97 8.67 -1.35 2.41
N LYS A 98 7.84 -0.46 1.88
CA LYS A 98 8.16 0.25 0.65
C LYS A 98 8.05 1.75 0.86
N PHE A 99 8.90 2.50 0.17
CA PHE A 99 8.91 3.95 0.29
C PHE A 99 8.36 4.58 -0.98
N ILE A 100 7.42 5.49 -0.83
CA ILE A 100 6.81 6.14 -1.99
C ILE A 100 6.78 7.66 -1.81
N SER A 101 7.09 8.38 -2.88
CA SER A 101 7.15 9.83 -2.85
C SER A 101 6.95 10.39 -4.26
N LYS A 102 6.40 11.58 -4.37
CA LYS A 102 6.16 12.20 -5.67
C LYS A 102 7.44 12.85 -6.20
N MET A 1 12.35 -20.88 -0.53
CA MET A 1 11.43 -20.16 -1.46
C MET A 1 10.39 -19.39 -0.66
N GLY A 2 9.50 -18.71 -1.35
CA GLY A 2 8.45 -17.96 -0.68
C GLY A 2 8.78 -16.48 -0.59
N ASP A 3 9.04 -15.88 -1.75
CA ASP A 3 9.35 -14.45 -1.80
C ASP A 3 8.12 -13.65 -2.17
N ILE A 4 7.64 -12.86 -1.23
CA ILE A 4 6.54 -11.94 -1.45
C ILE A 4 7.07 -10.64 -2.05
N LEU A 5 6.52 -10.25 -3.19
CA LEU A 5 6.94 -9.02 -3.85
C LEU A 5 5.95 -7.90 -3.57
N THR A 6 6.49 -6.77 -3.16
CA THR A 6 5.68 -5.62 -2.82
C THR A 6 5.97 -4.44 -3.73
N PHE A 7 4.93 -3.79 -4.19
CA PHE A 7 5.05 -2.64 -5.08
C PHE A 7 4.16 -1.50 -4.61
N THR A 8 4.64 -0.28 -4.77
CA THR A 8 3.87 0.89 -4.45
C THR A 8 3.55 1.69 -5.71
N ILE A 9 2.32 2.16 -5.82
CA ILE A 9 1.89 2.86 -7.02
C ILE A 9 1.51 4.29 -6.69
N PRO A 10 2.12 5.26 -7.39
CA PRO A 10 1.84 6.68 -7.22
C PRO A 10 0.53 7.10 -7.88
N PRO A 11 -0.25 7.96 -7.22
CA PRO A 11 -1.51 8.49 -7.77
C PRO A 11 -1.28 9.41 -8.96
N SER A 12 -2.26 9.47 -9.84
CA SER A 12 -2.20 10.32 -11.00
C SER A 12 -2.82 11.67 -10.66
N PHE A 13 -2.34 12.70 -11.35
CA PHE A 13 -2.73 14.08 -11.08
C PHE A 13 -4.23 14.27 -11.26
N ALA A 14 -4.81 13.53 -12.19
CA ALA A 14 -6.25 13.58 -12.43
C ALA A 14 -7.02 12.95 -11.27
N ASP A 15 -6.49 11.87 -10.73
CA ASP A 15 -7.13 11.17 -9.61
C ASP A 15 -6.96 11.95 -8.32
N ILE A 16 -5.93 12.77 -8.25
CA ILE A 16 -5.77 13.68 -7.14
C ILE A 16 -6.76 14.84 -7.29
N PHE A 17 -7.14 15.09 -8.53
CA PHE A 17 -8.01 16.21 -8.87
C PHE A 17 -9.46 15.98 -8.45
N LEU A 18 -9.98 14.80 -8.77
CA LEU A 18 -11.40 14.55 -8.61
C LEU A 18 -11.77 14.27 -7.16
N SER A 19 -10.87 13.59 -6.47
CA SER A 19 -11.07 13.27 -5.07
C SER A 19 -10.50 14.37 -4.17
N LYS A 20 -9.79 15.32 -4.79
CA LYS A 20 -9.14 16.43 -4.08
C LYS A 20 -8.14 15.93 -3.04
N SER A 21 -7.76 14.67 -3.16
CA SER A 21 -6.78 14.07 -2.26
C SER A 21 -5.85 13.18 -3.06
N ALA A 22 -4.64 13.01 -2.57
CA ALA A 22 -3.70 12.09 -3.20
C ALA A 22 -3.81 10.74 -2.51
N ASN A 23 -4.09 9.72 -3.28
CA ASN A 23 -4.33 8.40 -2.70
C ASN A 23 -3.17 7.48 -2.96
N LEU A 24 -2.70 6.87 -1.89
CA LEU A 24 -1.60 5.94 -1.96
C LEU A 24 -2.12 4.56 -2.31
N THR A 25 -1.41 3.88 -3.19
CA THR A 25 -1.79 2.54 -3.61
C THR A 25 -0.65 1.56 -3.38
N CYS A 26 -0.89 0.60 -2.53
CA CYS A 26 0.07 -0.44 -2.26
C CYS A 26 -0.43 -1.76 -2.83
N LEU A 27 0.43 -2.45 -3.56
CA LEU A 27 0.07 -3.73 -4.15
C LEU A 27 1.07 -4.80 -3.74
N VAL A 28 0.55 -5.92 -3.26
CA VAL A 28 1.39 -7.02 -2.81
C VAL A 28 1.04 -8.28 -3.60
N SER A 29 2.04 -8.89 -4.21
CA SER A 29 1.82 -10.03 -5.07
C SER A 29 2.89 -11.10 -4.86
N ASN A 30 2.74 -12.23 -5.55
CA ASN A 30 3.69 -13.34 -5.48
C ASN A 30 3.82 -13.85 -4.06
N LEU A 31 2.69 -14.05 -3.40
CA LEU A 31 2.68 -14.55 -2.04
C LEU A 31 2.88 -16.07 -2.04
N ALA A 32 3.30 -16.61 -0.91
CA ALA A 32 3.44 -18.06 -0.76
C ALA A 32 2.21 -18.58 -0.04
N THR A 33 1.60 -17.64 0.67
CA THR A 33 0.24 -17.76 1.17
C THR A 33 0.10 -18.81 2.26
N TYR A 34 0.96 -18.69 3.26
CA TYR A 34 0.88 -19.51 4.45
C TYR A 34 -0.13 -18.92 5.43
N GLU A 35 -0.62 -17.72 5.09
CA GLU A 35 -1.58 -16.99 5.91
C GLU A 35 -2.21 -15.88 5.05
N THR A 36 -3.28 -15.26 5.55
CA THR A 36 -3.95 -14.18 4.85
C THR A 36 -3.10 -12.91 4.79
N LEU A 37 -3.54 -11.92 4.03
CA LEU A 37 -2.76 -10.71 3.83
C LEU A 37 -3.57 -9.47 4.25
N ASN A 38 -2.86 -8.38 4.47
CA ASN A 38 -3.44 -7.13 4.90
C ASN A 38 -2.53 -6.00 4.42
N ILE A 39 -3.08 -4.82 4.22
CA ILE A 39 -2.29 -3.69 3.75
C ILE A 39 -2.34 -2.58 4.77
N SER A 40 -1.20 -1.97 5.07
CA SER A 40 -1.15 -0.90 6.04
C SER A 40 -0.38 0.30 5.50
N TRP A 41 -0.92 1.49 5.68
CA TRP A 41 -0.25 2.71 5.26
C TRP A 41 0.10 3.60 6.46
N ALA A 42 1.29 4.16 6.43
CA ALA A 42 1.72 5.08 7.46
C ALA A 42 2.69 6.10 6.90
N SER A 43 2.88 7.18 7.62
CA SER A 43 3.88 8.18 7.26
C SER A 43 5.27 7.65 7.57
N GLN A 44 6.30 8.32 7.08
CA GLN A 44 7.67 7.84 7.26
C GLN A 44 8.05 7.84 8.74
N SER A 45 7.40 8.67 9.53
CA SER A 45 7.65 8.71 10.97
C SER A 45 6.87 7.62 11.71
N GLY A 46 6.16 6.79 10.96
CA GLY A 46 5.38 5.73 11.57
C GLY A 46 4.01 6.22 12.01
N GLU A 47 3.57 7.31 11.40
CA GLU A 47 2.29 7.92 11.73
C GLU A 47 1.18 7.28 10.91
N PRO A 48 0.17 6.71 11.59
CA PRO A 48 -0.93 5.98 10.93
C PRO A 48 -1.67 6.81 9.88
N LEU A 49 -2.06 6.15 8.80
CA LEU A 49 -2.81 6.80 7.72
C LEU A 49 -4.13 6.08 7.48
N GLU A 50 -5.14 6.84 7.11
CA GLU A 50 -6.47 6.31 6.84
C GLU A 50 -6.43 5.32 5.67
N THR A 51 -6.58 4.05 5.99
CA THR A 51 -6.51 2.99 4.99
C THR A 51 -7.71 2.06 5.15
N LYS A 52 -8.38 1.76 4.04
CA LYS A 52 -9.52 0.84 4.08
C LYS A 52 -9.19 -0.42 3.30
N ILE A 53 -9.27 -1.56 3.96
CA ILE A 53 -8.95 -2.84 3.33
C ILE A 53 -10.13 -3.79 3.40
N LYS A 54 -10.61 -4.21 2.24
CA LYS A 54 -11.66 -5.22 2.16
C LYS A 54 -11.08 -6.54 1.67
N VAL A 55 -11.52 -7.61 2.32
CA VAL A 55 -11.05 -8.97 2.01
C VAL A 55 -9.62 -9.17 2.48
N MET A 56 -9.45 -10.02 3.50
CA MET A 56 -8.13 -10.37 4.04
C MET A 56 -7.39 -11.33 3.10
N GLU A 57 -7.95 -11.50 1.92
CA GLU A 57 -7.42 -12.41 0.92
C GLU A 57 -7.10 -11.61 -0.34
N SER A 58 -6.22 -12.11 -1.17
CA SER A 58 -5.77 -11.38 -2.32
C SER A 58 -6.84 -11.39 -3.40
N HIS A 59 -6.92 -10.30 -4.15
CA HIS A 59 -8.06 -10.08 -5.03
C HIS A 59 -7.76 -10.63 -6.41
N PRO A 60 -8.68 -11.44 -6.95
CA PRO A 60 -8.56 -12.05 -8.26
C PRO A 60 -9.18 -11.19 -9.35
N ASN A 61 -9.69 -11.84 -10.39
CA ASN A 61 -10.33 -11.16 -11.52
C ASN A 61 -9.31 -10.29 -12.25
N GLY A 62 -8.37 -10.94 -12.90
CA GLY A 62 -7.31 -10.22 -13.60
C GLY A 62 -6.23 -9.76 -12.66
N THR A 63 -6.28 -10.27 -11.44
CA THR A 63 -5.33 -9.88 -10.40
C THR A 63 -5.01 -11.08 -9.51
N PHE A 64 -3.83 -11.06 -8.90
CA PHE A 64 -3.45 -12.09 -7.93
C PHE A 64 -2.88 -11.40 -6.69
N SER A 65 -3.26 -10.16 -6.50
CA SER A 65 -2.57 -9.30 -5.56
C SER A 65 -3.55 -8.60 -4.61
N ALA A 66 -2.98 -7.93 -3.62
CA ALA A 66 -3.77 -7.13 -2.68
C ALA A 66 -3.51 -5.65 -2.94
N LYS A 67 -4.50 -4.82 -2.66
CA LYS A 67 -4.37 -3.39 -2.88
C LYS A 67 -4.84 -2.64 -1.65
N GLY A 68 -4.12 -1.59 -1.30
CA GLY A 68 -4.50 -0.76 -0.17
C GLY A 68 -4.45 0.71 -0.52
N VAL A 69 -5.52 1.42 -0.25
CA VAL A 69 -5.62 2.83 -0.62
C VAL A 69 -5.69 3.72 0.62
N ALA A 70 -4.78 4.67 0.69
CA ALA A 70 -4.76 5.67 1.77
C ALA A 70 -4.95 7.07 1.20
N SER A 71 -5.61 7.94 1.93
CA SER A 71 -5.82 9.31 1.48
C SER A 71 -4.82 10.26 2.12
N VAL A 72 -4.06 10.96 1.29
CA VAL A 72 -3.06 11.89 1.78
C VAL A 72 -3.32 13.28 1.21
N SER A 73 -2.66 14.28 1.78
CA SER A 73 -2.82 15.65 1.34
C SER A 73 -2.17 15.84 -0.02
N VAL A 74 -2.79 16.66 -0.87
CA VAL A 74 -2.22 16.99 -2.17
C VAL A 74 -0.90 17.71 -1.96
N GLU A 75 -0.88 18.49 -0.88
CA GLU A 75 0.30 19.22 -0.46
C GLU A 75 1.42 18.28 -0.04
N ASP A 76 1.08 17.12 0.53
CA ASP A 76 2.10 16.13 0.89
C ASP A 76 2.80 15.68 -0.37
N TRP A 77 2.00 15.36 -1.37
CA TRP A 77 2.52 14.90 -2.65
C TRP A 77 3.26 16.01 -3.36
N ASN A 78 2.69 17.21 -3.33
CA ASN A 78 3.27 18.37 -3.98
C ASN A 78 4.58 18.79 -3.32
N ASN A 79 4.72 18.50 -2.03
CA ASN A 79 5.94 18.83 -1.31
C ASN A 79 6.93 17.67 -1.40
N ARG A 80 6.59 16.67 -2.21
CA ARG A 80 7.47 15.53 -2.46
C ARG A 80 7.69 14.69 -1.20
N LYS A 81 6.64 14.56 -0.40
CA LYS A 81 6.71 13.76 0.82
C LYS A 81 6.74 12.27 0.50
N GLU A 82 7.20 11.49 1.45
CA GLU A 82 7.35 10.05 1.26
C GLU A 82 6.58 9.31 2.33
N PHE A 83 5.91 8.24 1.92
CA PHE A 83 5.10 7.46 2.84
C PHE A 83 5.55 6.00 2.85
N VAL A 84 5.18 5.28 3.90
CA VAL A 84 5.62 3.91 4.08
C VAL A 84 4.43 2.97 4.24
N CYS A 85 4.42 1.90 3.47
CA CYS A 85 3.37 0.90 3.59
C CYS A 85 3.93 -0.35 4.24
N THR A 86 3.12 -0.99 5.07
CA THR A 86 3.52 -2.21 5.73
C THR A 86 2.54 -3.34 5.41
N VAL A 87 3.07 -4.40 4.84
CA VAL A 87 2.28 -5.56 4.47
C VAL A 87 2.52 -6.70 5.47
N THR A 88 1.44 -7.34 5.90
CA THR A 88 1.54 -8.33 6.94
C THR A 88 0.87 -9.63 6.50
N HIS A 89 1.67 -10.52 5.94
CA HIS A 89 1.15 -11.78 5.42
C HIS A 89 1.38 -12.91 6.42
N ARG A 90 2.18 -12.63 7.46
CA ARG A 90 2.62 -13.66 8.43
C ARG A 90 3.39 -14.77 7.72
N ASP A 91 3.70 -14.51 6.46
CA ASP A 91 4.32 -15.47 5.57
C ASP A 91 5.80 -15.18 5.44
N LEU A 92 6.15 -13.93 5.70
CA LEU A 92 7.52 -13.46 5.64
C LEU A 92 8.06 -13.21 7.04
N PRO A 93 9.38 -13.16 7.24
CA PRO A 93 9.97 -12.99 8.57
C PRO A 93 9.54 -11.67 9.25
N SER A 94 9.32 -10.65 8.44
CA SER A 94 8.96 -9.34 8.95
C SER A 94 8.18 -8.59 7.89
N PRO A 95 7.14 -7.83 8.29
CA PRO A 95 6.31 -7.05 7.37
C PRO A 95 7.17 -6.16 6.47
N GLN A 96 6.79 -6.05 5.21
CA GLN A 96 7.61 -5.30 4.27
C GLN A 96 7.21 -3.84 4.24
N LYS A 97 8.20 -2.98 4.38
CA LYS A 97 7.99 -1.55 4.29
C LYS A 97 8.43 -1.06 2.92
N LYS A 98 7.53 -0.37 2.26
CA LYS A 98 7.84 0.19 0.95
C LYS A 98 7.61 1.68 0.97
N PHE A 99 8.49 2.39 0.28
CA PHE A 99 8.45 3.84 0.25
C PHE A 99 7.77 4.32 -1.02
N ILE A 100 7.00 5.38 -0.90
CA ILE A 100 6.35 5.97 -2.06
C ILE A 100 6.53 7.48 -2.02
N SER A 101 6.82 8.07 -3.16
CA SER A 101 7.15 9.47 -3.23
C SER A 101 6.92 10.00 -4.63
N LYS A 102 6.57 11.27 -4.73
CA LYS A 102 6.42 11.93 -6.01
C LYS A 102 7.74 12.57 -6.42
N MET A 1 10.06 -20.97 1.82
CA MET A 1 10.19 -19.84 0.86
C MET A 1 8.85 -19.46 0.27
N GLY A 2 8.87 -18.43 -0.56
CA GLY A 2 7.67 -17.95 -1.19
C GLY A 2 7.91 -16.59 -1.81
N ASP A 3 8.58 -15.74 -1.04
CA ASP A 3 9.05 -14.44 -1.52
C ASP A 3 7.89 -13.51 -1.84
N ILE A 4 7.26 -13.03 -0.78
CA ILE A 4 6.19 -12.06 -0.89
C ILE A 4 6.71 -10.74 -1.45
N LEU A 5 6.14 -10.29 -2.55
CA LEU A 5 6.61 -9.07 -3.19
C LEU A 5 5.59 -7.95 -3.02
N THR A 6 6.07 -6.80 -2.59
CA THR A 6 5.23 -5.63 -2.44
C THR A 6 5.61 -4.57 -3.47
N PHE A 7 4.60 -4.01 -4.12
CA PHE A 7 4.80 -2.98 -5.13
C PHE A 7 3.98 -1.75 -4.78
N THR A 8 4.54 -0.57 -5.03
CA THR A 8 3.83 0.66 -4.74
C THR A 8 3.55 1.43 -6.03
N ILE A 9 2.34 1.96 -6.14
CA ILE A 9 1.96 2.75 -7.28
C ILE A 9 1.60 4.17 -6.86
N PRO A 10 2.25 5.16 -7.48
CA PRO A 10 1.94 6.57 -7.23
C PRO A 10 0.68 7.01 -7.98
N PRO A 11 -0.16 7.82 -7.34
CA PRO A 11 -1.37 8.35 -7.96
C PRO A 11 -1.06 9.37 -9.05
N SER A 12 -1.92 9.44 -10.03
CA SER A 12 -1.73 10.32 -11.17
C SER A 12 -2.32 11.69 -10.89
N PHE A 13 -1.57 12.71 -11.28
CA PHE A 13 -1.84 14.10 -10.91
C PHE A 13 -3.25 14.55 -11.28
N ALA A 14 -3.76 14.09 -12.41
CA ALA A 14 -5.10 14.45 -12.84
C ALA A 14 -6.15 13.84 -11.91
N ASP A 15 -5.98 12.55 -11.63
CA ASP A 15 -6.90 11.83 -10.75
C ASP A 15 -6.88 12.42 -9.34
N ILE A 16 -5.68 12.81 -8.90
CA ILE A 16 -5.50 13.47 -7.62
C ILE A 16 -6.32 14.76 -7.55
N PHE A 17 -6.34 15.48 -8.65
CA PHE A 17 -6.99 16.78 -8.73
C PHE A 17 -8.50 16.64 -8.62
N LEU A 18 -9.03 15.68 -9.36
CA LEU A 18 -10.48 15.43 -9.37
C LEU A 18 -10.95 14.85 -8.06
N SER A 19 -10.21 13.89 -7.53
CA SER A 19 -10.57 13.22 -6.29
C SER A 19 -10.39 14.14 -5.07
N LYS A 20 -9.79 15.33 -5.30
CA LYS A 20 -9.55 16.33 -4.26
C LYS A 20 -8.42 15.89 -3.32
N SER A 21 -8.12 14.60 -3.32
CA SER A 21 -7.03 14.04 -2.56
C SER A 21 -6.31 13.01 -3.39
N ALA A 22 -5.10 12.67 -2.99
CA ALA A 22 -4.32 11.65 -3.66
C ALA A 22 -4.45 10.34 -2.88
N ASN A 23 -4.18 9.24 -3.54
CA ASN A 23 -4.35 7.94 -2.92
C ASN A 23 -3.08 7.12 -3.06
N LEU A 24 -2.67 6.49 -1.98
CA LEU A 24 -1.50 5.63 -2.01
C LEU A 24 -1.92 4.23 -2.38
N THR A 25 -1.29 3.69 -3.41
CA THR A 25 -1.64 2.37 -3.90
C THR A 25 -0.53 1.36 -3.60
N CYS A 26 -0.85 0.43 -2.73
CA CYS A 26 0.06 -0.63 -2.39
C CYS A 26 -0.49 -1.95 -2.91
N LEU A 27 0.33 -2.68 -3.63
CA LEU A 27 -0.07 -3.95 -4.21
C LEU A 27 0.88 -5.03 -3.73
N VAL A 28 0.34 -6.08 -3.12
CA VAL A 28 1.17 -7.15 -2.60
C VAL A 28 0.83 -8.46 -3.28
N SER A 29 1.82 -9.05 -3.94
CA SER A 29 1.60 -10.25 -4.73
C SER A 29 2.70 -11.28 -4.45
N ASN A 30 2.60 -12.44 -5.09
CA ASN A 30 3.54 -13.55 -4.89
C ASN A 30 3.55 -13.97 -3.42
N LEU A 31 2.37 -14.03 -2.84
CA LEU A 31 2.23 -14.45 -1.46
C LEU A 31 2.53 -15.93 -1.33
N ALA A 32 3.46 -16.26 -0.45
CA ALA A 32 3.94 -17.63 -0.26
C ALA A 32 2.80 -18.60 0.06
N THR A 33 1.77 -18.11 0.73
CA THR A 33 0.66 -18.97 1.09
C THR A 33 -0.67 -18.39 0.62
N TYR A 34 -0.61 -17.22 -0.03
CA TYR A 34 -1.80 -16.46 -0.39
C TYR A 34 -2.69 -16.25 0.84
N GLU A 35 -3.97 -16.61 0.71
CA GLU A 35 -4.91 -16.54 1.83
C GLU A 35 -5.08 -15.11 2.36
N THR A 36 -5.26 -15.02 3.67
CA THR A 36 -5.51 -13.75 4.35
C THR A 36 -4.28 -12.84 4.31
N LEU A 37 -4.49 -11.57 4.02
CA LEU A 37 -3.41 -10.60 3.99
C LEU A 37 -3.89 -9.27 4.55
N ASN A 38 -2.95 -8.43 4.95
CA ASN A 38 -3.28 -7.10 5.43
C ASN A 38 -2.41 -6.07 4.74
N ILE A 39 -2.92 -4.86 4.60
CA ILE A 39 -2.16 -3.77 4.01
C ILE A 39 -2.07 -2.65 5.04
N SER A 40 -0.92 -2.00 5.15
CA SER A 40 -0.79 -0.90 6.10
C SER A 40 0.07 0.23 5.53
N TRP A 41 -0.39 1.46 5.73
CA TRP A 41 0.34 2.64 5.29
C TRP A 41 0.70 3.52 6.46
N ALA A 42 1.81 4.22 6.32
CA ALA A 42 2.25 5.18 7.31
C ALA A 42 3.19 6.18 6.64
N SER A 43 3.14 7.42 7.07
CA SER A 43 4.09 8.42 6.61
C SER A 43 5.50 8.05 7.08
N GLN A 44 6.51 8.66 6.46
CA GLN A 44 7.91 8.39 6.82
C GLN A 44 8.13 8.59 8.32
N SER A 45 7.38 9.52 8.90
CA SER A 45 7.50 9.84 10.31
C SER A 45 6.91 8.73 11.19
N GLY A 46 6.39 7.69 10.54
CA GLY A 46 5.83 6.57 11.28
C GLY A 46 4.42 6.84 11.71
N GLU A 47 3.80 7.83 11.07
CA GLU A 47 2.46 8.25 11.45
C GLU A 47 1.43 7.54 10.59
N PRO A 48 0.43 6.91 11.24
CA PRO A 48 -0.55 6.07 10.56
C PRO A 48 -1.32 6.81 9.47
N LEU A 49 -1.47 6.14 8.35
CA LEU A 49 -2.18 6.69 7.21
C LEU A 49 -3.61 6.18 7.21
N GLU A 50 -4.53 7.01 6.74
CA GLU A 50 -5.90 6.58 6.57
C GLU A 50 -5.96 5.54 5.46
N THR A 51 -6.12 4.30 5.88
CA THR A 51 -6.14 3.17 4.97
C THR A 51 -7.11 2.12 5.50
N LYS A 52 -8.04 1.67 4.68
CA LYS A 52 -8.94 0.61 5.12
C LYS A 52 -8.86 -0.58 4.18
N ILE A 53 -8.48 -1.74 4.72
CA ILE A 53 -8.39 -2.96 3.95
C ILE A 53 -8.98 -4.13 4.73
N LYS A 54 -9.88 -4.87 4.13
CA LYS A 54 -10.30 -6.13 4.69
C LYS A 54 -10.24 -7.20 3.62
N VAL A 55 -9.23 -8.05 3.71
CA VAL A 55 -9.04 -9.12 2.75
C VAL A 55 -8.59 -10.40 3.45
N MET A 56 -9.54 -11.23 3.83
CA MET A 56 -9.24 -12.50 4.46
C MET A 56 -8.82 -13.51 3.40
N GLU A 57 -8.75 -13.03 2.17
CA GLU A 57 -8.35 -13.84 1.03
C GLU A 57 -7.69 -12.94 0.00
N SER A 58 -6.82 -13.51 -0.83
CA SER A 58 -6.19 -12.77 -1.89
C SER A 58 -7.18 -12.58 -3.03
N HIS A 59 -7.26 -11.39 -3.59
CA HIS A 59 -8.37 -11.06 -4.49
C HIS A 59 -8.04 -11.31 -5.94
N PRO A 60 -8.94 -12.02 -6.64
CA PRO A 60 -8.86 -12.25 -8.07
C PRO A 60 -9.49 -11.10 -8.87
N ASN A 61 -8.78 -10.67 -9.89
CA ASN A 61 -9.22 -9.56 -10.74
C ASN A 61 -8.19 -9.33 -11.84
N GLY A 62 -7.72 -10.44 -12.42
CA GLY A 62 -6.59 -10.39 -13.32
C GLY A 62 -5.30 -10.45 -12.55
N THR A 63 -5.44 -10.42 -11.24
CA THR A 63 -4.34 -10.51 -10.31
C THR A 63 -4.76 -11.38 -9.12
N PHE A 64 -3.82 -11.76 -8.28
CA PHE A 64 -4.08 -12.67 -7.16
C PHE A 64 -3.66 -12.02 -5.84
N SER A 65 -3.69 -10.70 -5.83
CA SER A 65 -3.03 -9.91 -4.81
C SER A 65 -4.01 -9.17 -3.89
N ALA A 66 -3.47 -8.54 -2.87
CA ALA A 66 -4.23 -7.63 -2.00
C ALA A 66 -3.82 -6.21 -2.32
N LYS A 67 -4.76 -5.28 -2.18
CA LYS A 67 -4.52 -3.90 -2.54
C LYS A 67 -4.99 -2.99 -1.42
N GLY A 68 -4.22 -1.96 -1.13
CA GLY A 68 -4.58 -1.03 -0.07
C GLY A 68 -4.53 0.39 -0.55
N VAL A 69 -5.57 1.15 -0.22
CA VAL A 69 -5.66 2.54 -0.64
C VAL A 69 -5.60 3.47 0.57
N ALA A 70 -4.66 4.40 0.55
CA ALA A 70 -4.52 5.35 1.64
C ALA A 70 -4.81 6.76 1.15
N SER A 71 -5.20 7.64 2.06
CA SER A 71 -5.65 8.97 1.68
C SER A 71 -4.63 10.02 2.06
N VAL A 72 -4.15 10.76 1.08
CA VAL A 72 -3.19 11.84 1.33
C VAL A 72 -3.68 13.12 0.68
N SER A 73 -3.26 14.24 1.24
CA SER A 73 -3.61 15.53 0.71
C SER A 73 -2.77 15.84 -0.52
N VAL A 74 -3.35 16.55 -1.49
CA VAL A 74 -2.65 16.94 -2.70
C VAL A 74 -1.42 17.76 -2.34
N GLU A 75 -1.56 18.52 -1.26
CA GLU A 75 -0.50 19.35 -0.73
C GLU A 75 0.73 18.51 -0.39
N ASP A 76 0.52 17.36 0.22
CA ASP A 76 1.61 16.49 0.64
C ASP A 76 2.32 15.95 -0.60
N TRP A 77 1.52 15.57 -1.59
CA TRP A 77 2.06 15.04 -2.83
C TRP A 77 2.78 16.14 -3.60
N ASN A 78 2.24 17.35 -3.51
CA ASN A 78 2.84 18.52 -4.14
C ASN A 78 4.14 18.91 -3.45
N ASN A 79 4.26 18.55 -2.18
CA ASN A 79 5.49 18.82 -1.43
C ASN A 79 6.42 17.62 -1.53
N ARG A 80 6.03 16.66 -2.37
CA ARG A 80 6.80 15.44 -2.61
C ARG A 80 7.00 14.64 -1.33
N LYS A 81 5.96 14.59 -0.51
CA LYS A 81 5.97 13.76 0.69
C LYS A 81 6.24 12.31 0.33
N GLU A 82 6.91 11.62 1.24
CA GLU A 82 7.21 10.22 1.05
C GLU A 82 6.48 9.39 2.10
N PHE A 83 5.95 8.27 1.68
CA PHE A 83 5.17 7.42 2.56
C PHE A 83 5.73 6.01 2.56
N VAL A 84 5.42 5.27 3.62
CA VAL A 84 5.92 3.93 3.79
C VAL A 84 4.77 2.94 3.95
N CYS A 85 4.75 1.92 3.13
CA CYS A 85 3.77 0.86 3.27
C CYS A 85 4.43 -0.37 3.85
N THR A 86 3.78 -0.99 4.81
CA THR A 86 4.32 -2.17 5.45
C THR A 86 3.31 -3.30 5.36
N VAL A 87 3.77 -4.50 5.02
CA VAL A 87 2.87 -5.62 4.83
C VAL A 87 3.05 -6.66 5.94
N THR A 88 1.93 -7.03 6.56
CA THR A 88 1.95 -8.01 7.63
C THR A 88 1.18 -9.28 7.23
N HIS A 89 1.89 -10.22 6.65
CA HIS A 89 1.28 -11.49 6.27
C HIS A 89 1.58 -12.56 7.32
N ARG A 90 2.55 -12.27 8.17
CA ARG A 90 2.99 -13.18 9.22
C ARG A 90 3.59 -14.45 8.64
N ASP A 91 4.08 -14.35 7.41
CA ASP A 91 4.80 -15.46 6.78
C ASP A 91 6.29 -15.22 6.90
N LEU A 92 6.67 -13.96 6.79
CA LEU A 92 8.04 -13.56 7.04
C LEU A 92 8.16 -12.98 8.44
N PRO A 93 9.32 -13.16 9.08
CA PRO A 93 9.54 -12.81 10.48
C PRO A 93 9.54 -11.31 10.72
N SER A 94 9.81 -10.56 9.67
CA SER A 94 9.82 -9.10 9.75
C SER A 94 9.03 -8.53 8.59
N PRO A 95 8.11 -7.59 8.88
CA PRO A 95 7.25 -6.98 7.86
C PRO A 95 8.07 -6.21 6.83
N GLN A 96 7.66 -6.31 5.57
CA GLN A 96 8.35 -5.64 4.47
C GLN A 96 7.81 -4.23 4.29
N LYS A 97 8.70 -3.30 3.97
CA LYS A 97 8.35 -1.89 3.85
C LYS A 97 8.79 -1.33 2.51
N LYS A 98 8.03 -0.36 2.02
CA LYS A 98 8.36 0.32 0.77
C LYS A 98 8.20 1.82 0.92
N PHE A 99 9.05 2.57 0.24
CA PHE A 99 8.99 4.03 0.26
C PHE A 99 8.43 4.52 -1.06
N ILE A 100 7.62 5.57 -1.03
CA ILE A 100 7.02 6.11 -2.25
C ILE A 100 6.96 7.64 -2.20
N SER A 101 7.27 8.26 -3.34
CA SER A 101 7.16 9.71 -3.49
C SER A 101 7.07 10.03 -4.98
N LYS A 102 6.36 11.10 -5.33
CA LYS A 102 6.21 11.47 -6.73
C LYS A 102 7.20 12.56 -7.10
N MET A 1 8.39 -22.10 -4.01
CA MET A 1 8.11 -21.04 -3.03
C MET A 1 8.36 -19.67 -3.65
N GLY A 2 7.32 -18.87 -3.75
CA GLY A 2 7.45 -17.52 -4.27
C GLY A 2 7.75 -16.53 -3.17
N ASP A 3 8.43 -15.46 -3.52
CA ASP A 3 8.77 -14.42 -2.55
C ASP A 3 7.70 -13.35 -2.57
N ILE A 4 7.25 -12.96 -1.38
CA ILE A 4 6.24 -11.91 -1.26
C ILE A 4 6.77 -10.61 -1.87
N LEU A 5 6.05 -10.10 -2.86
CA LEU A 5 6.49 -8.92 -3.59
C LEU A 5 5.70 -7.70 -3.15
N THR A 6 6.42 -6.63 -2.85
CA THR A 6 5.80 -5.40 -2.41
C THR A 6 6.11 -4.28 -3.41
N PHE A 7 5.07 -3.68 -3.96
CA PHE A 7 5.23 -2.59 -4.90
C PHE A 7 4.28 -1.45 -4.56
N THR A 8 4.75 -0.23 -4.79
CA THR A 8 3.94 0.95 -4.52
C THR A 8 3.64 1.68 -5.83
N ILE A 9 2.40 2.10 -5.98
CA ILE A 9 1.99 2.82 -7.18
C ILE A 9 1.54 4.22 -6.80
N PRO A 10 2.20 5.22 -7.38
CA PRO A 10 1.85 6.63 -7.16
C PRO A 10 0.52 6.98 -7.81
N PRO A 11 -0.29 7.80 -7.12
CA PRO A 11 -1.56 8.26 -7.66
C PRO A 11 -1.33 9.23 -8.82
N SER A 12 -2.20 9.18 -9.79
CA SER A 12 -2.04 9.99 -10.98
C SER A 12 -2.50 11.41 -10.68
N PHE A 13 -1.78 12.42 -11.15
CA PHE A 13 -2.03 13.80 -10.74
C PHE A 13 -3.49 14.19 -10.97
N ALA A 14 -4.03 13.79 -12.12
CA ALA A 14 -5.42 14.08 -12.47
C ALA A 14 -6.39 13.39 -11.50
N ASP A 15 -6.06 12.18 -11.12
CA ASP A 15 -6.90 11.42 -10.18
C ASP A 15 -6.90 12.09 -8.81
N ILE A 16 -5.75 12.65 -8.45
CA ILE A 16 -5.64 13.43 -7.22
C ILE A 16 -6.45 14.70 -7.32
N PHE A 17 -6.54 15.23 -8.53
CA PHE A 17 -7.33 16.42 -8.80
C PHE A 17 -8.82 16.11 -8.58
N LEU A 18 -9.21 14.90 -8.95
CA LEU A 18 -10.59 14.47 -8.83
C LEU A 18 -10.93 14.10 -7.39
N SER A 19 -10.06 13.31 -6.77
CA SER A 19 -10.28 12.84 -5.41
C SER A 19 -9.90 13.90 -4.38
N LYS A 20 -9.24 14.97 -4.85
CA LYS A 20 -8.78 16.08 -4.01
C LYS A 20 -7.62 15.66 -3.11
N SER A 21 -7.82 14.64 -2.31
CA SER A 21 -6.77 14.11 -1.47
C SER A 21 -6.10 12.94 -2.17
N ALA A 22 -4.79 12.99 -2.29
CA ALA A 22 -4.03 11.95 -2.96
C ALA A 22 -4.21 10.62 -2.27
N ASN A 23 -4.22 9.55 -3.05
CA ASN A 23 -4.47 8.22 -2.52
C ASN A 23 -3.29 7.31 -2.81
N LEU A 24 -2.75 6.72 -1.75
CA LEU A 24 -1.61 5.83 -1.87
C LEU A 24 -2.07 4.43 -2.26
N THR A 25 -1.45 3.86 -3.27
CA THR A 25 -1.86 2.56 -3.76
C THR A 25 -0.75 1.53 -3.56
N CYS A 26 -1.10 0.46 -2.85
CA CYS A 26 -0.14 -0.58 -2.55
C CYS A 26 -0.51 -1.87 -3.28
N LEU A 27 0.50 -2.54 -3.81
CA LEU A 27 0.30 -3.81 -4.48
C LEU A 27 1.21 -4.87 -3.86
N VAL A 28 0.62 -5.94 -3.36
CA VAL A 28 1.39 -7.03 -2.77
C VAL A 28 0.98 -8.36 -3.40
N SER A 29 1.94 -9.05 -4.01
CA SER A 29 1.65 -10.27 -4.76
C SER A 29 2.70 -11.34 -4.46
N ASN A 30 2.52 -12.52 -5.05
CA ASN A 30 3.43 -13.66 -4.87
C ASN A 30 3.56 -14.05 -3.40
N LEU A 31 2.47 -13.95 -2.67
CA LEU A 31 2.45 -14.37 -1.27
C LEU A 31 2.78 -15.85 -1.18
N ALA A 32 3.80 -16.17 -0.38
CA ALA A 32 4.38 -17.50 -0.34
C ALA A 32 3.35 -18.58 0.00
N THR A 33 2.29 -18.19 0.71
CA THR A 33 1.23 -19.11 1.05
C THR A 33 -0.14 -18.52 0.69
N TYR A 34 -0.11 -17.38 0.00
CA TYR A 34 -1.31 -16.59 -0.27
C TYR A 34 -2.02 -16.21 1.03
N GLU A 35 -2.90 -17.08 1.52
CA GLU A 35 -3.50 -16.94 2.86
C GLU A 35 -4.16 -15.56 3.03
N THR A 36 -4.25 -15.10 4.27
CA THR A 36 -4.72 -13.76 4.58
C THR A 36 -3.56 -12.77 4.47
N LEU A 37 -3.88 -11.50 4.39
CA LEU A 37 -2.87 -10.46 4.32
C LEU A 37 -3.46 -9.13 4.72
N ASN A 38 -2.62 -8.27 5.26
CA ASN A 38 -3.03 -6.94 5.64
C ASN A 38 -2.22 -5.92 4.86
N ILE A 39 -2.77 -4.75 4.65
CA ILE A 39 -2.04 -3.68 4.01
C ILE A 39 -1.99 -2.49 4.97
N SER A 40 -0.83 -1.87 5.12
CA SER A 40 -0.69 -0.79 6.07
C SER A 40 0.14 0.35 5.50
N TRP A 41 -0.41 1.54 5.54
CA TRP A 41 0.30 2.75 5.13
C TRP A 41 0.66 3.57 6.36
N ALA A 42 1.78 4.27 6.28
CA ALA A 42 2.25 5.09 7.36
C ALA A 42 3.12 6.21 6.81
N SER A 43 3.24 7.29 7.54
CA SER A 43 4.11 8.37 7.14
C SER A 43 5.51 8.13 7.67
N GLN A 44 6.52 8.73 7.03
CA GLN A 44 7.92 8.53 7.41
C GLN A 44 8.16 8.99 8.86
N SER A 45 7.27 9.82 9.36
CA SER A 45 7.33 10.29 10.74
C SER A 45 6.92 9.18 11.71
N GLY A 46 6.46 8.06 11.16
CA GLY A 46 6.11 6.90 11.97
C GLY A 46 4.67 6.90 12.36
N GLU A 47 3.86 7.67 11.64
CA GLU A 47 2.45 7.79 11.96
C GLU A 47 1.61 6.96 11.00
N PRO A 48 0.64 6.19 11.54
CA PRO A 48 -0.22 5.32 10.73
C PRO A 48 -1.19 6.11 9.86
N LEU A 49 -1.33 5.68 8.61
CA LEU A 49 -2.25 6.31 7.68
C LEU A 49 -3.47 5.43 7.46
N GLU A 50 -4.63 6.07 7.35
CA GLU A 50 -5.88 5.35 7.17
C GLU A 50 -5.89 4.61 5.85
N THR A 51 -5.76 3.30 5.93
CA THR A 51 -5.77 2.43 4.77
C THR A 51 -7.11 1.70 4.68
N LYS A 52 -7.86 1.96 3.63
CA LYS A 52 -9.17 1.33 3.49
C LYS A 52 -9.06 0.06 2.66
N ILE A 53 -9.46 -1.05 3.26
CA ILE A 53 -9.35 -2.36 2.64
C ILE A 53 -10.64 -3.12 2.84
N LYS A 54 -11.08 -3.83 1.81
CA LYS A 54 -12.23 -4.72 1.94
C LYS A 54 -11.83 -6.14 1.56
N VAL A 55 -12.46 -7.11 2.22
CA VAL A 55 -12.11 -8.52 2.08
C VAL A 55 -10.81 -8.83 2.85
N MET A 56 -10.93 -9.67 3.86
CA MET A 56 -9.83 -9.94 4.79
C MET A 56 -8.80 -10.91 4.22
N GLU A 57 -8.94 -11.22 2.93
CA GLU A 57 -8.02 -12.13 2.28
C GLU A 57 -7.52 -11.52 0.98
N SER A 58 -6.33 -11.92 0.56
CA SER A 58 -5.79 -11.48 -0.72
C SER A 58 -6.37 -12.35 -1.81
N HIS A 59 -6.29 -11.90 -3.05
CA HIS A 59 -6.93 -12.63 -4.13
C HIS A 59 -5.93 -13.46 -4.90
N PRO A 60 -6.22 -14.76 -5.04
CA PRO A 60 -5.49 -15.66 -5.91
C PRO A 60 -6.26 -15.96 -7.21
N ASN A 61 -7.46 -15.39 -7.32
CA ASN A 61 -8.34 -15.66 -8.43
C ASN A 61 -9.06 -14.37 -8.83
N GLY A 62 -9.01 -14.02 -10.11
CA GLY A 62 -9.55 -12.76 -10.57
C GLY A 62 -8.58 -11.62 -10.33
N THR A 63 -7.81 -11.77 -9.27
CA THR A 63 -6.74 -10.87 -8.93
C THR A 63 -5.63 -11.73 -8.33
N PHE A 64 -4.40 -11.25 -8.34
CA PHE A 64 -3.28 -12.04 -7.83
C PHE A 64 -2.58 -11.32 -6.69
N SER A 65 -3.29 -10.42 -6.02
CA SER A 65 -2.66 -9.54 -5.06
C SER A 65 -3.64 -9.01 -4.02
N ALA A 66 -3.08 -8.32 -3.04
CA ALA A 66 -3.84 -7.51 -2.10
C ALA A 66 -3.56 -6.05 -2.40
N LYS A 67 -4.54 -5.20 -2.18
CA LYS A 67 -4.41 -3.80 -2.48
C LYS A 67 -4.86 -2.96 -1.30
N GLY A 68 -4.13 -1.88 -1.06
CA GLY A 68 -4.47 -1.00 0.05
C GLY A 68 -4.37 0.46 -0.36
N VAL A 69 -5.43 1.20 -0.12
CA VAL A 69 -5.48 2.61 -0.52
C VAL A 69 -5.55 3.50 0.72
N ALA A 70 -4.66 4.47 0.79
CA ALA A 70 -4.61 5.42 1.90
C ALA A 70 -4.90 6.83 1.42
N SER A 71 -5.51 7.64 2.27
CA SER A 71 -5.81 9.02 1.93
C SER A 71 -4.77 9.96 2.56
N VAL A 72 -4.13 10.76 1.73
CA VAL A 72 -3.13 11.70 2.21
C VAL A 72 -3.55 13.13 1.87
N SER A 73 -2.88 14.09 2.48
CA SER A 73 -3.21 15.49 2.26
C SER A 73 -2.47 16.02 1.03
N VAL A 74 -3.03 17.04 0.41
CA VAL A 74 -2.48 17.61 -0.82
C VAL A 74 -1.08 18.18 -0.56
N GLU A 75 -0.93 18.82 0.60
CA GLU A 75 0.32 19.46 0.99
C GLU A 75 1.47 18.46 1.02
N ASP A 76 1.21 17.23 1.44
CA ASP A 76 2.24 16.20 1.51
C ASP A 76 2.76 15.90 0.12
N TRP A 77 1.85 15.75 -0.83
CA TRP A 77 2.21 15.43 -2.20
C TRP A 77 2.84 16.66 -2.86
N ASN A 78 2.34 17.84 -2.50
CA ASN A 78 2.88 19.09 -3.02
C ASN A 78 4.31 19.32 -2.54
N ASN A 79 4.63 18.81 -1.35
CA ASN A 79 5.97 18.95 -0.80
C ASN A 79 6.87 17.79 -1.21
N ARG A 80 6.36 16.94 -2.09
CA ARG A 80 7.10 15.77 -2.57
C ARG A 80 7.50 14.86 -1.41
N LYS A 81 6.62 14.76 -0.43
CA LYS A 81 6.88 13.96 0.76
C LYS A 81 6.92 12.48 0.45
N GLU A 82 7.48 11.71 1.37
CA GLU A 82 7.57 10.27 1.20
C GLU A 82 6.74 9.57 2.25
N PHE A 83 6.07 8.51 1.83
CA PHE A 83 5.27 7.70 2.73
C PHE A 83 5.78 6.27 2.72
N VAL A 84 5.49 5.54 3.78
CA VAL A 84 5.97 4.18 3.92
C VAL A 84 4.82 3.19 4.07
N CYS A 85 4.85 2.16 3.26
CA CYS A 85 3.90 1.08 3.38
C CYS A 85 4.58 -0.12 3.99
N THR A 86 4.01 -0.66 5.04
CA THR A 86 4.57 -1.83 5.69
C THR A 86 3.61 -2.99 5.58
N VAL A 87 4.06 -4.10 5.07
CA VAL A 87 3.20 -5.25 4.87
C VAL A 87 3.48 -6.33 5.91
N THR A 88 2.43 -6.74 6.61
CA THR A 88 2.54 -7.77 7.64
C THR A 88 1.63 -8.94 7.30
N HIS A 89 2.23 -10.03 6.82
CA HIS A 89 1.48 -11.18 6.39
C HIS A 89 1.44 -12.25 7.47
N ARG A 90 2.39 -12.18 8.40
CA ARG A 90 2.63 -13.24 9.39
C ARG A 90 3.32 -14.41 8.69
N ASP A 91 3.69 -14.17 7.44
CA ASP A 91 4.30 -15.20 6.60
C ASP A 91 5.82 -15.12 6.70
N LEU A 92 6.30 -13.90 6.80
CA LEU A 92 7.73 -13.64 6.94
C LEU A 92 8.01 -12.93 8.25
N PRO A 93 9.22 -13.12 8.80
CA PRO A 93 9.61 -12.60 10.12
C PRO A 93 9.82 -11.10 10.12
N SER A 94 10.27 -10.58 8.99
CA SER A 94 10.58 -9.17 8.88
C SER A 94 9.67 -8.51 7.85
N PRO A 95 8.77 -7.64 8.31
CA PRO A 95 7.83 -6.95 7.42
C PRO A 95 8.55 -6.06 6.42
N GLN A 96 8.03 -6.04 5.20
CA GLN A 96 8.62 -5.23 4.14
C GLN A 96 8.07 -3.81 4.18
N LYS A 97 8.96 -2.84 4.21
CA LYS A 97 8.56 -1.44 4.21
C LYS A 97 8.98 -0.77 2.91
N LYS A 98 8.02 -0.12 2.28
CA LYS A 98 8.22 0.49 0.97
C LYS A 98 7.93 1.98 1.00
N PHE A 99 8.62 2.73 0.16
CA PHE A 99 8.44 4.17 0.08
C PHE A 99 7.67 4.56 -1.18
N ILE A 100 6.87 5.62 -1.06
CA ILE A 100 6.18 6.15 -2.21
C ILE A 100 6.26 7.67 -2.22
N SER A 101 6.46 8.23 -3.41
CA SER A 101 6.52 9.67 -3.59
C SER A 101 6.24 10.02 -5.04
N LYS A 102 5.67 11.19 -5.28
CA LYS A 102 5.35 11.63 -6.63
C LYS A 102 6.63 11.87 -7.42
N MET A 1 5.25 -17.37 -5.95
CA MET A 1 5.04 -18.25 -4.77
C MET A 1 6.35 -18.42 -4.01
N GLY A 2 6.63 -17.51 -3.11
CA GLY A 2 7.85 -17.58 -2.33
C GLY A 2 8.26 -16.23 -1.79
N ASP A 3 8.99 -15.47 -2.58
CA ASP A 3 9.45 -14.14 -2.17
C ASP A 3 8.31 -13.14 -2.31
N ILE A 4 7.92 -12.56 -1.18
CA ILE A 4 6.83 -11.60 -1.15
C ILE A 4 7.24 -10.30 -1.83
N LEU A 5 6.50 -9.89 -2.84
CA LEU A 5 6.83 -8.69 -3.59
C LEU A 5 5.90 -7.56 -3.21
N THR A 6 6.47 -6.40 -2.92
CA THR A 6 5.70 -5.23 -2.52
C THR A 6 5.73 -4.18 -3.62
N PHE A 7 4.55 -3.77 -4.06
CA PHE A 7 4.44 -2.76 -5.10
C PHE A 7 3.68 -1.55 -4.59
N THR A 8 4.23 -0.38 -4.81
CA THR A 8 3.58 0.86 -4.45
C THR A 8 3.33 1.72 -5.68
N ILE A 9 2.11 2.22 -5.82
CA ILE A 9 1.76 3.02 -6.97
C ILE A 9 1.36 4.42 -6.53
N PRO A 10 2.03 5.44 -7.09
CA PRO A 10 1.70 6.84 -6.84
C PRO A 10 0.44 7.26 -7.60
N PRO A 11 -0.41 8.07 -6.98
CA PRO A 11 -1.65 8.55 -7.61
C PRO A 11 -1.36 9.45 -8.80
N SER A 12 -2.23 9.39 -9.77
CA SER A 12 -2.08 10.14 -11.01
C SER A 12 -2.73 11.51 -10.87
N PHE A 13 -2.12 12.49 -11.52
CA PHE A 13 -2.53 13.89 -11.42
C PHE A 13 -3.97 14.08 -11.86
N ALA A 14 -4.41 13.26 -12.80
CA ALA A 14 -5.78 13.31 -13.27
C ALA A 14 -6.74 12.81 -12.20
N ASP A 15 -6.35 11.74 -11.51
CA ASP A 15 -7.21 11.15 -10.50
C ASP A 15 -7.26 12.03 -9.25
N ILE A 16 -6.13 12.66 -8.95
CA ILE A 16 -6.05 13.60 -7.83
C ILE A 16 -6.96 14.80 -8.08
N PHE A 17 -7.12 15.16 -9.35
CA PHE A 17 -8.00 16.26 -9.74
C PHE A 17 -9.44 15.94 -9.36
N LEU A 18 -9.85 14.71 -9.65
CA LEU A 18 -11.20 14.26 -9.33
C LEU A 18 -11.39 14.02 -7.85
N SER A 19 -10.45 13.31 -7.25
CA SER A 19 -10.53 12.95 -5.84
C SER A 19 -10.32 14.17 -4.92
N LYS A 20 -9.64 15.19 -5.45
CA LYS A 20 -9.31 16.42 -4.71
C LYS A 20 -8.24 16.14 -3.63
N SER A 21 -7.90 14.88 -3.47
CA SER A 21 -6.89 14.47 -2.51
C SER A 21 -6.00 13.41 -3.14
N ALA A 22 -4.84 13.20 -2.56
CA ALA A 22 -3.94 12.17 -3.04
C ALA A 22 -4.20 10.88 -2.28
N ASN A 23 -4.24 9.76 -3.00
CA ASN A 23 -4.52 8.48 -2.40
C ASN A 23 -3.43 7.49 -2.74
N LEU A 24 -2.92 6.82 -1.71
CA LEU A 24 -1.82 5.90 -1.88
C LEU A 24 -2.33 4.53 -2.28
N THR A 25 -1.77 3.99 -3.34
CA THR A 25 -2.17 2.69 -3.83
C THR A 25 -1.09 1.65 -3.57
N CYS A 26 -1.41 0.70 -2.72
CA CYS A 26 -0.47 -0.36 -2.36
C CYS A 26 -0.96 -1.69 -2.88
N LEU A 27 -0.06 -2.45 -3.47
CA LEU A 27 -0.39 -3.79 -3.93
C LEU A 27 0.72 -4.76 -3.56
N VAL A 28 0.35 -5.85 -2.93
CA VAL A 28 1.31 -6.84 -2.49
C VAL A 28 0.97 -8.19 -3.08
N SER A 29 1.96 -8.87 -3.64
CA SER A 29 1.70 -10.10 -4.34
C SER A 29 2.80 -11.12 -4.12
N ASN A 30 2.54 -12.33 -4.61
CA ASN A 30 3.54 -13.39 -4.69
C ASN A 30 3.99 -13.80 -3.31
N LEU A 31 3.00 -14.03 -2.46
CA LEU A 31 3.23 -14.45 -1.11
C LEU A 31 3.69 -15.90 -1.11
N ALA A 32 4.38 -16.33 -0.06
CA ALA A 32 4.87 -17.70 0.00
C ALA A 32 3.70 -18.68 0.05
N THR A 33 2.75 -18.43 0.93
CA THR A 33 1.59 -19.29 1.07
C THR A 33 0.44 -18.52 1.75
N TYR A 34 -0.78 -18.93 1.41
CA TYR A 34 -1.99 -18.38 2.01
C TYR A 34 -2.18 -16.91 1.65
N GLU A 35 -2.90 -16.66 0.56
CA GLU A 35 -3.16 -15.30 0.09
C GLU A 35 -4.22 -14.62 0.95
N THR A 36 -3.93 -14.52 2.23
CA THR A 36 -4.76 -13.72 3.13
C THR A 36 -4.18 -12.33 3.22
N LEU A 37 -3.00 -12.24 3.83
CA LEU A 37 -2.19 -11.03 3.83
C LEU A 37 -2.89 -9.86 4.55
N ASN A 38 -2.14 -8.78 4.74
CA ASN A 38 -2.67 -7.56 5.34
C ASN A 38 -2.02 -6.36 4.66
N ILE A 39 -2.72 -5.24 4.62
CA ILE A 39 -2.16 -4.03 4.03
C ILE A 39 -2.17 -2.92 5.08
N SER A 40 -1.07 -2.19 5.16
CA SER A 40 -0.96 -1.12 6.15
C SER A 40 -0.15 0.05 5.58
N TRP A 41 -0.70 1.25 5.68
CA TRP A 41 -0.01 2.46 5.27
C TRP A 41 0.38 3.28 6.48
N ALA A 42 1.48 4.01 6.35
CA ALA A 42 1.95 4.90 7.39
C ALA A 42 2.76 6.03 6.77
N SER A 43 2.98 7.08 7.52
CA SER A 43 3.79 8.18 7.06
C SER A 43 5.26 7.88 7.33
N GLN A 44 6.17 8.66 6.75
CA GLN A 44 7.61 8.47 6.93
C GLN A 44 7.97 8.50 8.41
N SER A 45 7.20 9.25 9.19
CA SER A 45 7.43 9.38 10.62
C SER A 45 7.01 8.12 11.37
N GLY A 46 6.44 7.16 10.65
CA GLY A 46 6.01 5.91 11.26
C GLY A 46 4.62 6.01 11.84
N GLU A 47 3.87 6.99 11.36
CA GLU A 47 2.53 7.24 11.86
C GLU A 47 1.51 6.63 10.92
N PRO A 48 0.63 5.74 11.44
CA PRO A 48 -0.32 4.97 10.64
C PRO A 48 -1.27 5.86 9.84
N LEU A 49 -1.50 5.46 8.60
CA LEU A 49 -2.37 6.17 7.69
C LEU A 49 -3.67 5.42 7.49
N GLU A 50 -4.75 6.17 7.27
CA GLU A 50 -6.05 5.57 7.05
C GLU A 50 -6.06 4.72 5.81
N THR A 51 -6.07 3.41 6.02
CA THR A 51 -6.04 2.46 4.92
C THR A 51 -7.31 1.63 4.91
N LYS A 52 -8.12 1.79 3.88
CA LYS A 52 -9.38 1.08 3.81
C LYS A 52 -9.31 -0.07 2.82
N ILE A 53 -9.56 -1.28 3.31
CA ILE A 53 -9.55 -2.48 2.48
C ILE A 53 -10.77 -3.33 2.81
N LYS A 54 -11.55 -3.70 1.80
CA LYS A 54 -12.62 -4.65 2.01
C LYS A 54 -12.15 -6.04 1.59
N VAL A 55 -12.65 -7.05 2.29
CA VAL A 55 -12.15 -8.43 2.19
C VAL A 55 -10.81 -8.54 2.92
N MET A 56 -10.77 -9.43 3.92
CA MET A 56 -9.59 -9.59 4.76
C MET A 56 -8.58 -10.53 4.13
N GLU A 57 -8.84 -10.89 2.89
CA GLU A 57 -8.00 -11.81 2.14
C GLU A 57 -7.60 -11.19 0.81
N SER A 58 -6.50 -11.66 0.25
CA SER A 58 -6.00 -11.12 -0.99
C SER A 58 -6.84 -11.66 -2.16
N HIS A 59 -6.87 -10.92 -3.24
CA HIS A 59 -7.78 -11.24 -4.33
C HIS A 59 -7.09 -12.11 -5.36
N PRO A 60 -7.71 -13.23 -5.73
CA PRO A 60 -7.18 -14.14 -6.73
C PRO A 60 -7.79 -13.91 -8.11
N ASN A 61 -8.15 -12.67 -8.39
CA ASN A 61 -8.77 -12.32 -9.67
C ASN A 61 -7.76 -11.61 -10.57
N GLY A 62 -7.31 -12.32 -11.59
CA GLY A 62 -6.32 -11.76 -12.50
C GLY A 62 -4.92 -11.93 -11.95
N THR A 63 -4.74 -11.55 -10.69
CA THR A 63 -3.48 -11.71 -10.01
C THR A 63 -3.78 -12.21 -8.59
N PHE A 64 -2.76 -12.62 -7.87
CA PHE A 64 -2.90 -13.20 -6.53
C PHE A 64 -2.62 -12.17 -5.44
N SER A 65 -2.90 -10.91 -5.73
CA SER A 65 -2.38 -9.81 -4.92
C SER A 65 -3.47 -9.14 -4.06
N ALA A 66 -3.02 -8.38 -3.07
CA ALA A 66 -3.90 -7.60 -2.21
C ALA A 66 -3.72 -6.12 -2.51
N LYS A 67 -4.71 -5.33 -2.17
CA LYS A 67 -4.68 -3.90 -2.48
C LYS A 67 -5.10 -3.09 -1.26
N GLY A 68 -4.42 -1.97 -1.04
CA GLY A 68 -4.78 -1.08 0.04
C GLY A 68 -4.69 0.37 -0.38
N VAL A 69 -5.66 1.16 0.04
CA VAL A 69 -5.72 2.56 -0.35
C VAL A 69 -5.74 3.47 0.87
N ALA A 70 -4.84 4.45 0.87
CA ALA A 70 -4.75 5.42 1.96
C ALA A 70 -5.08 6.82 1.44
N SER A 71 -5.62 7.66 2.32
CA SER A 71 -5.93 9.03 1.97
C SER A 71 -4.88 9.98 2.54
N VAL A 72 -4.20 10.71 1.65
CA VAL A 72 -3.13 11.59 2.07
C VAL A 72 -3.36 13.01 1.54
N SER A 73 -2.60 13.96 2.08
CA SER A 73 -2.74 15.34 1.68
C SER A 73 -1.90 15.63 0.45
N VAL A 74 -2.48 16.39 -0.48
CA VAL A 74 -1.84 16.69 -1.76
C VAL A 74 -0.60 17.54 -1.55
N GLU A 75 -0.58 18.26 -0.44
CA GLU A 75 0.56 19.07 -0.05
C GLU A 75 1.76 18.20 0.29
N ASP A 76 1.50 17.03 0.87
CA ASP A 76 2.56 16.08 1.18
C ASP A 76 3.18 15.58 -0.11
N TRP A 77 2.31 15.32 -1.07
CA TRP A 77 2.74 14.88 -2.39
C TRP A 77 3.51 16.00 -3.09
N ASN A 78 3.01 17.22 -2.93
CA ASN A 78 3.61 18.39 -3.54
C ASN A 78 4.97 18.72 -2.95
N ASN A 79 5.17 18.38 -1.67
CA ASN A 79 6.43 18.67 -1.00
C ASN A 79 7.40 17.50 -1.12
N ARG A 80 7.03 16.52 -1.95
CA ARG A 80 7.84 15.32 -2.15
C ARG A 80 8.06 14.55 -0.84
N LYS A 81 7.03 14.53 -0.01
CA LYS A 81 7.09 13.77 1.23
C LYS A 81 7.14 12.28 0.93
N GLU A 82 7.57 11.52 1.92
CA GLU A 82 7.66 10.08 1.76
C GLU A 82 6.65 9.39 2.66
N PHE A 83 6.04 8.34 2.14
CA PHE A 83 5.11 7.54 2.91
C PHE A 83 5.61 6.11 2.94
N VAL A 84 5.29 5.41 4.03
CA VAL A 84 5.82 4.07 4.25
C VAL A 84 4.70 3.07 4.43
N CYS A 85 4.66 2.07 3.57
CA CYS A 85 3.69 1.00 3.73
C CYS A 85 4.41 -0.24 4.23
N THR A 86 3.82 -0.90 5.21
CA THR A 86 4.44 -2.06 5.81
C THR A 86 3.52 -3.27 5.68
N VAL A 87 4.08 -4.38 5.25
CA VAL A 87 3.29 -5.59 5.07
C VAL A 87 3.63 -6.63 6.13
N THR A 88 2.61 -7.12 6.82
CA THR A 88 2.80 -8.08 7.89
C THR A 88 2.11 -9.40 7.57
N HIS A 89 2.84 -10.28 6.90
CA HIS A 89 2.33 -11.60 6.52
C HIS A 89 2.83 -12.65 7.50
N ARG A 90 3.72 -12.23 8.41
CA ARG A 90 4.41 -13.11 9.39
C ARG A 90 5.06 -14.30 8.71
N ASP A 91 5.35 -14.12 7.46
CA ASP A 91 5.97 -15.15 6.66
C ASP A 91 7.48 -14.96 6.66
N LEU A 92 7.89 -13.72 6.82
CA LEU A 92 9.29 -13.35 6.86
C LEU A 92 9.65 -12.73 8.21
N PRO A 93 10.93 -12.79 8.59
CA PRO A 93 11.40 -12.33 9.90
C PRO A 93 11.30 -10.82 10.09
N SER A 94 11.26 -10.10 8.99
CA SER A 94 11.14 -8.65 9.02
C SER A 94 10.10 -8.17 8.01
N PRO A 95 9.10 -7.40 8.48
CA PRO A 95 8.07 -6.84 7.60
C PRO A 95 8.68 -5.89 6.56
N GLN A 96 8.16 -5.93 5.35
CA GLN A 96 8.67 -5.10 4.29
C GLN A 96 8.13 -3.68 4.38
N LYS A 97 9.05 -2.73 4.39
CA LYS A 97 8.69 -1.33 4.42
C LYS A 97 8.97 -0.70 3.06
N LYS A 98 7.98 -0.06 2.49
CA LYS A 98 8.12 0.54 1.17
C LYS A 98 8.01 2.04 1.24
N PHE A 99 8.92 2.73 0.57
CA PHE A 99 8.92 4.18 0.54
C PHE A 99 8.35 4.65 -0.79
N ILE A 100 7.30 5.46 -0.71
CA ILE A 100 6.67 6.00 -1.90
C ILE A 100 6.69 7.54 -1.85
N SER A 101 6.94 8.16 -3.00
CA SER A 101 6.99 9.61 -3.09
C SER A 101 6.76 10.05 -4.52
N LYS A 102 6.18 11.24 -4.68
CA LYS A 102 5.91 11.80 -6.00
C LYS A 102 7.19 12.19 -6.70
N MET A 1 11.16 -19.16 -3.70
CA MET A 1 9.88 -19.84 -3.38
C MET A 1 8.93 -18.86 -2.71
N GLY A 2 9.23 -18.48 -1.49
CA GLY A 2 8.36 -17.61 -0.74
C GLY A 2 8.78 -16.16 -0.84
N ASP A 3 9.04 -15.72 -2.06
CA ASP A 3 9.58 -14.40 -2.31
C ASP A 3 8.47 -13.38 -2.43
N ILE A 4 7.90 -13.03 -1.29
CA ILE A 4 6.86 -12.02 -1.23
C ILE A 4 7.38 -10.69 -1.75
N LEU A 5 6.73 -10.18 -2.78
CA LEU A 5 7.17 -8.96 -3.43
C LEU A 5 6.24 -7.80 -3.10
N THR A 6 6.84 -6.64 -2.86
CA THR A 6 6.08 -5.45 -2.53
C THR A 6 6.23 -4.37 -3.61
N PHE A 7 5.12 -3.97 -4.20
CA PHE A 7 5.11 -2.93 -5.22
C PHE A 7 4.26 -1.76 -4.78
N THR A 8 4.80 -0.56 -4.91
CA THR A 8 4.06 0.65 -4.61
C THR A 8 3.86 1.48 -5.86
N ILE A 9 2.65 1.94 -6.10
CA ILE A 9 2.34 2.71 -7.29
C ILE A 9 1.86 4.10 -6.92
N PRO A 10 2.51 5.13 -7.48
CA PRO A 10 2.10 6.52 -7.28
C PRO A 10 0.79 6.83 -8.00
N PRO A 11 -0.10 7.60 -7.37
CA PRO A 11 -1.39 7.97 -7.94
C PRO A 11 -1.25 8.91 -9.13
N SER A 12 -2.25 8.88 -9.99
CA SER A 12 -2.24 9.69 -11.20
C SER A 12 -2.77 11.09 -10.91
N PHE A 13 -1.97 12.09 -11.27
CA PHE A 13 -2.27 13.49 -10.95
C PHE A 13 -3.58 13.94 -11.59
N ALA A 14 -3.91 13.36 -12.74
CA ALA A 14 -5.17 13.67 -13.41
C ALA A 14 -6.36 13.26 -12.54
N ASP A 15 -6.22 12.11 -11.89
CA ASP A 15 -7.24 11.60 -10.98
C ASP A 15 -7.24 12.39 -9.67
N ILE A 16 -6.04 12.66 -9.16
CA ILE A 16 -5.88 13.44 -7.93
C ILE A 16 -6.51 14.82 -8.10
N PHE A 17 -6.47 15.33 -9.32
CA PHE A 17 -7.06 16.62 -9.64
C PHE A 17 -8.57 16.59 -9.43
N LEU A 18 -9.17 15.46 -9.79
CA LEU A 18 -10.62 15.32 -9.78
C LEU A 18 -11.16 15.24 -8.36
N SER A 19 -10.56 14.39 -7.54
CA SER A 19 -11.04 14.18 -6.18
C SER A 19 -10.43 15.20 -5.22
N LYS A 20 -9.34 15.82 -5.66
CA LYS A 20 -8.55 16.76 -4.85
C LYS A 20 -7.83 16.00 -3.74
N SER A 21 -7.76 14.69 -3.88
CA SER A 21 -7.16 13.84 -2.87
C SER A 21 -6.25 12.81 -3.52
N ALA A 22 -5.02 12.74 -3.02
CA ALA A 22 -4.08 11.74 -3.50
C ALA A 22 -4.28 10.44 -2.72
N ASN A 23 -4.26 9.33 -3.43
CA ASN A 23 -4.45 8.03 -2.81
C ASN A 23 -3.27 7.12 -3.10
N LEU A 24 -2.70 6.59 -2.04
CA LEU A 24 -1.53 5.74 -2.15
C LEU A 24 -1.96 4.32 -2.46
N THR A 25 -1.33 3.72 -3.46
CA THR A 25 -1.68 2.37 -3.88
C THR A 25 -0.49 1.43 -3.73
N CYS A 26 -0.70 0.40 -2.93
CA CYS A 26 0.32 -0.61 -2.70
C CYS A 26 -0.24 -2.00 -2.99
N LEU A 27 0.56 -2.82 -3.65
CA LEU A 27 0.16 -4.18 -3.93
C LEU A 27 1.31 -5.13 -3.59
N VAL A 28 0.97 -6.20 -2.87
CA VAL A 28 1.98 -7.16 -2.45
C VAL A 28 1.72 -8.51 -3.11
N SER A 29 2.68 -8.96 -3.91
CA SER A 29 2.48 -10.10 -4.79
C SER A 29 3.47 -11.23 -4.48
N ASN A 30 3.34 -12.33 -5.23
CA ASN A 30 4.25 -13.47 -5.12
C ASN A 30 4.24 -14.06 -3.72
N LEU A 31 3.07 -14.02 -3.10
CA LEU A 31 2.90 -14.62 -1.79
C LEU A 31 2.95 -16.14 -1.93
N ALA A 32 3.86 -16.79 -1.20
CA ALA A 32 4.01 -18.24 -1.27
C ALA A 32 2.72 -18.94 -0.85
N THR A 33 2.20 -18.53 0.31
CA THR A 33 0.89 -18.96 0.74
C THR A 33 0.07 -17.72 1.07
N TYR A 34 -1.17 -17.67 0.61
CA TYR A 34 -2.00 -16.50 0.83
C TYR A 34 -3.29 -16.86 1.55
N GLU A 35 -3.70 -15.95 2.43
CA GLU A 35 -4.94 -16.09 3.17
C GLU A 35 -5.42 -14.70 3.59
N THR A 36 -4.91 -14.24 4.71
CA THR A 36 -5.26 -12.93 5.24
C THR A 36 -4.08 -11.98 5.11
N LEU A 37 -4.00 -11.29 3.98
CA LEU A 37 -2.98 -10.29 3.80
C LEU A 37 -3.52 -8.92 4.16
N ASN A 38 -2.65 -8.08 4.68
CA ASN A 38 -3.02 -6.76 5.12
C ASN A 38 -2.04 -5.74 4.59
N ILE A 39 -2.53 -4.56 4.29
CA ILE A 39 -1.68 -3.50 3.78
C ILE A 39 -1.76 -2.32 4.74
N SER A 40 -0.62 -1.75 5.07
CA SER A 40 -0.60 -0.61 5.98
C SER A 40 0.21 0.54 5.40
N TRP A 41 -0.35 1.74 5.47
CA TRP A 41 0.37 2.93 5.06
C TRP A 41 0.68 3.81 6.26
N ALA A 42 1.81 4.48 6.20
CA ALA A 42 2.23 5.37 7.26
C ALA A 42 3.13 6.46 6.71
N SER A 43 3.32 7.50 7.48
CA SER A 43 4.27 8.54 7.12
C SER A 43 5.69 8.01 7.33
N GLN A 44 6.68 8.71 6.81
CA GLN A 44 8.07 8.25 6.93
C GLN A 44 8.48 8.11 8.39
N SER A 45 7.90 8.95 9.25
CA SER A 45 8.18 8.92 10.68
C SER A 45 7.49 7.73 11.36
N GLY A 46 6.65 7.02 10.61
CA GLY A 46 5.91 5.91 11.17
C GLY A 46 4.54 6.33 11.69
N GLU A 47 4.06 7.47 11.22
CA GLU A 47 2.75 7.98 11.62
C GLU A 47 1.67 7.29 10.79
N PRO A 48 0.72 6.62 11.45
CA PRO A 48 -0.27 5.78 10.76
C PRO A 48 -1.17 6.57 9.80
N LEU A 49 -1.37 6.01 8.62
CA LEU A 49 -2.25 6.59 7.62
C LEU A 49 -3.54 5.82 7.53
N GLU A 50 -4.61 6.53 7.21
CA GLU A 50 -5.92 5.91 7.08
C GLU A 50 -5.95 4.98 5.87
N THR A 51 -5.95 3.70 6.16
CA THR A 51 -5.95 2.65 5.16
C THR A 51 -6.78 1.49 5.66
N LYS A 52 -7.89 1.22 5.00
CA LYS A 52 -8.82 0.21 5.50
C LYS A 52 -8.92 -0.96 4.53
N ILE A 53 -8.57 -2.14 5.01
CA ILE A 53 -8.72 -3.37 4.26
C ILE A 53 -9.31 -4.44 5.17
N LYS A 54 -10.47 -4.97 4.82
CA LYS A 54 -11.06 -6.04 5.59
C LYS A 54 -11.43 -7.20 4.68
N VAL A 55 -10.63 -8.26 4.74
CA VAL A 55 -10.82 -9.43 3.90
C VAL A 55 -10.17 -10.65 4.54
N MET A 56 -10.76 -11.82 4.32
CA MET A 56 -10.14 -13.07 4.74
C MET A 56 -9.61 -13.79 3.50
N GLU A 57 -9.66 -13.09 2.39
CA GLU A 57 -9.21 -13.61 1.10
C GLU A 57 -8.31 -12.58 0.43
N SER A 58 -7.38 -13.06 -0.39
CA SER A 58 -6.53 -12.18 -1.17
C SER A 58 -7.30 -11.74 -2.42
N HIS A 59 -6.81 -10.70 -3.10
CA HIS A 59 -7.55 -10.12 -4.21
C HIS A 59 -7.18 -10.77 -5.52
N PRO A 60 -8.18 -11.11 -6.33
CA PRO A 60 -8.00 -11.71 -7.64
C PRO A 60 -7.97 -10.68 -8.77
N ASN A 61 -8.50 -11.07 -9.93
CA ASN A 61 -8.60 -10.19 -11.11
C ASN A 61 -7.22 -9.95 -11.71
N GLY A 62 -6.50 -11.03 -11.96
CA GLY A 62 -5.23 -10.93 -12.65
C GLY A 62 -4.05 -11.06 -11.72
N THR A 63 -4.34 -11.24 -10.44
CA THR A 63 -3.29 -11.33 -9.43
C THR A 63 -3.78 -12.14 -8.24
N PHE A 64 -2.86 -12.45 -7.34
CA PHE A 64 -3.15 -13.19 -6.12
C PHE A 64 -2.79 -12.32 -4.92
N SER A 65 -2.79 -11.02 -5.16
CA SER A 65 -2.18 -10.07 -4.25
C SER A 65 -3.23 -9.20 -3.56
N ALA A 66 -2.79 -8.40 -2.59
CA ALA A 66 -3.67 -7.49 -1.89
C ALA A 66 -3.35 -6.06 -2.29
N LYS A 67 -4.29 -5.17 -2.05
CA LYS A 67 -4.10 -3.77 -2.38
C LYS A 67 -4.47 -2.91 -1.17
N GLY A 68 -3.68 -1.89 -0.94
CA GLY A 68 -3.93 -0.99 0.17
C GLY A 68 -4.00 0.44 -0.27
N VAL A 69 -5.14 1.07 -0.06
CA VAL A 69 -5.35 2.45 -0.49
C VAL A 69 -5.37 3.38 0.71
N ALA A 70 -4.51 4.39 0.68
CA ALA A 70 -4.46 5.40 1.71
C ALA A 70 -4.82 6.76 1.13
N SER A 71 -5.62 7.51 1.84
CA SER A 71 -6.04 8.81 1.35
C SER A 71 -5.21 9.90 2.00
N VAL A 72 -4.45 10.61 1.18
CA VAL A 72 -3.55 11.64 1.65
C VAL A 72 -3.92 12.96 1.02
N SER A 73 -3.38 14.03 1.55
CA SER A 73 -3.61 15.35 0.99
C SER A 73 -2.81 15.50 -0.28
N VAL A 74 -3.44 16.01 -1.33
CA VAL A 74 -2.73 16.32 -2.58
C VAL A 74 -1.56 17.22 -2.26
N GLU A 75 -1.75 18.05 -1.26
CA GLU A 75 -0.73 18.97 -0.77
C GLU A 75 0.54 18.21 -0.35
N ASP A 76 0.38 17.08 0.31
CA ASP A 76 1.52 16.31 0.79
C ASP A 76 2.29 15.76 -0.39
N TRP A 77 1.54 15.24 -1.34
CA TRP A 77 2.09 14.73 -2.58
C TRP A 77 2.73 15.87 -3.36
N ASN A 78 2.04 16.98 -3.36
CA ASN A 78 2.41 18.17 -4.11
C ASN A 78 3.60 18.87 -3.45
N ASN A 79 3.93 18.46 -2.23
CA ASN A 79 5.05 19.03 -1.49
C ASN A 79 6.22 18.04 -1.43
N ARG A 80 6.15 16.99 -2.24
CA ARG A 80 7.23 16.00 -2.35
C ARG A 80 7.42 15.23 -1.05
N LYS A 81 6.32 14.91 -0.38
CA LYS A 81 6.38 14.14 0.85
C LYS A 81 6.62 12.66 0.57
N GLU A 82 7.24 11.99 1.53
CA GLU A 82 7.47 10.56 1.42
C GLU A 82 6.59 9.81 2.39
N PHE A 83 6.04 8.70 1.92
CA PHE A 83 5.23 7.85 2.76
C PHE A 83 5.77 6.42 2.75
N VAL A 84 5.54 5.71 3.83
CA VAL A 84 6.05 4.35 3.97
C VAL A 84 4.91 3.36 4.07
N CYS A 85 4.97 2.32 3.26
CA CYS A 85 3.98 1.27 3.32
C CYS A 85 4.57 0.05 3.97
N THR A 86 3.86 -0.52 4.92
CA THR A 86 4.31 -1.70 5.62
C THR A 86 3.24 -2.78 5.54
N VAL A 87 3.65 -4.00 5.30
CA VAL A 87 2.71 -5.08 5.06
C VAL A 87 2.98 -6.29 5.93
N THR A 88 1.92 -6.81 6.54
CA THR A 88 2.01 -7.93 7.45
C THR A 88 1.30 -9.15 6.87
N HIS A 89 2.07 -10.07 6.31
CA HIS A 89 1.49 -11.25 5.68
C HIS A 89 1.56 -12.47 6.60
N ARG A 90 2.33 -12.35 7.69
CA ARG A 90 2.53 -13.45 8.65
C ARG A 90 3.48 -14.51 8.08
N ASP A 91 3.56 -14.57 6.75
CA ASP A 91 4.39 -15.57 6.08
C ASP A 91 5.86 -15.24 6.24
N LEU A 92 6.17 -13.95 6.33
CA LEU A 92 7.53 -13.50 6.56
C LEU A 92 7.68 -12.92 7.97
N PRO A 93 8.91 -13.00 8.51
CA PRO A 93 9.20 -12.57 9.89
C PRO A 93 9.34 -11.06 10.02
N SER A 94 9.63 -10.39 8.91
CA SER A 94 9.80 -8.96 8.91
C SER A 94 8.89 -8.31 7.86
N PRO A 95 7.91 -7.50 8.31
CA PRO A 95 7.01 -6.78 7.42
C PRO A 95 7.79 -5.86 6.47
N GLN A 96 7.34 -5.76 5.23
CA GLN A 96 8.11 -5.04 4.23
C GLN A 96 7.67 -3.58 4.19
N LYS A 97 8.65 -2.69 4.28
CA LYS A 97 8.38 -1.27 4.23
C LYS A 97 8.92 -0.65 2.96
N LYS A 98 8.07 0.10 2.27
CA LYS A 98 8.42 0.71 1.00
C LYS A 98 8.28 2.23 1.07
N PHE A 99 9.04 2.94 0.26
CA PHE A 99 9.01 4.39 0.24
C PHE A 99 8.40 4.90 -1.06
N ILE A 100 7.44 5.80 -0.95
CA ILE A 100 6.82 6.39 -2.13
C ILE A 100 6.89 7.91 -2.07
N SER A 101 7.06 8.55 -3.22
CA SER A 101 7.25 9.99 -3.29
C SER A 101 6.86 10.51 -4.68
N LYS A 102 6.41 11.75 -4.73
CA LYS A 102 6.02 12.38 -5.99
C LYS A 102 7.08 13.40 -6.41
#